data_5ZXH
#
_entry.id   5ZXH
#
_cell.length_a   104.910
_cell.length_b   157.060
_cell.length_c   182.838
_cell.angle_alpha   90.00
_cell.angle_beta   90.00
_cell.angle_gamma   90.00
#
_symmetry.space_group_name_H-M   'P 21 21 21'
#
loop_
_entity.id
_entity.type
_entity.pdbx_description
1 polymer 'Tubulin alpha-1B chain'
2 polymer 'Tubulin beta-2B chain'
3 polymer Stathmin-4
4 polymer 'Tubulin tyrosine ligase'
5 non-polymer "GUANOSINE-5'-TRIPHOSPHATE"
6 non-polymer 'MAGNESIUM ION'
7 non-polymer 'CALCIUM ION'
8 non-polymer "GUANOSINE-5'-DIPHOSPHATE"
9 non-polymer '2-(N-MORPHOLINO)-ETHANESULFONIC ACID'
10 non-polymer 2-(6-fluoro-3-{[(4-methoxyphenyl)methyl]amino}imidazo[1,2-a]pyridin-2-yl)phenol
11 non-polymer 'PHOSPHOMETHYLPHOSPHONIC ACID ADENYLATE ESTER'
12 water water
#
loop_
_entity_poly.entity_id
_entity_poly.type
_entity_poly.pdbx_seq_one_letter_code
_entity_poly.pdbx_strand_id
1 'polypeptide(L)'
;MRECISIHVGQAGVQIGNACWELYCLEHGIQPDGQMPSDKTIGGGDDSFNTFFSETGAGKHVPRAVFVDLEPTVIDEVRT
GTYRQLFHPEQLITGKEDAANNYARGHYTIGKEIIDLVLDRIRKLADQCTGLQGFLVFHSFGGGTGSGFTSLLMERLSVD
YGKKSKLEFSIYPAPQVSTAVVEPYNSILTTHTTLEHSDCAFMVDNEAIYDICRRNLDIERPTYTNLNRLISQIVSSITA
SLRFDGALNVDLTEFQTNLVPYPRIHFPLATYAPVISAEKAYHEQLSVAEITNACFEPANQMVKCDPRHGKYMACCLLYR
GDVVPKDVNAAIATIKTKRSIQFVDWCPTGFKVGINYQPPTVVPGGDLAKVQRAVCMLSNTTAIAEAWARLDHKFDLMYA
KRAFVHWYVGEGMEEGEFSEAREDMAALEKDYEEVGVDSVEGEGEEEGEE
;
A,C
2 'polypeptide(L)'
;MREIVHIQAGQCGNQIGAKFWEVISDEHGIDPTGSYHGDSDLQLERINVYYNEATGNKYVPRAILVDLEPGTMDSVRSGP
FGQIFRPDNFVFGQSGAGNNWAKGHYTEGAELVDSVLDVVRKESESCDCLQGFQLTHSLGGGTGSGMGTLLISKIREEYP
DRIMNTFSVVPSPKVSDTVVEPYNATLSVHQLVENTDETYCIDNEALYDICFRTLKLTTPTYGDLNHLVSATMSGVTTCL
RFPGQLNADLRKLAVNMVPFPRLHFFMPGFAPLTSRGSQQYRALTVPELTQQMFDSKNMMAACDPRHGRYLTVAAVFRGR
MSMKEVDEQMLNVQNKNSSYFVEWIPNNVKTAVCDIPPRGLKMSATFIGNSTAIQELFKRISEQFTAMFRRKAFLHWYTG
EGMDEMEFTEAESNMNDLVSEYQQYQDATADEQGEFEEEEGEDEA
;
B,D
3 'polypeptide(L)'
;MADMEVIELNKCTSGQSFEVILKPPSFDGVPEFNASLPRRRDPSLEEIQKKLEAAEERRKYQEAELLKHLAEKREHEREV
IQKAIEENNNFIKMAKEKLAQKMESNKENREAHLAAMLERLQEKDKHAEEVRKNKELKEEASR
;
E
4 'polypeptide(L)'
;MYTFVVRDENSSVYAEVSRLLLATGQWKRLRKDNPRFNLMLGERNRLPFGRLGHEPGLVQLVNYYRGADKLCRKASLVKL
IKTSPELSESCTWFPESYVIYPTNLKTPVAPAQNGIRHLINNTRTDEREVFLAAYNRRREGREGNVWIAKSSAGAKGEGI
LISSEASELLDFIDEQGQVHVIQKYLEKPLLLEPGHRKFDIRSWVLVDHLYNIYLYREGVLRTSSEPYNSANFQDKTCHL
TNHCIQKEYSKNYGRYEEGNEMFFEEFNQYLMDALNTTLENSILLQIKHIIRSCLMCIEPAISTKHLHYQSFQLFGFDFM
VDEELKVWLIEVNGAPACAQKLYAELCQGIVDVAISSVFPLADTGQKTSQPTSIFIKLHHHHHH
;
F
#
# COMPACT_ATOMS: atom_id res chain seq x y z
N MET A 1 46.64 2.81 -57.83
CA MET A 1 46.42 2.55 -56.37
C MET A 1 45.12 1.77 -56.08
N ARG A 2 45.07 1.22 -54.87
CA ARG A 2 43.92 0.46 -54.41
C ARG A 2 43.20 1.20 -53.24
N GLU A 3 41.89 1.36 -53.39
CA GLU A 3 41.05 2.19 -52.51
C GLU A 3 40.63 1.45 -51.24
N CYS A 4 40.43 2.21 -50.17
CA CYS A 4 40.02 1.70 -48.84
C CYS A 4 38.74 2.37 -48.38
N ILE A 5 37.82 1.58 -47.85
CA ILE A 5 36.56 2.13 -47.33
C ILE A 5 36.57 2.07 -45.80
N SER A 6 36.46 3.26 -45.19
CA SER A 6 36.38 3.36 -43.74
C SER A 6 34.91 3.28 -43.31
N ILE A 7 34.60 2.38 -42.36
CA ILE A 7 33.22 2.26 -41.83
C ILE A 7 33.15 2.56 -40.34
N HIS A 8 32.33 3.54 -39.99
CA HIS A 8 32.19 4.03 -38.62
C HIS A 8 30.84 3.68 -37.98
N VAL A 9 30.84 2.82 -36.97
CA VAL A 9 29.61 2.30 -36.41
C VAL A 9 29.48 2.70 -34.96
N GLY A 10 28.30 3.18 -34.58
CA GLY A 10 28.02 3.58 -33.21
C GLY A 10 28.62 4.93 -32.88
N GLN A 11 28.26 5.47 -31.72
CA GLN A 11 28.78 6.75 -31.25
C GLN A 11 30.31 6.78 -31.30
N ALA A 12 30.94 5.83 -30.63
CA ALA A 12 32.39 5.76 -30.55
C ALA A 12 33.05 5.74 -31.92
N GLY A 13 32.55 4.88 -32.81
CA GLY A 13 33.08 4.78 -34.17
C GLY A 13 32.95 6.07 -34.95
N VAL A 14 31.76 6.68 -34.87
CA VAL A 14 31.43 7.94 -35.57
C VAL A 14 32.24 9.14 -35.07
N GLN A 15 32.28 9.35 -33.76
CA GLN A 15 33.05 10.48 -33.21
C GLN A 15 34.55 10.33 -33.46
N ILE A 16 35.03 9.09 -33.46
CA ILE A 16 36.43 8.81 -33.75
C ILE A 16 36.74 8.98 -35.25
N GLY A 17 35.83 8.61 -36.13
CA GLY A 17 35.92 8.93 -37.55
C GLY A 17 35.97 10.43 -37.81
N ASN A 18 35.09 11.19 -37.18
CA ASN A 18 35.15 12.63 -37.24
C ASN A 18 36.53 13.13 -36.94
N ALA A 19 37.08 12.66 -35.84
CA ALA A 19 38.39 13.10 -35.40
C ALA A 19 39.49 12.71 -36.43
N CYS A 20 39.39 11.50 -36.97
CA CYS A 20 40.32 11.01 -37.97
C CYS A 20 40.21 11.79 -39.26
N TRP A 21 39.01 11.91 -39.80
CA TRP A 21 38.82 12.63 -41.06
C TRP A 21 39.19 14.13 -40.96
N GLU A 22 38.94 14.77 -39.82
CA GLU A 22 39.43 16.13 -39.59
C GLU A 22 40.94 16.15 -39.80
N LEU A 23 41.64 15.30 -39.04
CA LEU A 23 43.10 15.21 -39.08
C LEU A 23 43.64 14.84 -40.48
N TYR A 24 43.04 13.85 -41.13
CA TYR A 24 43.37 13.51 -42.51
C TYR A 24 43.30 14.73 -43.44
N CYS A 25 42.24 15.53 -43.30
CA CYS A 25 42.10 16.74 -44.13
C CYS A 25 43.19 17.76 -43.87
N LEU A 26 43.52 18.02 -42.61
CA LEU A 26 44.67 18.87 -42.30
C LEU A 26 46.00 18.31 -42.84
N GLU A 27 46.19 17.00 -42.77
CA GLU A 27 47.44 16.36 -43.21
C GLU A 27 47.71 16.47 -44.72
N HIS A 28 46.66 16.29 -45.51
CA HIS A 28 46.74 16.38 -46.95
C HIS A 28 46.47 17.79 -47.51
N GLY A 29 46.13 18.74 -46.63
CA GLY A 29 45.79 20.10 -47.07
C GLY A 29 44.41 20.30 -47.69
N ILE A 30 43.53 19.30 -47.56
CA ILE A 30 42.12 19.42 -47.95
C ILE A 30 41.39 20.29 -46.90
N GLN A 31 40.36 21.01 -47.33
CA GLN A 31 39.67 22.00 -46.49
C GLN A 31 38.19 21.63 -46.26
N PRO A 32 37.48 22.31 -45.34
CA PRO A 32 36.12 21.89 -44.93
C PRO A 32 35.07 21.76 -46.05
N ASP A 33 35.24 22.50 -47.15
CA ASP A 33 34.39 22.35 -48.34
C ASP A 33 34.77 21.18 -49.27
N GLY A 34 35.99 20.67 -49.13
CA GLY A 34 36.48 19.54 -49.93
C GLY A 34 37.48 19.92 -51.00
N GLN A 35 37.83 21.19 -51.08
CA GLN A 35 38.81 21.67 -52.05
C GLN A 35 40.21 21.39 -51.55
N MET A 36 41.06 20.90 -52.46
CA MET A 36 42.48 20.65 -52.20
C MET A 36 43.32 21.40 -53.25
N PRO A 37 43.73 22.67 -52.96
CA PRO A 37 44.57 23.46 -53.89
C PRO A 37 45.76 22.67 -54.51
N SER A 38 46.57 22.01 -53.67
CA SER A 38 47.74 21.27 -54.14
C SER A 38 47.46 20.15 -55.17
N ASP A 39 46.23 19.62 -55.24
CA ASP A 39 45.88 18.59 -56.27
C ASP A 39 45.69 19.23 -57.65
N LYS A 40 46.45 18.74 -58.64
CA LYS A 40 46.43 19.25 -60.03
C LYS A 40 45.61 18.38 -60.98
N THR A 41 45.66 17.05 -60.82
CA THR A 41 44.73 16.18 -61.53
C THR A 41 43.31 16.39 -60.96
N ILE A 42 42.58 17.32 -61.60
CA ILE A 42 41.20 17.67 -61.24
C ILE A 42 40.22 16.66 -61.85
N GLY A 43 39.34 16.12 -61.01
CA GLY A 43 38.32 15.16 -61.42
C GLY A 43 38.72 13.69 -61.34
N GLY A 44 39.93 13.40 -60.87
CA GLY A 44 40.41 12.01 -60.76
C GLY A 44 41.88 11.91 -60.42
N GLY A 45 42.30 10.69 -60.09
CA GLY A 45 43.70 10.43 -59.77
C GLY A 45 43.96 9.08 -59.14
N ASP A 46 45.21 8.65 -59.26
CA ASP A 46 45.68 7.43 -58.60
C ASP A 46 46.90 7.75 -57.69
N ASP A 47 46.83 8.88 -56.98
CA ASP A 47 47.81 9.23 -55.94
C ASP A 47 47.55 8.43 -54.65
N SER A 48 48.51 8.47 -53.73
CA SER A 48 48.39 7.69 -52.50
C SER A 48 47.14 8.10 -51.67
N PHE A 49 46.90 9.40 -51.55
CA PHE A 49 45.76 9.90 -50.77
C PHE A 49 44.38 9.54 -51.35
N ASN A 50 44.32 9.26 -52.64
CA ASN A 50 43.08 8.78 -53.26
C ASN A 50 42.62 7.41 -52.75
N THR A 51 43.49 6.67 -52.06
CA THR A 51 43.07 5.43 -51.39
C THR A 51 41.92 5.71 -50.38
N PHE A 52 41.96 6.90 -49.77
CA PHE A 52 40.99 7.34 -48.77
C PHE A 52 40.00 8.38 -49.30
N PHE A 53 40.41 9.22 -50.26
CA PHE A 53 39.51 10.24 -50.85
C PHE A 53 39.21 9.94 -52.32
N SER A 54 37.95 10.12 -52.72
CA SER A 54 37.58 10.17 -54.14
C SER A 54 37.51 11.63 -54.56
N GLU A 55 37.26 11.85 -55.86
CA GLU A 55 37.22 13.22 -56.40
C GLU A 55 36.00 13.40 -57.28
N THR A 56 35.40 14.58 -57.19
CA THR A 56 34.34 14.99 -58.13
C THR A 56 34.92 15.92 -59.18
N GLY A 57 34.18 16.07 -60.28
CA GLY A 57 34.54 16.96 -61.39
C GLY A 57 34.64 18.42 -60.98
N ALA A 58 33.84 18.82 -59.98
CA ALA A 58 33.93 20.17 -59.39
C ALA A 58 35.22 20.41 -58.59
N GLY A 59 35.97 19.33 -58.28
CA GLY A 59 37.23 19.38 -57.53
C GLY A 59 37.12 19.00 -56.06
N LYS A 60 35.95 18.50 -55.63
CA LYS A 60 35.72 18.11 -54.22
C LYS A 60 36.36 16.76 -53.89
N HIS A 61 36.97 16.69 -52.71
CA HIS A 61 37.56 15.45 -52.19
C HIS A 61 36.67 14.86 -51.11
N VAL A 62 36.26 13.61 -51.32
CA VAL A 62 35.17 13.03 -50.57
C VAL A 62 35.66 11.77 -49.91
N PRO A 63 35.58 11.70 -48.58
CA PRO A 63 35.90 10.47 -47.87
C PRO A 63 35.25 9.20 -48.45
N ARG A 64 35.98 8.10 -48.37
CA ARG A 64 35.44 6.77 -48.66
C ARG A 64 34.97 6.17 -47.33
N ALA A 65 34.01 6.88 -46.75
CA ALA A 65 33.57 6.67 -45.42
C ALA A 65 32.07 6.45 -45.41
N VAL A 66 31.64 5.60 -44.49
CA VAL A 66 30.24 5.37 -44.20
C VAL A 66 30.13 5.45 -42.69
N PHE A 67 29.25 6.33 -42.22
CA PHE A 67 28.91 6.47 -40.81
C PHE A 67 27.55 5.80 -40.57
N VAL A 68 27.45 5.01 -39.51
CA VAL A 68 26.24 4.23 -39.25
C VAL A 68 25.97 4.34 -37.77
N ASP A 69 24.83 4.89 -37.40
CA ASP A 69 24.35 4.84 -36.03
C ASP A 69 22.86 4.49 -36.05
N LEU A 70 22.42 3.69 -35.09
CA LEU A 70 21.00 3.33 -34.97
C LEU A 70 20.19 4.48 -34.41
N GLU A 71 20.84 5.54 -33.93
CA GLU A 71 20.14 6.75 -33.49
C GLU A 71 20.81 7.98 -34.06
N PRO A 72 20.03 9.05 -34.29
CA PRO A 72 20.48 10.12 -35.15
C PRO A 72 21.34 11.21 -34.49
N THR A 73 21.34 11.36 -33.17
CA THR A 73 21.87 12.59 -32.55
C THR A 73 23.35 12.86 -32.81
N VAL A 74 24.15 11.81 -32.88
CA VAL A 74 25.62 11.93 -33.01
C VAL A 74 26.02 12.17 -34.49
N ILE A 75 25.36 11.45 -35.39
CA ILE A 75 25.52 11.64 -36.82
C ILE A 75 24.90 12.97 -37.30
N ASP A 76 23.86 13.46 -36.61
CA ASP A 76 23.32 14.82 -36.83
C ASP A 76 24.38 15.92 -36.60
N GLU A 77 25.29 15.71 -35.65
CA GLU A 77 26.39 16.66 -35.41
C GLU A 77 27.41 16.68 -36.55
N VAL A 78 27.57 15.58 -37.27
CA VAL A 78 28.36 15.56 -38.54
C VAL A 78 27.58 16.29 -39.65
N ARG A 79 26.30 15.97 -39.82
CA ARG A 79 25.42 16.64 -40.81
C ARG A 79 25.39 18.17 -40.73
N THR A 80 25.36 18.72 -39.51
CA THR A 80 25.23 20.16 -39.27
C THR A 80 26.56 20.83 -38.86
N GLY A 81 27.68 20.09 -38.95
CA GLY A 81 28.96 20.53 -38.38
C GLY A 81 30.03 20.94 -39.38
N THR A 82 31.18 21.32 -38.84
CA THR A 82 32.25 21.99 -39.61
C THR A 82 32.65 21.30 -40.93
N TYR A 83 32.57 19.96 -40.97
CA TYR A 83 32.87 19.21 -42.19
C TYR A 83 31.60 18.65 -42.86
N ARG A 84 30.49 19.40 -42.80
CA ARG A 84 29.21 18.96 -43.41
C ARG A 84 29.24 18.79 -44.95
N GLN A 85 29.92 19.71 -45.64
CA GLN A 85 29.98 19.70 -47.11
C GLN A 85 30.93 18.63 -47.62
N LEU A 86 31.83 18.19 -46.75
CA LEU A 86 32.79 17.14 -47.07
C LEU A 86 32.13 15.81 -47.44
N PHE A 87 31.03 15.49 -46.76
CA PHE A 87 30.35 14.22 -46.91
C PHE A 87 29.12 14.38 -47.81
N HIS A 88 28.74 13.27 -48.42
CA HIS A 88 27.53 13.15 -49.20
C HIS A 88 26.45 12.51 -48.30
N PRO A 89 25.24 13.10 -48.27
CA PRO A 89 24.15 12.57 -47.44
C PRO A 89 23.97 11.03 -47.39
N GLU A 90 24.18 10.34 -48.51
CA GLU A 90 24.03 8.87 -48.57
C GLU A 90 25.12 8.08 -47.81
N GLN A 91 26.24 8.74 -47.49
CA GLN A 91 27.30 8.14 -46.67
C GLN A 91 26.92 8.08 -45.19
N LEU A 92 26.08 9.02 -44.74
CA LEU A 92 25.64 9.16 -43.34
C LEU A 92 24.29 8.47 -43.09
N ILE A 93 24.29 7.32 -42.42
CA ILE A 93 23.09 6.51 -42.19
C ILE A 93 22.67 6.47 -40.70
N THR A 94 21.40 6.80 -40.43
CA THR A 94 20.84 6.82 -39.06
C THR A 94 19.50 6.08 -38.97
N GLY A 95 19.20 5.52 -37.80
CA GLY A 95 17.89 4.96 -37.47
C GLY A 95 17.08 5.91 -36.61
N LYS A 96 16.09 5.38 -35.89
CA LYS A 96 15.35 6.15 -34.89
C LYS A 96 15.53 5.66 -33.45
N GLU A 97 16.01 4.44 -33.26
CA GLU A 97 16.05 3.80 -31.96
C GLU A 97 17.37 3.06 -31.80
N ASP A 98 18.15 3.45 -30.78
CA ASP A 98 19.45 2.82 -30.50
C ASP A 98 19.29 1.42 -30.00
N ALA A 99 20.41 0.72 -29.80
CA ALA A 99 20.43 -0.64 -29.26
C ALA A 99 20.34 -0.76 -27.72
N ALA A 100 20.19 0.37 -27.03
CA ALA A 100 20.10 0.38 -25.57
C ALA A 100 21.16 -0.49 -24.86
N ASN A 101 22.40 -0.39 -25.31
CA ASN A 101 23.55 -1.06 -24.71
C ASN A 101 23.47 -2.54 -24.71
N ASN A 102 22.70 -3.06 -25.65
CA ASN A 102 22.38 -4.46 -25.70
C ASN A 102 22.88 -5.00 -27.05
N TYR A 103 23.97 -5.76 -27.02
CA TYR A 103 24.47 -6.46 -28.22
C TYR A 103 23.34 -7.07 -29.06
N ALA A 104 22.45 -7.82 -28.41
CA ALA A 104 21.42 -8.61 -29.13
C ALA A 104 20.36 -7.74 -29.79
N ARG A 105 20.12 -6.56 -29.26
CA ARG A 105 19.17 -5.63 -29.89
C ARG A 105 19.75 -5.03 -31.15
N GLY A 106 21.03 -4.68 -31.07
CA GLY A 106 21.77 -4.15 -32.20
C GLY A 106 22.06 -5.18 -33.27
N HIS A 107 22.32 -6.43 -32.86
CA HIS A 107 22.65 -7.51 -33.82
C HIS A 107 21.42 -8.11 -34.48
N TYR A 108 20.52 -8.65 -33.64
CA TYR A 108 19.36 -9.40 -34.09
C TYR A 108 18.15 -8.50 -34.35
N THR A 109 17.66 -7.76 -33.37
CA THR A 109 16.42 -6.98 -33.56
C THR A 109 16.61 -5.82 -34.51
N ILE A 110 17.20 -4.72 -34.06
CA ILE A 110 17.33 -3.50 -34.87
C ILE A 110 18.37 -3.68 -36.00
N GLY A 111 19.37 -4.54 -35.77
CA GLY A 111 20.31 -4.91 -36.82
C GLY A 111 19.65 -5.37 -38.09
N LYS A 112 18.93 -6.48 -38.01
CA LYS A 112 18.19 -7.07 -39.14
C LYS A 112 17.46 -6.07 -40.01
N GLU A 113 16.74 -5.13 -39.40
CA GLU A 113 15.97 -4.16 -40.17
C GLU A 113 16.78 -3.10 -40.96
N ILE A 114 18.09 -2.99 -40.72
CA ILE A 114 18.90 -1.94 -41.39
C ILE A 114 20.16 -2.47 -42.13
N ILE A 115 20.53 -3.73 -41.94
CA ILE A 115 21.74 -4.28 -42.56
C ILE A 115 21.72 -4.13 -44.09
N ASP A 116 20.58 -4.38 -44.73
CA ASP A 116 20.47 -4.24 -46.20
C ASP A 116 20.57 -2.78 -46.70
N LEU A 117 20.08 -1.81 -45.93
CA LEU A 117 20.29 -0.41 -46.29
C LEU A 117 21.79 -0.03 -46.26
N VAL A 118 22.53 -0.58 -45.28
CA VAL A 118 23.93 -0.18 -45.05
C VAL A 118 24.82 -0.81 -46.11
N LEU A 119 24.65 -2.11 -46.37
CA LEU A 119 25.42 -2.84 -47.40
C LEU A 119 25.22 -2.28 -48.80
N ASP A 120 24.04 -1.72 -49.05
CA ASP A 120 23.76 -1.04 -50.31
C ASP A 120 24.53 0.26 -50.45
N ARG A 121 24.66 1.03 -49.37
CA ARG A 121 25.44 2.29 -49.39
C ARG A 121 26.96 2.04 -49.44
N ILE A 122 27.38 0.91 -48.90
CA ILE A 122 28.75 0.46 -48.99
C ILE A 122 29.07 0.08 -50.46
N ARG A 123 28.17 -0.66 -51.10
CA ARG A 123 28.28 -0.97 -52.54
C ARG A 123 28.32 0.28 -53.42
N LYS A 124 27.61 1.35 -53.03
CA LYS A 124 27.67 2.62 -53.78
C LYS A 124 29.06 3.23 -53.77
N LEU A 125 29.81 3.05 -52.67
CA LEU A 125 31.22 3.47 -52.60
C LEU A 125 32.16 2.43 -53.26
N ALA A 126 31.90 1.13 -53.06
CA ALA A 126 32.73 0.09 -53.66
C ALA A 126 32.76 0.13 -55.18
N ASP A 127 31.65 0.56 -55.78
CA ASP A 127 31.50 0.70 -57.23
C ASP A 127 32.12 1.97 -57.82
N GLN A 128 32.60 2.89 -56.98
CA GLN A 128 33.47 3.99 -57.44
C GLN A 128 34.97 3.62 -57.41
N CYS A 129 35.31 2.36 -57.12
CA CYS A 129 36.69 1.96 -56.90
C CYS A 129 37.15 1.06 -58.02
N THR A 130 38.32 1.39 -58.57
CA THR A 130 38.96 0.59 -59.60
C THR A 130 39.55 -0.69 -59.04
N GLY A 131 40.06 -0.65 -57.80
CA GLY A 131 40.56 -1.87 -57.12
C GLY A 131 40.48 -1.77 -55.61
N LEU A 132 39.31 -2.03 -55.05
CA LEU A 132 39.12 -1.97 -53.61
C LEU A 132 40.01 -3.00 -52.88
N GLN A 133 40.77 -2.53 -51.88
CA GLN A 133 41.53 -3.41 -50.98
C GLN A 133 40.67 -4.01 -49.92
N GLY A 134 39.81 -3.17 -49.34
CA GLY A 134 38.97 -3.59 -48.22
C GLY A 134 38.65 -2.49 -47.26
N PHE A 135 38.49 -2.85 -45.99
CA PHE A 135 37.78 -1.99 -45.05
C PHE A 135 38.54 -1.71 -43.77
N LEU A 136 38.46 -0.46 -43.29
CA LEU A 136 38.85 -0.09 -41.93
C LEU A 136 37.55 0.11 -41.12
N VAL A 137 37.28 -0.73 -40.11
CA VAL A 137 36.05 -0.59 -39.31
C VAL A 137 36.31 -0.05 -37.91
N PHE A 138 35.60 1.02 -37.56
CA PHE A 138 35.75 1.75 -36.29
C PHE A 138 34.51 1.53 -35.42
N HIS A 139 34.71 1.09 -34.17
CA HIS A 139 33.58 0.78 -33.29
C HIS A 139 34.01 0.52 -31.83
N SER A 140 33.04 0.59 -30.92
CA SER A 140 33.23 0.16 -29.54
C SER A 140 32.89 -1.32 -29.35
N PHE A 141 33.67 -1.99 -28.52
CA PHE A 141 33.34 -3.32 -28.01
C PHE A 141 32.08 -3.31 -27.11
N GLY A 142 31.80 -2.20 -26.42
CA GLY A 142 30.80 -2.15 -25.35
C GLY A 142 29.42 -1.62 -25.67
N GLY A 143 29.30 -0.69 -26.61
CA GLY A 143 27.99 -0.21 -27.09
C GLY A 143 27.16 -1.31 -27.72
N GLY A 144 25.83 -1.18 -27.71
CA GLY A 144 24.97 -2.19 -28.33
C GLY A 144 25.03 -2.24 -29.86
N THR A 145 25.13 -1.04 -30.47
CA THR A 145 25.32 -0.85 -31.90
C THR A 145 26.77 -1.19 -32.27
N GLY A 146 27.71 -0.50 -31.63
CA GLY A 146 29.12 -0.75 -31.85
C GLY A 146 29.50 -2.22 -31.76
N SER A 147 28.94 -2.95 -30.80
CA SER A 147 29.23 -4.38 -30.66
C SER A 147 28.39 -5.21 -31.62
N GLY A 148 27.07 -4.99 -31.52
CA GLY A 148 26.08 -5.87 -32.09
C GLY A 148 25.88 -5.67 -33.56
N PHE A 149 25.66 -4.43 -33.97
CA PHE A 149 25.53 -4.17 -35.39
C PHE A 149 26.84 -4.34 -36.20
N THR A 150 27.98 -4.05 -35.59
CA THR A 150 29.27 -4.27 -36.23
C THR A 150 29.45 -5.73 -36.58
N SER A 151 29.11 -6.65 -35.68
CA SER A 151 29.42 -8.05 -35.94
C SER A 151 28.56 -8.64 -37.10
N LEU A 152 27.36 -8.12 -37.29
CA LEU A 152 26.52 -8.55 -38.39
C LEU A 152 27.07 -7.99 -39.69
N LEU A 153 27.48 -6.73 -39.67
CA LEU A 153 28.17 -6.12 -40.82
C LEU A 153 29.43 -6.89 -41.20
N MET A 154 30.28 -7.24 -40.23
CA MET A 154 31.49 -8.02 -40.51
C MET A 154 31.17 -9.37 -41.12
N GLU A 155 30.10 -10.00 -40.65
CA GLU A 155 29.65 -11.28 -41.21
C GLU A 155 29.27 -11.13 -42.68
N ARG A 156 28.54 -10.07 -43.00
CA ARG A 156 28.08 -9.85 -44.37
C ARG A 156 29.19 -9.37 -45.27
N LEU A 157 30.04 -8.49 -44.76
CA LEU A 157 31.17 -8.02 -45.55
C LEU A 157 32.02 -9.21 -46.06
N SER A 158 32.15 -10.28 -45.26
CA SER A 158 32.88 -11.46 -45.71
C SER A 158 32.17 -12.19 -46.86
N VAL A 159 30.86 -12.24 -46.81
CA VAL A 159 30.10 -12.92 -47.85
C VAL A 159 30.13 -12.09 -49.14
N ASP A 160 29.80 -10.81 -49.05
CA ASP A 160 29.74 -9.94 -50.23
C ASP A 160 31.09 -9.55 -50.85
N TYR A 161 32.15 -9.47 -50.05
CA TYR A 161 33.48 -9.05 -50.54
C TYR A 161 34.57 -9.99 -50.00
N GLY A 162 34.40 -11.29 -50.24
CA GLY A 162 35.25 -12.34 -49.64
C GLY A 162 36.75 -12.26 -49.80
N LYS A 163 37.24 -11.56 -50.82
CA LYS A 163 38.70 -11.48 -51.10
C LYS A 163 39.42 -10.31 -50.40
N LYS A 164 38.66 -9.43 -49.75
CA LYS A 164 39.17 -8.18 -49.23
C LYS A 164 39.58 -8.28 -47.77
N SER A 165 40.57 -7.46 -47.42
CA SER A 165 41.05 -7.36 -46.05
C SER A 165 40.07 -6.50 -45.22
N LYS A 166 39.96 -6.83 -43.93
CA LYS A 166 39.17 -6.05 -42.97
C LYS A 166 40.00 -5.77 -41.73
N LEU A 167 40.25 -4.49 -41.48
CA LEU A 167 40.90 -4.02 -40.27
C LEU A 167 39.89 -3.43 -39.30
N GLU A 168 40.02 -3.78 -38.03
CA GLU A 168 39.21 -3.23 -36.93
C GLU A 168 39.97 -2.13 -36.16
N PHE A 169 39.30 -1.04 -35.86
CA PHE A 169 39.71 -0.14 -34.79
C PHE A 169 38.64 -0.20 -33.69
N SER A 170 39.04 -0.64 -32.50
CA SER A 170 38.11 -1.09 -31.47
C SER A 170 38.41 -0.41 -30.16
N ILE A 171 37.38 0.17 -29.54
CA ILE A 171 37.50 0.75 -28.23
C ILE A 171 37.07 -0.26 -27.17
N TYR A 172 38.06 -0.74 -26.41
CA TYR A 172 37.89 -1.65 -25.29
C TYR A 172 37.33 -0.82 -24.12
N PRO A 173 36.31 -1.33 -23.44
CA PRO A 173 35.65 -0.59 -22.38
C PRO A 173 36.37 -0.26 -21.08
N ALA A 174 36.17 0.96 -20.65
CA ALA A 174 36.77 1.43 -19.45
C ALA A 174 35.78 1.97 -18.47
N PRO A 175 35.81 1.36 -17.23
CA PRO A 175 34.90 1.94 -16.23
C PRO A 175 34.98 3.44 -15.97
N GLN A 176 36.14 4.09 -16.03
CA GLN A 176 36.21 5.52 -15.80
C GLN A 176 35.26 6.27 -16.67
N VAL A 177 35.21 5.92 -17.93
CA VAL A 177 34.33 6.54 -18.90
C VAL A 177 33.58 5.35 -19.44
N SER A 178 32.37 5.08 -19.02
CA SER A 178 31.65 3.93 -19.48
C SER A 178 30.34 4.27 -18.97
N THR A 179 29.35 4.06 -19.79
CA THR A 179 28.01 4.50 -19.50
C THR A 179 27.02 3.28 -19.36
N ALA A 180 27.59 2.11 -19.02
CA ALA A 180 26.84 0.87 -19.02
C ALA A 180 27.55 -0.24 -18.28
N VAL A 181 26.75 -1.12 -17.71
CA VAL A 181 27.21 -2.20 -16.87
C VAL A 181 27.40 -3.49 -17.64
N VAL A 182 26.83 -3.58 -18.83
CA VAL A 182 26.81 -4.84 -19.59
C VAL A 182 27.85 -4.90 -20.71
N GLU A 183 28.80 -3.97 -20.70
CA GLU A 183 29.82 -3.92 -21.76
C GLU A 183 30.68 -5.19 -21.79
N PRO A 184 30.94 -5.82 -20.63
CA PRO A 184 31.66 -7.09 -20.70
C PRO A 184 30.93 -8.19 -21.50
N TYR A 185 29.60 -8.27 -21.36
CA TYR A 185 28.79 -9.16 -22.18
C TYR A 185 28.86 -8.78 -23.66
N ASN A 186 28.66 -7.51 -23.96
CA ASN A 186 28.74 -7.03 -25.33
C ASN A 186 30.09 -7.25 -26.01
N SER A 187 31.17 -7.13 -25.24
CA SER A 187 32.51 -7.19 -25.78
C SER A 187 32.92 -8.62 -26.13
N ILE A 188 32.64 -9.56 -25.23
CA ILE A 188 32.88 -10.98 -25.50
C ILE A 188 31.97 -11.46 -26.62
N LEU A 189 30.73 -11.00 -26.64
CA LEU A 189 29.82 -11.41 -27.71
C LEU A 189 30.34 -11.00 -29.08
N THR A 190 30.65 -9.71 -29.23
CA THR A 190 31.15 -9.22 -30.52
C THR A 190 32.51 -9.76 -30.90
N THR A 191 33.40 -9.95 -29.92
CA THR A 191 34.75 -10.45 -30.21
C THR A 191 34.69 -11.87 -30.79
N HIS A 192 33.79 -12.69 -30.29
CA HIS A 192 33.58 -14.05 -30.79
C HIS A 192 33.01 -14.11 -32.21
N THR A 193 31.99 -13.32 -32.46
CA THR A 193 31.28 -13.30 -33.75
C THR A 193 32.12 -12.62 -34.85
N THR A 194 33.02 -11.72 -34.45
CA THR A 194 33.87 -10.97 -35.39
C THR A 194 35.27 -11.62 -35.62
N LEU A 195 35.72 -12.52 -34.74
CA LEU A 195 37.11 -13.01 -34.73
C LEU A 195 37.62 -13.60 -36.06
N GLU A 196 36.79 -14.41 -36.71
CA GLU A 196 37.13 -15.04 -38.00
C GLU A 196 37.02 -14.08 -39.20
N HIS A 197 36.35 -12.95 -39.00
CA HIS A 197 36.04 -12.01 -40.05
C HIS A 197 36.95 -10.82 -40.06
N SER A 198 37.70 -10.61 -38.98
CA SER A 198 38.69 -9.54 -38.94
C SER A 198 40.08 -10.12 -39.22
N ASP A 199 40.89 -9.38 -39.99
CA ASP A 199 42.28 -9.80 -40.34
C ASP A 199 43.36 -9.24 -39.39
N CYS A 200 43.13 -8.05 -38.88
CA CYS A 200 44.01 -7.38 -37.95
C CYS A 200 43.18 -6.38 -37.19
N ALA A 201 43.30 -6.35 -35.86
CA ALA A 201 42.45 -5.48 -35.04
C ALA A 201 43.30 -4.65 -34.09
N PHE A 202 43.09 -3.34 -34.03
CA PHE A 202 43.84 -2.53 -33.08
C PHE A 202 42.95 -2.10 -31.93
N MET A 203 43.15 -2.70 -30.76
CA MET A 203 42.43 -2.34 -29.54
C MET A 203 42.93 -1.06 -28.95
N VAL A 204 42.00 -0.25 -28.47
CA VAL A 204 42.36 0.94 -27.71
C VAL A 204 41.57 0.88 -26.42
N ASP A 205 42.28 0.75 -25.29
CA ASP A 205 41.66 0.72 -23.96
C ASP A 205 41.46 2.13 -23.49
N ASN A 206 40.21 2.54 -23.32
CA ASN A 206 39.93 3.91 -22.89
C ASN A 206 40.62 4.27 -21.59
N GLU A 207 40.88 3.28 -20.74
CA GLU A 207 41.63 3.46 -19.52
C GLU A 207 43.00 4.08 -19.86
N ALA A 208 43.75 3.43 -20.76
CA ALA A 208 45.09 3.85 -21.18
C ALA A 208 45.11 5.29 -21.70
N ILE A 209 44.20 5.58 -22.61
CA ILE A 209 44.12 6.86 -23.28
C ILE A 209 43.74 7.95 -22.28
N TYR A 210 42.83 7.63 -21.38
CA TYR A 210 42.38 8.56 -20.36
C TYR A 210 43.53 8.92 -19.41
N ASP A 211 44.31 7.93 -18.99
CA ASP A 211 45.48 8.20 -18.16
C ASP A 211 46.60 8.93 -18.89
N ILE A 212 46.77 8.64 -20.18
CA ILE A 212 47.71 9.41 -21.00
C ILE A 212 47.28 10.89 -20.98
N CYS A 213 45.99 11.14 -21.20
CA CYS A 213 45.46 12.50 -21.10
C CYS A 213 45.63 13.19 -19.74
N ARG A 214 45.47 12.47 -18.63
CA ARG A 214 45.66 13.07 -17.31
C ARG A 214 47.13 13.39 -17.09
N ARG A 215 47.96 12.35 -17.23
CA ARG A 215 49.39 12.38 -16.95
C ARG A 215 50.19 13.33 -17.87
N ASN A 216 49.97 13.25 -19.19
CA ASN A 216 50.84 13.94 -20.16
C ASN A 216 50.28 15.25 -20.73
N LEU A 217 48.95 15.40 -20.75
CA LEU A 217 48.29 16.62 -21.23
C LEU A 217 47.78 17.51 -20.09
N ASP A 218 47.97 17.06 -18.85
CA ASP A 218 47.48 17.78 -17.64
C ASP A 218 45.99 18.15 -17.70
N ILE A 219 45.17 17.26 -18.29
CA ILE A 219 43.73 17.46 -18.40
C ILE A 219 43.07 16.85 -17.16
N GLU A 220 42.45 17.69 -16.34
CA GLU A 220 41.87 17.25 -15.05
C GLU A 220 40.91 16.06 -15.22
N ARG A 221 39.95 16.19 -16.13
CA ARG A 221 38.93 15.16 -16.37
C ARG A 221 38.65 15.03 -17.88
N PRO A 222 39.38 14.16 -18.59
CA PRO A 222 39.29 14.02 -20.06
C PRO A 222 37.90 13.79 -20.66
N THR A 223 37.48 14.67 -21.57
CA THR A 223 36.25 14.43 -22.36
C THR A 223 36.48 13.36 -23.45
N TYR A 224 35.43 13.01 -24.18
CA TYR A 224 35.62 12.24 -25.43
C TYR A 224 36.38 13.01 -26.49
N THR A 225 36.17 14.33 -26.57
CA THR A 225 36.93 15.18 -27.46
C THR A 225 38.43 15.01 -27.22
N ASN A 226 38.86 15.02 -25.96
CA ASN A 226 40.27 14.86 -25.64
C ASN A 226 40.78 13.47 -26.05
N LEU A 227 40.05 12.44 -25.63
CA LEU A 227 40.44 11.05 -25.91
C LEU A 227 40.52 10.83 -27.38
N ASN A 228 39.55 11.35 -28.12
CA ASN A 228 39.45 11.06 -29.54
C ASN A 228 40.50 11.73 -30.41
N ARG A 229 40.83 12.98 -30.07
N ARG A 229 40.83 12.98 -30.06
CA ARG A 229 41.87 13.73 -30.76
CA ARG A 229 41.88 13.74 -30.73
C ARG A 229 43.24 13.03 -30.61
C ARG A 229 43.23 13.02 -30.61
N LEU A 230 43.52 12.50 -29.42
CA LEU A 230 44.68 11.63 -29.19
C LEU A 230 44.63 10.31 -29.98
N ILE A 231 43.49 9.62 -29.93
CA ILE A 231 43.28 8.40 -30.72
C ILE A 231 43.44 8.63 -32.23
N SER A 232 43.00 9.77 -32.74
CA SER A 232 43.15 10.02 -34.18
C SER A 232 44.63 10.19 -34.60
N GLN A 233 45.47 10.73 -33.72
CA GLN A 233 46.90 10.79 -34.00
C GLN A 233 47.43 9.36 -34.13
N ILE A 234 46.99 8.46 -33.25
CA ILE A 234 47.45 7.06 -33.32
C ILE A 234 46.93 6.42 -34.60
N VAL A 235 45.64 6.60 -34.88
CA VAL A 235 45.04 6.04 -36.09
C VAL A 235 45.77 6.56 -37.31
N SER A 236 46.01 7.86 -37.32
CA SER A 236 46.71 8.49 -38.42
C SER A 236 48.11 7.92 -38.63
N SER A 237 48.88 7.75 -37.55
CA SER A 237 50.17 7.03 -37.65
C SER A 237 50.04 5.70 -38.35
N ILE A 238 49.01 4.93 -38.02
CA ILE A 238 48.87 3.57 -38.52
C ILE A 238 48.46 3.57 -39.99
N THR A 239 47.59 4.50 -40.36
CA THR A 239 47.05 4.54 -41.71
C THR A 239 47.86 5.40 -42.65
N ALA A 240 48.87 6.12 -42.15
CA ALA A 240 49.68 7.04 -42.98
C ALA A 240 50.31 6.36 -44.19
N SER A 241 50.87 5.18 -43.98
CA SER A 241 51.47 4.40 -45.05
C SER A 241 50.52 4.01 -46.18
N LEU A 242 49.21 4.02 -45.91
CA LEU A 242 48.19 3.83 -46.95
C LEU A 242 47.89 5.09 -47.73
N ARG A 243 48.27 6.25 -47.18
CA ARG A 243 47.88 7.57 -47.72
C ARG A 243 49.05 8.38 -48.27
N PHE A 244 50.26 7.84 -48.15
CA PHE A 244 51.49 8.56 -48.50
C PHE A 244 52.45 7.63 -49.25
N ASP A 245 53.36 8.22 -49.99
CA ASP A 245 54.39 7.47 -50.70
C ASP A 245 55.30 6.79 -49.68
N GLY A 246 55.62 5.52 -49.90
CA GLY A 246 56.46 4.75 -48.99
C GLY A 246 56.53 3.31 -49.45
N ALA A 247 57.17 2.47 -48.65
CA ALA A 247 57.36 1.04 -48.99
C ALA A 247 57.12 0.04 -47.84
N LEU A 248 56.54 0.51 -46.73
CA LEU A 248 56.09 -0.36 -45.66
C LEU A 248 54.61 -0.14 -45.44
N ASN A 249 53.87 -1.24 -45.28
CA ASN A 249 52.42 -1.24 -45.03
C ASN A 249 51.69 -0.36 -46.04
N VAL A 250 51.93 -0.66 -47.32
CA VAL A 250 51.35 0.12 -48.43
C VAL A 250 49.97 -0.38 -48.83
N ASP A 251 49.64 -1.61 -48.42
CA ASP A 251 48.28 -2.11 -48.54
C ASP A 251 47.87 -2.88 -47.29
N LEU A 252 46.57 -3.17 -47.18
CA LEU A 252 45.97 -3.80 -46.00
C LEU A 252 46.46 -5.26 -45.76
N THR A 253 46.85 -5.93 -46.83
CA THR A 253 47.39 -7.27 -46.78
C THR A 253 48.76 -7.28 -46.10
N GLU A 254 49.48 -6.17 -46.18
CA GLU A 254 50.81 -6.10 -45.60
C GLU A 254 50.76 -5.91 -44.07
N PHE A 255 49.72 -5.23 -43.56
CA PHE A 255 49.47 -5.21 -42.11
C PHE A 255 49.33 -6.61 -41.52
N GLN A 256 48.57 -7.46 -42.21
CA GLN A 256 48.37 -8.86 -41.83
C GLN A 256 49.68 -9.69 -41.91
N THR A 257 50.41 -9.55 -43.02
CA THR A 257 51.68 -10.25 -43.26
C THR A 257 52.82 -9.83 -42.32
N ASN A 258 52.93 -8.53 -42.04
CA ASN A 258 53.94 -8.02 -41.13
C ASN A 258 53.60 -8.24 -39.66
N LEU A 259 52.34 -8.03 -39.29
CA LEU A 259 51.94 -8.05 -37.87
C LEU A 259 51.24 -9.33 -37.37
N VAL A 260 50.74 -10.18 -38.28
CA VAL A 260 49.89 -11.34 -37.89
C VAL A 260 50.31 -12.67 -38.55
N PRO A 261 51.34 -13.35 -38.02
CA PRO A 261 51.66 -14.71 -38.50
C PRO A 261 50.62 -15.79 -38.10
N TYR A 262 50.20 -15.83 -36.84
CA TYR A 262 49.16 -16.75 -36.35
C TYR A 262 47.81 -15.96 -36.36
N PRO A 263 46.84 -16.32 -37.24
CA PRO A 263 45.71 -15.44 -37.61
C PRO A 263 44.61 -15.10 -36.59
N ARG A 264 44.33 -16.00 -35.63
CA ARG A 264 43.45 -15.65 -34.48
C ARG A 264 44.10 -14.63 -33.54
N ILE A 265 45.43 -14.76 -33.36
CA ILE A 265 46.21 -13.80 -32.59
C ILE A 265 46.52 -12.56 -33.43
N HIS A 266 45.51 -11.73 -33.67
CA HIS A 266 45.62 -10.59 -34.58
C HIS A 266 45.34 -9.24 -33.90
N PHE A 267 45.70 -9.14 -32.62
CA PHE A 267 45.52 -7.92 -31.85
C PHE A 267 46.87 -7.29 -31.49
N PRO A 268 47.41 -6.44 -32.39
CA PRO A 268 48.66 -5.77 -32.11
C PRO A 268 48.53 -4.63 -31.13
N LEU A 269 49.45 -4.55 -30.19
CA LEU A 269 49.54 -3.46 -29.24
C LEU A 269 50.14 -2.22 -29.91
N ALA A 270 49.42 -1.11 -29.96
CA ALA A 270 50.02 0.16 -30.39
C ALA A 270 50.64 0.83 -29.18
N THR A 271 51.86 1.34 -29.33
CA THR A 271 52.48 2.24 -28.34
C THR A 271 52.81 3.56 -29.04
N TYR A 272 52.71 4.68 -28.32
CA TYR A 272 52.87 5.99 -28.97
C TYR A 272 53.60 7.01 -28.12
N ALA A 273 54.58 7.67 -28.74
CA ALA A 273 55.31 8.77 -28.12
C ALA A 273 55.83 9.76 -29.17
N PRO A 274 55.95 11.04 -28.80
CA PRO A 274 55.67 11.64 -27.51
C PRO A 274 54.35 12.40 -27.48
N VAL A 275 53.73 12.41 -26.29
CA VAL A 275 52.48 13.11 -26.05
C VAL A 275 52.75 14.27 -25.07
N ILE A 276 52.61 15.50 -25.55
CA ILE A 276 53.12 16.66 -24.86
C ILE A 276 52.08 17.75 -24.93
N SER A 277 51.91 18.45 -23.81
CA SER A 277 50.86 19.44 -23.66
C SER A 277 51.14 20.72 -24.41
N ALA A 278 50.14 21.21 -25.13
CA ALA A 278 50.24 22.48 -25.86
C ALA A 278 50.32 23.70 -24.93
N GLU A 279 49.91 23.54 -23.66
CA GLU A 279 50.00 24.60 -22.66
C GLU A 279 51.34 24.61 -21.92
N LYS A 280 52.20 23.62 -22.17
CA LYS A 280 53.56 23.63 -21.61
C LYS A 280 54.33 24.78 -22.26
N ALA A 281 54.83 25.72 -21.45
CA ALA A 281 55.51 26.92 -21.97
C ALA A 281 56.87 26.54 -22.54
N TYR A 282 57.68 25.89 -21.71
CA TYR A 282 59.01 25.39 -22.08
C TYR A 282 58.97 23.84 -22.21
N HIS A 283 59.16 23.34 -23.43
CA HIS A 283 59.33 21.91 -23.69
C HIS A 283 60.65 21.61 -24.41
N GLU A 284 61.53 20.83 -23.76
CA GLU A 284 62.74 20.32 -24.41
C GLU A 284 62.38 19.18 -25.35
N GLN A 285 62.58 19.39 -26.65
CA GLN A 285 62.17 18.41 -27.68
C GLN A 285 62.93 17.10 -27.56
N LEU A 286 62.19 15.99 -27.63
CA LEU A 286 62.76 14.66 -27.44
C LEU A 286 63.40 14.13 -28.71
N SER A 287 64.41 13.29 -28.53
CA SER A 287 65.22 12.74 -29.62
C SER A 287 64.74 11.34 -30.03
N VAL A 288 65.39 10.74 -31.02
CA VAL A 288 65.00 9.44 -31.55
C VAL A 288 65.17 8.38 -30.50
N ALA A 289 66.33 8.39 -29.86
CA ALA A 289 66.61 7.44 -28.79
C ALA A 289 65.55 7.54 -27.69
N GLU A 290 65.26 8.77 -27.25
CA GLU A 290 64.30 8.99 -26.15
C GLU A 290 62.88 8.46 -26.48
N ILE A 291 62.40 8.72 -27.69
CA ILE A 291 61.03 8.33 -28.10
C ILE A 291 60.90 6.88 -28.58
N THR A 292 61.98 6.29 -29.07
CA THR A 292 61.95 4.86 -29.35
C THR A 292 61.93 4.10 -28.04
N ASN A 293 62.56 4.66 -27.02
CA ASN A 293 62.64 4.06 -25.69
C ASN A 293 61.30 4.20 -24.96
N ALA A 294 60.62 5.30 -25.24
CA ALA A 294 59.27 5.55 -24.75
C ALA A 294 58.24 4.52 -25.21
N CYS A 295 58.50 3.85 -26.35
CA CYS A 295 57.65 2.80 -26.85
C CYS A 295 57.69 1.49 -26.08
N PHE A 296 58.62 1.33 -25.14
CA PHE A 296 58.67 0.15 -24.29
C PHE A 296 58.29 0.44 -22.85
N GLU A 297 57.74 1.63 -22.62
CA GLU A 297 57.12 1.97 -21.35
C GLU A 297 55.65 1.56 -21.48
N PRO A 298 55.13 0.77 -20.52
CA PRO A 298 53.69 0.52 -20.44
C PRO A 298 52.81 1.78 -20.38
N ALA A 299 53.30 2.85 -19.79
CA ALA A 299 52.53 4.08 -19.65
C ALA A 299 52.18 4.80 -20.97
N ASN A 300 52.79 4.38 -22.07
CA ASN A 300 52.50 4.97 -23.38
C ASN A 300 51.72 4.02 -24.32
N GLN A 301 51.42 2.82 -23.85
CA GLN A 301 50.68 1.82 -24.63
C GLN A 301 49.19 2.20 -24.73
N MET A 302 48.52 1.67 -25.75
CA MET A 302 47.07 1.85 -25.91
C MET A 302 46.26 0.92 -25.01
N VAL A 303 46.92 -0.11 -24.50
CA VAL A 303 46.36 -1.04 -23.53
C VAL A 303 47.42 -1.25 -22.48
N LYS A 304 47.05 -1.14 -21.21
CA LYS A 304 48.02 -1.31 -20.14
C LYS A 304 48.24 -2.79 -19.96
N CYS A 305 49.51 -3.19 -20.04
CA CYS A 305 49.93 -4.59 -19.89
C CYS A 305 51.47 -4.61 -19.88
N ASP A 306 52.06 -5.78 -19.62
CA ASP A 306 53.50 -5.86 -19.40
C ASP A 306 54.14 -6.79 -20.44
N PRO A 307 54.62 -6.22 -21.58
CA PRO A 307 55.33 -6.97 -22.63
C PRO A 307 56.56 -7.77 -22.18
N ARG A 308 57.20 -7.36 -21.08
CA ARG A 308 58.33 -8.10 -20.52
C ARG A 308 57.95 -9.55 -20.16
N HIS A 309 56.70 -9.75 -19.75
CA HIS A 309 56.19 -11.04 -19.36
C HIS A 309 55.24 -11.45 -20.45
N GLY A 310 55.84 -11.75 -21.59
CA GLY A 310 55.16 -12.13 -22.82
C GLY A 310 56.20 -12.32 -23.92
N LYS A 311 55.75 -12.60 -25.13
CA LYS A 311 56.67 -12.71 -26.25
C LYS A 311 56.12 -12.00 -27.47
N TYR A 312 57.04 -11.47 -28.30
CA TYR A 312 56.71 -10.77 -29.54
C TYR A 312 56.73 -11.75 -30.70
N MET A 313 55.87 -11.51 -31.67
CA MET A 313 55.88 -12.19 -32.96
C MET A 313 56.15 -11.23 -34.13
N ALA A 314 56.23 -9.93 -33.84
CA ALA A 314 56.41 -8.89 -34.84
C ALA A 314 56.47 -7.54 -34.11
N CYS A 315 57.27 -6.64 -34.64
CA CYS A 315 57.35 -5.27 -34.15
CA CYS A 315 57.37 -5.26 -34.15
C CYS A 315 57.50 -4.37 -35.39
N CYS A 316 56.99 -3.16 -35.31
CA CYS A 316 56.97 -2.22 -36.44
CA CYS A 316 57.03 -2.24 -36.43
C CYS A 316 57.06 -0.82 -35.91
N LEU A 317 58.13 -0.10 -36.23
CA LEU A 317 58.30 1.26 -35.76
C LEU A 317 57.91 2.23 -36.88
N LEU A 318 56.87 3.03 -36.67
CA LEU A 318 56.41 3.99 -37.67
C LEU A 318 56.76 5.39 -37.18
N TYR A 319 57.82 5.97 -37.73
CA TYR A 319 58.30 7.29 -37.35
C TYR A 319 57.72 8.38 -38.22
N ARG A 320 57.53 9.53 -37.59
CA ARG A 320 56.98 10.73 -38.21
C ARG A 320 57.85 11.90 -37.78
N GLY A 321 58.42 12.59 -38.75
CA GLY A 321 59.23 13.77 -38.49
C GLY A 321 60.69 13.58 -38.85
N ASP A 322 61.54 14.29 -38.13
CA ASP A 322 62.96 14.32 -38.41
C ASP A 322 63.65 13.09 -37.80
N VAL A 323 63.71 12.02 -38.60
CA VAL A 323 64.32 10.76 -38.21
C VAL A 323 65.10 10.24 -39.42
N VAL A 324 66.25 9.63 -39.17
CA VAL A 324 67.04 8.90 -40.20
C VAL A 324 67.41 7.49 -39.74
N PRO A 325 67.59 6.54 -40.69
CA PRO A 325 67.85 5.16 -40.30
C PRO A 325 68.90 4.97 -39.20
N LYS A 326 70.00 5.71 -39.28
CA LYS A 326 71.15 5.42 -38.41
C LYS A 326 70.89 5.84 -36.95
N ASP A 327 70.03 6.83 -36.75
CA ASP A 327 69.54 7.21 -35.42
C ASP A 327 68.63 6.14 -34.80
N VAL A 328 67.81 5.50 -35.63
CA VAL A 328 66.94 4.40 -35.21
C VAL A 328 67.75 3.15 -34.78
N ASN A 329 68.73 2.76 -35.58
CA ASN A 329 69.56 1.58 -35.27
C ASN A 329 70.37 1.79 -34.01
N ALA A 330 70.96 2.98 -33.89
CA ALA A 330 71.64 3.37 -32.66
C ALA A 330 70.71 3.33 -31.43
N ALA A 331 69.46 3.74 -31.59
CA ALA A 331 68.49 3.65 -30.51
C ALA A 331 68.11 2.20 -30.24
N ILE A 332 67.87 1.41 -31.30
CA ILE A 332 67.52 -0.02 -31.16
C ILE A 332 68.64 -0.82 -30.46
N ALA A 333 69.89 -0.48 -30.78
CA ALA A 333 71.07 -1.07 -30.15
C ALA A 333 71.12 -0.84 -28.64
N THR A 334 70.99 0.42 -28.21
CA THR A 334 70.89 0.80 -26.80
C THR A 334 69.77 0.02 -26.09
N ILE A 335 68.55 0.16 -26.62
CA ILE A 335 67.35 -0.43 -26.02
C ILE A 335 67.47 -1.96 -25.88
N LYS A 336 68.04 -2.67 -26.85
CA LYS A 336 68.15 -4.14 -26.76
C LYS A 336 68.95 -4.60 -25.53
N THR A 337 69.99 -3.86 -25.18
CA THR A 337 70.84 -4.22 -24.05
C THR A 337 70.22 -3.94 -22.69
N LYS A 338 69.22 -3.04 -22.62
CA LYS A 338 68.56 -2.68 -21.35
C LYS A 338 67.30 -3.52 -21.05
N ARG A 339 66.39 -3.57 -22.02
CA ARG A 339 65.03 -4.06 -21.81
C ARG A 339 64.87 -5.55 -22.16
N SER A 340 63.73 -6.10 -21.76
CA SER A 340 63.42 -7.52 -21.93
C SER A 340 62.54 -7.72 -23.16
N ILE A 341 63.19 -8.02 -24.29
CA ILE A 341 62.52 -8.08 -25.57
C ILE A 341 62.77 -9.47 -26.13
N GLN A 342 62.14 -10.44 -25.47
CA GLN A 342 62.18 -11.84 -25.86
C GLN A 342 61.16 -12.10 -26.97
N PHE A 343 61.61 -12.62 -28.10
CA PHE A 343 60.75 -13.01 -29.22
C PHE A 343 60.50 -14.52 -29.18
N VAL A 344 59.54 -14.94 -29.98
CA VAL A 344 59.27 -16.38 -30.15
C VAL A 344 60.33 -17.05 -31.03
N ASP A 345 60.66 -18.29 -30.67
CA ASP A 345 61.73 -19.05 -31.32
C ASP A 345 61.62 -19.17 -32.85
N TRP A 346 60.38 -19.21 -33.36
CA TRP A 346 60.16 -19.30 -34.81
C TRP A 346 60.22 -17.99 -35.58
N CYS A 347 60.22 -16.85 -34.90
CA CYS A 347 60.24 -15.56 -35.58
C CYS A 347 61.61 -14.93 -35.47
N PRO A 348 62.01 -14.18 -36.51
CA PRO A 348 63.25 -13.43 -36.41
C PRO A 348 63.06 -12.28 -35.45
N THR A 349 63.97 -12.15 -34.49
CA THR A 349 63.99 -11.00 -33.60
C THR A 349 64.42 -9.79 -34.43
N GLY A 350 63.47 -8.91 -34.76
CA GLY A 350 63.75 -7.75 -35.60
C GLY A 350 62.71 -6.66 -35.55
N PHE A 351 62.95 -5.59 -36.31
CA PHE A 351 62.04 -4.47 -36.41
C PHE A 351 61.91 -4.06 -37.87
N LYS A 352 60.68 -3.91 -38.38
CA LYS A 352 60.43 -3.29 -39.68
C LYS A 352 60.22 -1.82 -39.44
N VAL A 353 61.11 -0.97 -39.94
CA VAL A 353 60.98 0.49 -39.73
C VAL A 353 60.33 1.18 -40.93
N GLY A 354 59.58 2.23 -40.62
CA GLY A 354 58.96 3.10 -41.62
C GLY A 354 59.08 4.52 -41.12
N ILE A 355 59.66 5.40 -41.95
CA ILE A 355 59.83 6.82 -41.61
C ILE A 355 59.18 7.65 -42.68
N ASN A 356 58.41 8.64 -42.25
CA ASN A 356 57.85 9.67 -43.10
C ASN A 356 58.36 10.98 -42.55
N TYR A 357 58.97 11.80 -43.40
CA TYR A 357 59.64 13.04 -42.95
C TYR A 357 58.70 14.15 -42.47
N GLN A 358 57.45 14.13 -42.92
CA GLN A 358 56.47 15.14 -42.51
C GLN A 358 56.06 14.90 -41.03
N PRO A 359 56.41 15.84 -40.12
CA PRO A 359 56.11 15.68 -38.68
C PRO A 359 54.61 15.68 -38.39
N PRO A 360 54.18 15.17 -37.21
CA PRO A 360 52.75 15.07 -36.95
C PRO A 360 52.05 16.43 -37.07
N THR A 361 50.85 16.41 -37.65
CA THR A 361 49.98 17.56 -37.69
C THR A 361 49.11 17.54 -36.44
N VAL A 362 48.79 18.70 -35.92
CA VAL A 362 47.93 18.79 -34.75
C VAL A 362 46.81 19.76 -35.04
N VAL A 363 45.64 19.46 -34.49
CA VAL A 363 44.45 20.25 -34.71
C VAL A 363 44.69 21.61 -34.07
N PRO A 364 44.44 22.71 -34.81
CA PRO A 364 44.67 24.02 -34.17
C PRO A 364 43.75 24.23 -32.97
N GLY A 365 44.31 24.84 -31.92
CA GLY A 365 43.62 25.00 -30.64
C GLY A 365 43.27 23.65 -29.99
N GLY A 366 44.11 22.65 -30.23
CA GLY A 366 43.94 21.33 -29.64
C GLY A 366 44.80 21.23 -28.40
N ASP A 367 44.89 20.02 -27.88
CA ASP A 367 45.63 19.77 -26.64
C ASP A 367 47.09 19.34 -26.87
N LEU A 368 47.37 18.68 -27.99
N LEU A 368 47.38 18.69 -28.00
CA LEU A 368 48.71 18.17 -28.27
CA LEU A 368 48.71 18.15 -28.26
C LEU A 368 49.65 19.24 -28.80
C LEU A 368 49.65 19.22 -28.82
N ALA A 369 50.90 19.22 -28.35
CA ALA A 369 51.93 20.11 -28.86
C ALA A 369 52.48 19.54 -30.19
N LYS A 370 52.79 20.45 -31.12
CA LYS A 370 53.60 20.12 -32.31
C LYS A 370 54.98 19.64 -31.84
N VAL A 371 55.51 18.60 -32.49
CA VAL A 371 56.80 18.03 -32.14
C VAL A 371 57.60 17.81 -33.37
N GLN A 372 58.91 17.80 -33.21
CA GLN A 372 59.84 17.59 -34.33
C GLN A 372 59.77 16.14 -34.79
N ARG A 373 59.55 15.21 -33.86
CA ARG A 373 59.50 13.79 -34.20
C ARG A 373 58.62 12.96 -33.23
N ALA A 374 57.87 12.04 -33.83
CA ALA A 374 57.04 11.12 -33.10
C ALA A 374 57.19 9.74 -33.72
N VAL A 375 56.77 8.72 -32.95
CA VAL A 375 56.79 7.34 -33.40
C VAL A 375 55.61 6.57 -32.85
N CYS A 376 55.09 5.65 -33.65
CA CYS A 376 54.09 4.70 -33.20
C CYS A 376 54.67 3.34 -33.39
N MET A 377 54.89 2.60 -32.29
CA MET A 377 55.28 1.19 -32.38
C MET A 377 54.04 0.31 -32.46
N LEU A 378 54.01 -0.59 -33.45
CA LEU A 378 53.00 -1.63 -33.56
C LEU A 378 53.66 -2.99 -33.28
N SER A 379 53.43 -3.55 -32.10
CA SER A 379 54.03 -4.84 -31.74
C SER A 379 52.95 -5.87 -31.44
N ASN A 380 53.06 -7.07 -32.03
CA ASN A 380 52.18 -8.17 -31.68
C ASN A 380 52.76 -8.97 -30.51
N THR A 381 52.47 -8.53 -29.30
CA THR A 381 52.97 -9.20 -28.12
C THR A 381 51.86 -10.04 -27.47
N THR A 382 52.26 -11.12 -26.80
CA THR A 382 51.32 -12.00 -26.12
C THR A 382 50.83 -11.39 -24.85
N ALA A 383 51.55 -10.39 -24.34
CA ALA A 383 51.11 -9.61 -23.21
C ALA A 383 49.73 -8.98 -23.35
N ILE A 384 49.20 -8.81 -24.57
CA ILE A 384 47.86 -8.20 -24.76
C ILE A 384 46.67 -9.09 -24.30
N ALA A 385 46.94 -10.37 -24.05
CA ALA A 385 45.94 -11.27 -23.50
C ALA A 385 45.57 -10.91 -22.09
N GLU A 386 46.43 -10.17 -21.38
CA GLU A 386 46.03 -9.56 -20.11
C GLU A 386 44.67 -8.85 -20.24
N ALA A 387 44.46 -8.16 -21.38
CA ALA A 387 43.22 -7.43 -21.64
C ALA A 387 42.02 -8.34 -21.79
N TRP A 388 42.22 -9.49 -22.41
CA TRP A 388 41.18 -10.51 -22.50
C TRP A 388 40.82 -11.16 -21.15
N ALA A 389 41.82 -11.46 -20.33
CA ALA A 389 41.61 -12.11 -19.04
C ALA A 389 40.73 -11.25 -18.12
N ARG A 390 41.05 -9.95 -18.04
CA ARG A 390 40.26 -8.97 -17.28
C ARG A 390 38.82 -8.94 -17.75
N LEU A 391 38.65 -8.83 -19.06
CA LEU A 391 37.33 -8.72 -19.64
C LEU A 391 36.55 -10.04 -19.47
N ASP A 392 37.26 -11.16 -19.62
CA ASP A 392 36.73 -12.50 -19.33
C ASP A 392 36.34 -12.71 -17.85
N HIS A 393 37.14 -12.23 -16.92
CA HIS A 393 36.81 -12.38 -15.49
C HIS A 393 35.47 -11.68 -15.16
N LYS A 394 35.40 -10.40 -15.52
CA LYS A 394 34.18 -9.59 -15.40
C LYS A 394 32.95 -10.24 -16.01
N PHE A 395 33.11 -10.92 -17.14
CA PHE A 395 32.03 -11.70 -17.74
C PHE A 395 31.66 -12.91 -16.87
N ASP A 396 32.66 -13.68 -16.44
CA ASP A 396 32.43 -14.82 -15.56
C ASP A 396 31.62 -14.44 -14.32
N LEU A 397 32.04 -13.34 -13.69
CA LEU A 397 31.41 -12.84 -12.46
C LEU A 397 29.91 -12.63 -12.63
N MET A 398 29.53 -11.85 -13.65
CA MET A 398 28.13 -11.54 -13.94
C MET A 398 27.37 -12.74 -14.44
N TYR A 399 28.00 -13.51 -15.33
CA TYR A 399 27.32 -14.60 -15.96
C TYR A 399 27.05 -15.77 -15.00
N ALA A 400 27.90 -15.99 -14.00
CA ALA A 400 27.62 -17.02 -12.98
C ALA A 400 26.24 -16.84 -12.34
N LYS A 401 25.83 -15.58 -12.15
CA LYS A 401 24.52 -15.24 -11.59
C LYS A 401 23.44 -15.07 -12.64
N ARG A 402 23.77 -15.25 -13.91
CA ARG A 402 22.84 -14.98 -15.01
C ARG A 402 22.37 -13.50 -15.09
N ALA A 403 23.12 -12.61 -14.48
CA ALA A 403 22.72 -11.22 -14.30
C ALA A 403 22.63 -10.51 -15.64
N PHE A 404 21.51 -9.84 -15.89
CA PHE A 404 21.24 -9.09 -17.15
C PHE A 404 20.96 -9.96 -18.39
N VAL A 405 21.26 -11.25 -18.34
CA VAL A 405 21.06 -12.18 -19.47
C VAL A 405 19.66 -12.10 -20.09
N HIS A 406 18.65 -11.89 -19.26
CA HIS A 406 17.26 -11.86 -19.74
C HIS A 406 17.03 -10.76 -20.78
N TRP A 407 17.76 -9.66 -20.72
CA TRP A 407 17.58 -8.59 -21.72
C TRP A 407 17.99 -9.08 -23.10
N TYR A 408 18.98 -9.97 -23.15
CA TYR A 408 19.55 -10.42 -24.43
C TYR A 408 18.60 -11.46 -25.06
N VAL A 409 18.23 -12.45 -24.24
CA VAL A 409 17.28 -13.52 -24.58
C VAL A 409 15.98 -12.90 -25.11
N GLY A 410 15.49 -11.88 -24.41
CA GLY A 410 14.30 -11.17 -24.83
C GLY A 410 14.33 -10.54 -26.20
N GLU A 411 15.52 -10.32 -26.75
CA GLU A 411 15.67 -9.85 -28.13
C GLU A 411 15.93 -11.04 -29.06
N GLY A 412 15.62 -12.26 -28.62
CA GLY A 412 15.68 -13.42 -29.50
C GLY A 412 16.90 -14.28 -29.38
N MET A 413 17.89 -13.83 -28.63
CA MET A 413 19.14 -14.53 -28.53
C MET A 413 18.97 -15.74 -27.60
N GLU A 414 19.95 -16.63 -27.58
CA GLU A 414 19.90 -17.84 -26.79
C GLU A 414 20.94 -17.85 -25.70
N GLU A 415 20.56 -18.26 -24.50
CA GLU A 415 21.50 -18.34 -23.38
C GLU A 415 22.77 -19.10 -23.78
N GLY A 416 22.65 -20.01 -24.77
CA GLY A 416 23.79 -20.78 -25.27
C GLY A 416 24.90 -19.99 -25.93
N GLU A 417 24.53 -18.95 -26.68
CA GLU A 417 25.52 -18.07 -27.32
C GLU A 417 26.47 -17.36 -26.34
N PHE A 418 26.05 -17.16 -25.08
CA PHE A 418 26.95 -16.64 -24.04
C PHE A 418 28.14 -17.55 -23.73
N SER A 419 27.89 -18.84 -23.51
CA SER A 419 28.96 -19.79 -23.11
C SER A 419 29.78 -20.22 -24.34
N GLU A 420 29.12 -20.22 -25.50
CA GLU A 420 29.75 -20.45 -26.78
C GLU A 420 30.82 -19.37 -27.05
N ALA A 421 30.40 -18.11 -26.98
CA ALA A 421 31.30 -16.97 -27.07
C ALA A 421 32.43 -17.00 -26.05
N ARG A 422 32.08 -17.28 -24.81
CA ARG A 422 33.04 -17.40 -23.71
C ARG A 422 34.00 -18.57 -23.83
N GLU A 423 33.58 -19.66 -24.48
CA GLU A 423 34.51 -20.78 -24.73
C GLU A 423 35.54 -20.48 -25.82
N ASP A 424 35.13 -19.74 -26.83
CA ASP A 424 36.04 -19.26 -27.85
C ASP A 424 37.15 -18.39 -27.22
N MET A 425 36.75 -17.48 -26.32
CA MET A 425 37.68 -16.64 -25.55
C MET A 425 38.56 -17.47 -24.62
N ALA A 426 38.00 -18.50 -24.02
CA ALA A 426 38.77 -19.43 -23.19
C ALA A 426 39.87 -20.07 -24.02
N ALA A 427 39.50 -20.48 -25.23
CA ALA A 427 40.44 -20.99 -26.21
C ALA A 427 41.43 -19.90 -26.65
N LEU A 428 40.92 -18.70 -26.96
CA LEU A 428 41.79 -17.58 -27.34
C LEU A 428 42.89 -17.32 -26.30
N GLU A 429 42.53 -17.29 -25.02
CA GLU A 429 43.51 -17.09 -23.95
C GLU A 429 44.53 -18.19 -23.85
N LYS A 430 44.11 -19.40 -24.19
CA LYS A 430 44.95 -20.60 -24.16
C LYS A 430 45.92 -20.60 -25.34
N ASP A 431 45.51 -20.06 -26.50
CA ASP A 431 46.40 -19.88 -27.66
C ASP A 431 47.54 -18.94 -27.29
N TYR A 432 47.20 -17.80 -26.70
CA TYR A 432 48.21 -16.84 -26.29
C TYR A 432 49.19 -17.43 -25.28
N GLU A 433 48.72 -18.32 -24.42
CA GLU A 433 49.58 -18.89 -23.39
C GLU A 433 50.57 -19.91 -23.95
N GLU A 434 50.16 -20.65 -24.99
CA GLU A 434 51.02 -21.61 -25.67
C GLU A 434 52.23 -20.91 -26.30
N VAL A 435 51.91 -19.98 -27.19
CA VAL A 435 52.88 -19.11 -27.85
C VAL A 435 53.77 -18.31 -26.85
N GLY A 436 53.20 -17.91 -25.73
CA GLY A 436 53.88 -17.07 -24.74
C GLY A 436 54.77 -17.73 -23.71
N VAL A 437 54.65 -19.05 -23.50
CA VAL A 437 55.49 -19.79 -22.53
C VAL A 437 55.87 -21.17 -23.05
N MET B 1 14.42 7.91 -29.67
CA MET B 1 13.63 7.85 -28.40
C MET B 1 13.68 9.18 -27.66
N ARG B 2 12.54 9.87 -27.68
CA ARG B 2 12.37 11.04 -26.85
C ARG B 2 11.05 11.09 -26.08
N GLU B 3 9.90 10.98 -26.75
CA GLU B 3 8.62 11.33 -26.08
C GLU B 3 8.22 10.36 -25.01
N ILE B 4 7.88 10.90 -23.84
CA ILE B 4 7.31 10.13 -22.75
C ILE B 4 5.87 10.61 -22.65
N VAL B 5 4.99 9.70 -22.26
CA VAL B 5 3.58 10.02 -21.96
C VAL B 5 3.33 9.79 -20.47
N HIS B 6 2.85 10.84 -19.82
CA HIS B 6 2.69 10.85 -18.40
C HIS B 6 1.22 10.67 -18.10
N ILE B 7 0.93 9.79 -17.15
CA ILE B 7 -0.41 9.60 -16.65
C ILE B 7 -0.40 9.76 -15.15
N GLN B 8 -1.36 10.50 -14.61
CA GLN B 8 -1.50 10.63 -13.15
C GLN B 8 -2.91 10.16 -12.75
N ALA B 9 -2.97 9.22 -11.78
CA ALA B 9 -4.23 8.58 -11.36
C ALA B 9 -4.56 8.73 -9.87
N GLY B 10 -5.79 9.17 -9.59
CA GLY B 10 -6.30 9.24 -8.22
C GLY B 10 -5.87 10.49 -7.47
N GLN B 11 -6.22 10.57 -6.19
CA GLN B 11 -5.89 11.74 -5.37
C GLN B 11 -4.39 12.01 -5.38
N CYS B 12 -3.64 11.00 -4.95
CA CYS B 12 -2.19 11.08 -4.78
C CYS B 12 -1.53 11.23 -6.14
N GLY B 13 -1.87 10.34 -7.07
CA GLY B 13 -1.36 10.42 -8.43
C GLY B 13 -1.43 11.82 -9.00
N ASN B 14 -2.56 12.49 -8.84
CA ASN B 14 -2.75 13.84 -9.40
C ASN B 14 -2.17 14.97 -8.54
N GLN B 15 -2.06 14.75 -7.23
CA GLN B 15 -1.47 15.75 -6.37
C GLN B 15 0.02 15.82 -6.67
N ILE B 16 0.71 14.68 -6.66
CA ILE B 16 2.17 14.70 -6.84
C ILE B 16 2.48 15.03 -8.29
N GLY B 17 1.66 14.51 -9.20
CA GLY B 17 1.79 14.77 -10.61
C GLY B 17 1.62 16.24 -10.95
N ALA B 18 0.72 16.95 -10.26
CA ALA B 18 0.63 18.40 -10.43
C ALA B 18 1.93 19.07 -9.99
N LYS B 19 2.51 18.65 -8.87
CA LYS B 19 3.74 19.29 -8.36
C LYS B 19 4.91 19.06 -9.33
N PHE B 20 4.94 17.88 -9.94
CA PHE B 20 5.96 17.53 -10.93
C PHE B 20 5.96 18.48 -12.12
N TRP B 21 4.77 18.71 -12.68
CA TRP B 21 4.60 19.69 -13.76
C TRP B 21 4.87 21.11 -13.34
N GLU B 22 4.53 21.48 -12.10
CA GLU B 22 4.94 22.77 -11.55
C GLU B 22 6.49 22.86 -11.51
N VAL B 23 7.16 21.86 -10.92
CA VAL B 23 8.62 21.90 -10.75
C VAL B 23 9.35 21.93 -12.09
N ILE B 24 9.04 21.00 -12.99
CA ILE B 24 9.79 20.93 -14.26
C ILE B 24 9.40 22.07 -15.21
N SER B 25 8.19 22.59 -15.14
CA SER B 25 7.85 23.74 -16.00
C SER B 25 8.66 24.98 -15.67
N ASP B 26 8.97 25.17 -14.38
CA ASP B 26 9.87 26.23 -13.94
C ASP B 26 11.30 25.98 -14.43
N GLU B 27 11.72 24.71 -14.39
CA GLU B 27 13.05 24.35 -14.87
C GLU B 27 13.26 24.53 -16.36
N HIS B 28 12.20 24.40 -17.15
CA HIS B 28 12.24 24.56 -18.61
C HIS B 28 11.71 25.91 -19.08
N GLY B 29 11.56 26.85 -18.15
CA GLY B 29 11.09 28.20 -18.47
C GLY B 29 9.70 28.33 -19.07
N ILE B 30 8.74 27.52 -18.62
CA ILE B 30 7.34 27.60 -19.08
C ILE B 30 6.50 28.18 -17.95
N ASP B 31 5.55 29.03 -18.31
CA ASP B 31 4.78 29.84 -17.33
C ASP B 31 3.38 29.25 -17.11
N PRO B 32 2.57 29.82 -16.19
CA PRO B 32 1.28 29.23 -15.86
C PRO B 32 0.24 29.10 -16.99
N THR B 33 0.44 29.81 -18.10
CA THR B 33 -0.42 29.72 -19.30
C THR B 33 0.18 28.91 -20.47
N GLY B 34 1.49 28.64 -20.43
CA GLY B 34 2.14 27.76 -21.42
C GLY B 34 3.22 28.36 -22.28
N SER B 35 3.52 29.66 -22.10
CA SER B 35 4.53 30.37 -22.92
C SER B 35 5.93 30.28 -22.33
N TYR B 36 6.92 30.24 -23.22
CA TYR B 36 8.34 30.17 -22.86
C TYR B 36 8.96 31.56 -22.63
N HIS B 37 9.28 31.90 -21.38
CA HIS B 37 9.97 33.14 -21.00
C HIS B 37 11.28 32.80 -20.28
N GLY B 38 12.12 32.00 -20.93
CA GLY B 38 13.37 31.51 -20.35
C GLY B 38 14.57 32.42 -20.59
N ASP B 39 15.71 31.81 -20.96
CA ASP B 39 17.01 32.51 -21.14
C ASP B 39 18.12 31.60 -21.74
N SER B 40 18.17 30.35 -21.31
CA SER B 40 19.09 29.35 -21.86
C SER B 40 18.45 28.48 -22.95
N ASP B 41 19.18 28.22 -24.03
CA ASP B 41 18.74 27.27 -25.06
C ASP B 41 18.69 25.84 -24.55
N LEU B 42 19.49 25.52 -23.54
CA LEU B 42 19.49 24.17 -22.94
C LEU B 42 18.13 23.80 -22.31
N GLN B 43 17.35 24.81 -21.94
CA GLN B 43 15.98 24.61 -21.43
C GLN B 43 15.01 24.05 -22.46
N LEU B 44 15.20 24.38 -23.74
CA LEU B 44 14.26 23.93 -24.80
C LEU B 44 14.77 22.75 -25.64
N GLU B 45 16.02 22.35 -25.46
CA GLU B 45 16.67 21.39 -26.37
C GLU B 45 16.00 20.02 -26.37
N ARG B 46 15.49 19.58 -25.21
CA ARG B 46 14.74 18.32 -25.11
C ARG B 46 13.42 18.53 -24.34
N ILE B 47 12.82 19.70 -24.54
CA ILE B 47 11.48 20.02 -24.04
C ILE B 47 10.45 19.09 -24.66
N ASN B 48 10.78 18.56 -25.84
CA ASN B 48 9.95 17.57 -26.51
C ASN B 48 9.69 16.26 -25.74
N VAL B 49 10.56 15.90 -24.79
CA VAL B 49 10.42 14.65 -24.03
C VAL B 49 9.11 14.62 -23.22
N TYR B 50 8.76 15.76 -22.63
CA TYR B 50 7.57 15.85 -21.81
C TYR B 50 6.51 16.82 -22.31
N TYR B 51 6.83 17.75 -23.20
CA TYR B 51 5.81 18.72 -23.69
C TYR B 51 5.58 18.62 -25.21
N ASN B 52 4.35 18.85 -25.66
CA ASN B 52 4.02 19.10 -27.07
C ASN B 52 4.07 20.58 -27.39
N GLU B 53 4.52 20.91 -28.60
CA GLU B 53 4.51 22.29 -29.09
C GLU B 53 3.12 22.52 -29.69
N ALA B 54 2.54 23.68 -29.43
CA ALA B 54 1.18 24.01 -29.87
C ALA B 54 1.10 25.28 -30.74
N THR B 55 -0.11 25.65 -31.17
CA THR B 55 -0.35 26.83 -32.00
C THR B 55 0.00 28.14 -31.26
N GLY B 56 1.05 28.83 -31.74
CA GLY B 56 1.54 30.06 -31.12
C GLY B 56 2.75 29.89 -30.20
N ASN B 57 3.51 28.82 -30.42
CA ASN B 57 4.60 28.41 -29.52
C ASN B 57 4.19 28.37 -28.02
N LYS B 58 3.07 27.70 -27.76
CA LYS B 58 2.71 27.25 -26.40
C LYS B 58 3.27 25.82 -26.25
N TYR B 59 3.70 25.47 -25.05
CA TYR B 59 4.10 24.10 -24.75
C TYR B 59 3.07 23.46 -23.84
N VAL B 60 2.54 22.31 -24.26
CA VAL B 60 1.45 21.62 -23.55
C VAL B 60 1.92 20.26 -23.00
N PRO B 61 1.90 20.09 -21.67
CA PRO B 61 2.30 18.81 -21.08
C PRO B 61 1.61 17.60 -21.70
N ARG B 62 2.41 16.59 -22.02
CA ARG B 62 1.88 15.36 -22.59
C ARG B 62 1.36 14.48 -21.44
N ALA B 63 0.26 14.95 -20.84
CA ALA B 63 -0.18 14.50 -19.53
C ALA B 63 -1.66 14.14 -19.57
N ILE B 64 -1.98 12.96 -19.05
CA ILE B 64 -3.34 12.50 -18.96
C ILE B 64 -3.68 12.39 -17.49
N LEU B 65 -4.77 13.04 -17.11
CA LEU B 65 -5.19 13.18 -15.71
C LEU B 65 -6.43 12.33 -15.49
N VAL B 66 -6.31 11.34 -14.61
CA VAL B 66 -7.31 10.29 -14.44
C VAL B 66 -7.75 10.22 -12.98
N ASP B 67 -9.06 10.23 -12.77
CA ASP B 67 -9.61 9.91 -11.46
C ASP B 67 -11.01 9.37 -11.65
N LEU B 68 -11.52 8.64 -10.66
CA LEU B 68 -12.91 8.18 -10.65
C LEU B 68 -13.85 9.16 -9.99
N GLU B 69 -13.33 10.24 -9.42
CA GLU B 69 -14.17 11.32 -8.94
C GLU B 69 -13.59 12.67 -9.32
N PRO B 70 -14.42 13.71 -9.41
CA PRO B 70 -13.92 15.02 -9.89
C PRO B 70 -13.31 15.94 -8.83
N GLY B 71 -13.38 15.55 -7.55
CA GLY B 71 -12.78 16.28 -6.45
C GLY B 71 -11.37 16.77 -6.72
N THR B 72 -10.41 15.85 -6.78
CA THR B 72 -9.00 16.17 -7.03
C THR B 72 -8.76 16.89 -8.37
N MET B 73 -9.46 16.50 -9.42
CA MET B 73 -9.19 17.12 -10.72
C MET B 73 -9.79 18.49 -10.93
N ASP B 74 -10.84 18.85 -10.20
CA ASP B 74 -11.24 20.27 -10.15
C ASP B 74 -10.20 21.11 -9.39
N SER B 75 -9.57 20.53 -8.35
CA SER B 75 -8.47 21.20 -7.62
C SER B 75 -7.24 21.44 -8.48
N VAL B 76 -6.95 20.52 -9.40
CA VAL B 76 -5.77 20.63 -10.24
C VAL B 76 -5.98 21.77 -11.23
N ARG B 77 -7.19 21.87 -11.76
CA ARG B 77 -7.53 22.96 -12.67
C ARG B 77 -7.59 24.32 -11.96
N SER B 78 -8.06 24.33 -10.71
CA SER B 78 -8.02 25.52 -9.82
C SER B 78 -6.60 26.00 -9.52
N GLY B 79 -5.70 25.05 -9.25
CA GLY B 79 -4.37 25.33 -8.73
C GLY B 79 -3.41 26.07 -9.65
N PRO B 80 -2.21 26.42 -9.15
CA PRO B 80 -1.30 27.41 -9.79
C PRO B 80 -1.00 27.22 -11.29
N PHE B 81 -0.76 25.98 -11.71
CA PHE B 81 -0.36 25.65 -13.08
C PHE B 81 -1.44 24.87 -13.86
N GLY B 82 -2.66 24.82 -13.33
CA GLY B 82 -3.73 24.00 -13.93
C GLY B 82 -4.12 24.30 -15.37
N GLN B 83 -3.99 25.57 -15.77
CA GLN B 83 -4.47 26.02 -17.06
C GLN B 83 -3.54 25.58 -18.21
N ILE B 84 -2.39 25.00 -17.88
CA ILE B 84 -1.45 24.51 -18.87
C ILE B 84 -1.83 23.15 -19.48
N PHE B 85 -2.56 22.33 -18.73
CA PHE B 85 -2.87 20.95 -19.18
C PHE B 85 -3.91 21.01 -20.26
N ARG B 86 -3.83 20.08 -21.22
CA ARG B 86 -4.78 20.02 -22.35
C ARG B 86 -6.14 19.55 -21.82
N PRO B 87 -7.19 20.36 -22.03
CA PRO B 87 -8.46 20.03 -21.33
C PRO B 87 -9.13 18.68 -21.74
N ASP B 88 -8.89 18.19 -22.95
CA ASP B 88 -9.39 16.87 -23.37
C ASP B 88 -8.78 15.71 -22.61
N ASN B 89 -7.59 15.91 -22.04
CA ASN B 89 -6.89 14.86 -21.28
C ASN B 89 -7.37 14.70 -19.84
N PHE B 90 -8.27 15.57 -19.38
CA PHE B 90 -8.94 15.38 -18.11
C PHE B 90 -10.05 14.34 -18.34
N VAL B 91 -9.82 13.12 -17.86
CA VAL B 91 -10.78 12.02 -17.98
C VAL B 91 -11.16 11.53 -16.58
N PHE B 92 -12.43 11.72 -16.22
CA PHE B 92 -12.91 11.49 -14.86
C PHE B 92 -14.28 10.82 -14.79
N GLY B 93 -14.48 9.97 -13.79
CA GLY B 93 -15.79 9.40 -13.48
C GLY B 93 -16.51 10.23 -12.44
N GLN B 94 -17.61 9.71 -11.90
CA GLN B 94 -18.40 10.46 -10.92
C GLN B 94 -18.42 9.88 -9.50
N SER B 95 -18.55 8.56 -9.38
CA SER B 95 -18.79 7.90 -8.07
C SER B 95 -17.55 7.58 -7.21
N GLY B 96 -16.34 7.74 -7.75
CA GLY B 96 -15.13 7.42 -6.99
C GLY B 96 -14.96 5.94 -6.72
N ALA B 97 -13.96 5.60 -5.91
CA ALA B 97 -13.54 4.21 -5.68
C ALA B 97 -13.44 3.79 -4.21
N GLY B 98 -13.79 4.67 -3.26
CA GLY B 98 -13.90 4.31 -1.86
C GLY B 98 -12.74 3.54 -1.28
N ASN B 99 -11.52 3.97 -1.61
CA ASN B 99 -10.29 3.26 -1.24
C ASN B 99 -10.34 1.75 -1.44
N ASN B 100 -11.01 1.30 -2.48
CA ASN B 100 -11.21 -0.10 -2.74
C ASN B 100 -10.52 -0.50 -4.04
N TRP B 101 -9.49 -1.32 -3.94
CA TRP B 101 -8.78 -1.79 -5.14
C TRP B 101 -9.72 -2.40 -6.16
N ALA B 102 -10.65 -3.23 -5.70
CA ALA B 102 -11.55 -3.94 -6.58
C ALA B 102 -12.37 -2.98 -7.40
N LYS B 103 -12.85 -1.90 -6.81
CA LYS B 103 -13.65 -0.92 -7.57
C LYS B 103 -12.82 -0.26 -8.67
N GLY B 104 -11.54 0.01 -8.38
CA GLY B 104 -10.64 0.58 -9.35
C GLY B 104 -10.32 -0.37 -10.49
N HIS B 105 -10.01 -1.61 -10.14
CA HIS B 105 -9.54 -2.60 -11.12
C HIS B 105 -10.66 -3.30 -11.88
N TYR B 106 -11.73 -3.68 -11.17
CA TYR B 106 -12.75 -4.57 -11.70
C TYR B 106 -14.14 -4.04 -12.02
N THR B 107 -14.58 -2.97 -11.40
CA THR B 107 -15.94 -2.51 -11.60
C THR B 107 -15.97 -1.05 -12.03
N GLU B 108 -15.87 -0.12 -11.09
CA GLU B 108 -15.96 1.30 -11.43
C GLU B 108 -14.95 1.69 -12.50
N GLY B 109 -13.70 1.26 -12.34
CA GLY B 109 -12.59 1.71 -13.19
C GLY B 109 -12.63 1.11 -14.57
N ALA B 110 -12.98 -0.16 -14.64
CA ALA B 110 -13.27 -0.85 -15.90
C ALA B 110 -14.20 -0.04 -16.81
N GLU B 111 -15.26 0.52 -16.24
CA GLU B 111 -16.17 1.43 -16.98
C GLU B 111 -15.47 2.61 -17.67
N LEU B 112 -14.47 3.19 -17.01
CA LEU B 112 -13.78 4.41 -17.45
C LEU B 112 -12.51 4.19 -18.28
N VAL B 113 -11.86 3.03 -18.13
CA VAL B 113 -10.51 2.86 -18.68
C VAL B 113 -10.40 3.05 -20.18
N ASP B 114 -11.40 2.61 -20.95
CA ASP B 114 -11.34 2.71 -22.41
C ASP B 114 -11.29 4.18 -22.93
N SER B 115 -11.91 5.11 -22.20
CA SER B 115 -11.77 6.55 -22.48
C SER B 115 -10.36 7.05 -22.22
N VAL B 116 -9.72 6.57 -21.15
CA VAL B 116 -8.36 7.01 -20.83
C VAL B 116 -7.46 6.54 -21.96
N LEU B 117 -7.62 5.27 -22.37
CA LEU B 117 -6.83 4.72 -23.47
C LEU B 117 -7.02 5.42 -24.83
N ASP B 118 -8.14 6.08 -25.05
CA ASP B 118 -8.35 6.91 -26.25
C ASP B 118 -7.51 8.19 -26.22
N VAL B 119 -7.38 8.81 -25.05
CA VAL B 119 -6.48 9.96 -24.87
C VAL B 119 -5.00 9.54 -24.95
N VAL B 120 -4.67 8.37 -24.37
CA VAL B 120 -3.32 7.78 -24.42
C VAL B 120 -2.91 7.59 -25.87
N ARG B 121 -3.80 6.94 -26.62
CA ARG B 121 -3.62 6.72 -28.07
C ARG B 121 -3.54 8.02 -28.89
N LYS B 122 -4.31 9.03 -28.50
CA LYS B 122 -4.20 10.35 -29.12
C LYS B 122 -2.79 10.94 -28.92
N GLU B 123 -2.33 10.99 -27.67
CA GLU B 123 -0.99 11.50 -27.37
C GLU B 123 0.11 10.61 -27.97
N SER B 124 -0.04 9.29 -27.87
CA SER B 124 0.91 8.32 -28.47
C SER B 124 1.12 8.47 -29.99
N GLU B 125 0.07 8.84 -30.72
CA GLU B 125 0.13 8.91 -32.18
C GLU B 125 0.92 10.11 -32.68
N SER B 126 0.72 11.28 -32.08
CA SER B 126 1.43 12.48 -32.48
C SER B 126 2.77 12.59 -31.73
N CYS B 127 3.53 11.49 -31.76
CA CYS B 127 4.82 11.36 -31.09
C CYS B 127 5.79 10.81 -32.12
N ASP B 128 6.90 11.51 -32.31
CA ASP B 128 7.94 11.11 -33.25
C ASP B 128 8.48 9.70 -32.89
N CYS B 129 8.96 9.52 -31.66
CA CYS B 129 9.43 8.21 -31.19
C CYS B 129 9.20 8.01 -29.68
N LEU B 130 8.02 7.46 -29.37
CA LEU B 130 7.63 7.22 -27.99
C LEU B 130 8.54 6.20 -27.34
N GLN B 131 9.14 6.55 -26.19
CA GLN B 131 9.97 5.61 -25.42
C GLN B 131 9.13 4.86 -24.42
N GLY B 132 8.14 5.53 -23.84
CA GLY B 132 7.26 4.86 -22.91
C GLY B 132 6.35 5.76 -22.10
N PHE B 133 5.92 5.21 -20.99
CA PHE B 133 4.89 5.79 -20.16
C PHE B 133 5.40 5.87 -18.76
N GLN B 134 5.09 6.96 -18.07
CA GLN B 134 5.27 6.99 -16.63
C GLN B 134 3.94 7.26 -15.94
N LEU B 135 3.67 6.55 -14.85
CA LEU B 135 2.46 6.74 -14.09
C LEU B 135 2.82 7.23 -12.69
N THR B 136 2.07 8.22 -12.22
CA THR B 136 2.09 8.60 -10.82
C THR B 136 0.78 8.14 -10.16
N HIS B 137 0.91 7.48 -9.02
CA HIS B 137 -0.20 6.94 -8.29
C HIS B 137 0.26 6.52 -6.92
N SER B 138 -0.65 6.39 -5.96
CA SER B 138 -0.39 5.61 -4.75
C SER B 138 -0.91 4.19 -4.93
N LEU B 139 -0.38 3.28 -4.10
CA LEU B 139 -0.77 1.88 -4.05
C LEU B 139 -1.81 1.60 -2.98
N GLY B 140 -2.17 2.61 -2.19
CA GLY B 140 -2.96 2.41 -0.96
C GLY B 140 -4.44 2.65 -1.07
N GLY B 141 -4.86 3.58 -1.93
CA GLY B 141 -6.30 3.83 -2.21
C GLY B 141 -6.90 2.82 -3.19
N GLY B 142 -7.88 3.27 -3.99
CA GLY B 142 -8.58 2.43 -4.97
C GLY B 142 -8.45 2.83 -6.44
N THR B 143 -8.53 4.13 -6.75
CA THR B 143 -8.35 4.59 -8.10
C THR B 143 -6.89 4.44 -8.58
N GLY B 144 -5.96 5.24 -8.08
CA GLY B 144 -4.54 5.14 -8.49
C GLY B 144 -3.92 3.75 -8.33
N SER B 145 -4.37 3.01 -7.32
CA SER B 145 -3.92 1.64 -7.09
C SER B 145 -4.51 0.63 -8.08
N GLY B 146 -5.83 0.42 -8.00
CA GLY B 146 -6.54 -0.60 -8.77
C GLY B 146 -6.74 -0.16 -10.19
N MET B 147 -7.25 1.04 -10.41
CA MET B 147 -7.44 1.48 -11.79
C MET B 147 -6.10 1.69 -12.45
N GLY B 148 -5.19 2.35 -11.73
CA GLY B 148 -3.86 2.57 -12.23
C GLY B 148 -3.23 1.30 -12.72
N THR B 149 -3.29 0.21 -11.94
CA THR B 149 -2.70 -1.06 -12.38
C THR B 149 -3.49 -1.75 -13.52
N LEU B 150 -4.79 -1.49 -13.60
CA LEU B 150 -5.58 -1.87 -14.75
C LEU B 150 -5.09 -1.19 -16.04
N LEU B 151 -4.97 0.15 -16.04
CA LEU B 151 -4.34 0.90 -17.15
C LEU B 151 -3.03 0.30 -17.63
N ILE B 152 -2.11 0.06 -16.68
CA ILE B 152 -0.76 -0.45 -16.95
C ILE B 152 -0.86 -1.72 -17.77
N SER B 153 -1.74 -2.60 -17.34
CA SER B 153 -2.01 -3.87 -18.00
C SER B 153 -2.53 -3.70 -19.42
N LYS B 154 -3.35 -2.69 -19.63
CA LYS B 154 -3.92 -2.39 -20.93
C LYS B 154 -2.87 -1.75 -21.82
N ILE B 155 -2.13 -0.78 -21.28
CA ILE B 155 -1.07 -0.12 -22.02
C ILE B 155 -0.03 -1.16 -22.50
N ARG B 156 0.34 -2.09 -21.63
CA ARG B 156 1.25 -3.14 -22.02
C ARG B 156 0.71 -3.99 -23.17
N GLU B 157 -0.60 -4.24 -23.18
CA GLU B 157 -1.24 -5.01 -24.28
C GLU B 157 -1.14 -4.29 -25.63
N GLU B 158 -1.45 -3.01 -25.65
CA GLU B 158 -1.42 -2.21 -26.86
C GLU B 158 0.00 -1.78 -27.28
N TYR B 159 0.91 -1.59 -26.31
CA TYR B 159 2.26 -1.09 -26.56
C TYR B 159 3.26 -1.98 -25.86
N PRO B 160 3.29 -3.28 -26.21
CA PRO B 160 4.09 -4.28 -25.45
C PRO B 160 5.59 -4.13 -25.48
N ASP B 161 6.08 -3.32 -26.42
CA ASP B 161 7.49 -3.03 -26.65
C ASP B 161 8.00 -1.70 -26.05
N ARG B 162 7.11 -0.83 -25.56
CA ARG B 162 7.48 0.43 -24.89
C ARG B 162 7.75 0.22 -23.41
N ILE B 163 8.50 1.15 -22.81
CA ILE B 163 8.87 1.09 -21.39
C ILE B 163 7.68 1.55 -20.52
N MET B 164 7.50 0.92 -19.37
CA MET B 164 6.54 1.38 -18.36
C MET B 164 7.30 1.75 -17.06
N ASN B 165 7.16 3.03 -16.68
CA ASN B 165 7.65 3.60 -15.40
C ASN B 165 6.53 3.90 -14.45
N THR B 166 6.73 3.60 -13.18
CA THR B 166 5.85 4.15 -12.15
C THR B 166 6.66 4.94 -11.14
N PHE B 167 6.09 6.04 -10.68
CA PHE B 167 6.33 6.59 -9.34
C PHE B 167 5.15 6.08 -8.49
N SER B 168 5.43 5.11 -7.62
CA SER B 168 4.39 4.41 -6.84
C SER B 168 4.56 4.72 -5.35
N VAL B 169 3.61 5.49 -4.81
CA VAL B 169 3.63 5.86 -3.41
C VAL B 169 3.13 4.72 -2.52
N VAL B 170 4.05 4.13 -1.76
CA VAL B 170 3.77 3.03 -0.85
C VAL B 170 3.14 3.61 0.47
N PRO B 171 2.14 2.92 1.07
CA PRO B 171 1.49 3.46 2.29
C PRO B 171 2.11 3.13 3.66
N SER B 172 1.76 3.94 4.67
CA SER B 172 2.18 3.74 6.07
C SER B 172 1.06 4.11 7.05
N PRO B 173 0.86 3.31 8.11
CA PRO B 173 0.10 3.75 9.28
C PRO B 173 0.45 5.16 9.80
N LYS B 174 1.72 5.58 9.66
CA LYS B 174 2.12 6.94 10.05
C LYS B 174 1.44 8.04 9.24
N VAL B 175 0.98 7.71 8.03
CA VAL B 175 0.19 8.61 7.17
C VAL B 175 -0.87 7.74 6.46
N SER B 176 -2.04 7.63 7.08
CA SER B 176 -2.96 6.53 6.80
C SER B 176 -4.38 6.98 6.62
N ASP B 177 -4.94 6.69 5.46
CA ASP B 177 -6.36 6.97 5.18
C ASP B 177 -7.35 5.90 5.69
N THR B 178 -6.93 4.64 5.79
CA THR B 178 -7.86 3.55 6.02
C THR B 178 -7.10 2.28 6.33
N VAL B 179 -7.76 1.35 7.01
CA VAL B 179 -7.10 0.13 7.42
C VAL B 179 -6.86 -0.82 6.27
N VAL B 180 -7.59 -0.66 5.17
CA VAL B 180 -7.43 -1.55 4.02
C VAL B 180 -6.23 -1.27 3.08
N GLU B 181 -5.38 -0.30 3.41
CA GLU B 181 -4.25 0.06 2.56
C GLU B 181 -3.31 -1.12 2.28
N PRO B 182 -2.94 -1.90 3.30
CA PRO B 182 -2.05 -3.00 3.01
C PRO B 182 -2.62 -3.97 1.97
N TYR B 183 -3.94 -4.17 2.02
CA TYR B 183 -4.63 -4.97 1.02
C TYR B 183 -4.47 -4.37 -0.35
N ASN B 184 -4.83 -3.12 -0.49
CA ASN B 184 -4.70 -2.45 -1.79
C ASN B 184 -3.26 -2.48 -2.32
N ALA B 185 -2.27 -2.30 -1.45
CA ALA B 185 -0.89 -2.22 -1.87
C ALA B 185 -0.41 -3.57 -2.33
N THR B 186 -0.76 -4.61 -1.58
CA THR B 186 -0.36 -5.96 -1.92
C THR B 186 -0.97 -6.43 -3.22
N LEU B 187 -2.21 -6.04 -3.50
CA LEU B 187 -2.85 -6.31 -4.82
C LEU B 187 -2.15 -5.55 -5.95
N SER B 188 -1.67 -4.34 -5.70
CA SER B 188 -0.96 -3.56 -6.73
C SER B 188 0.50 -4.00 -6.92
N VAL B 189 1.20 -4.36 -5.84
CA VAL B 189 2.59 -4.82 -5.98
C VAL B 189 2.64 -6.05 -6.89
N HIS B 190 1.69 -6.94 -6.73
CA HIS B 190 1.51 -8.12 -7.58
C HIS B 190 1.39 -7.74 -9.06
N GLN B 191 0.65 -6.67 -9.34
CA GLN B 191 0.62 -6.13 -10.68
C GLN B 191 1.96 -5.50 -11.13
N LEU B 192 2.59 -4.72 -10.25
CA LEU B 192 3.80 -3.98 -10.63
C LEU B 192 4.97 -4.88 -10.96
N VAL B 193 5.13 -5.94 -10.18
CA VAL B 193 6.16 -6.99 -10.40
C VAL B 193 6.06 -7.61 -11.80
N GLU B 194 4.85 -7.76 -12.32
CA GLU B 194 4.63 -8.33 -13.64
C GLU B 194 4.66 -7.32 -14.80
N ASN B 195 4.17 -6.11 -14.60
CA ASN B 195 3.85 -5.22 -15.73
C ASN B 195 4.62 -3.89 -15.83
N THR B 196 5.63 -3.67 -15.00
CA THR B 196 6.47 -2.46 -15.11
C THR B 196 7.90 -2.91 -15.31
N ASP B 197 8.67 -2.03 -15.95
CA ASP B 197 10.12 -2.17 -16.06
C ASP B 197 10.83 -1.49 -14.92
N GLU B 198 10.30 -0.37 -14.45
CA GLU B 198 10.92 0.38 -13.35
C GLU B 198 9.86 0.93 -12.44
N THR B 199 10.07 0.83 -11.13
CA THR B 199 9.23 1.49 -10.17
C THR B 199 10.07 2.20 -9.14
N TYR B 200 9.85 3.50 -9.03
CA TYR B 200 10.34 4.31 -7.92
C TYR B 200 9.42 4.12 -6.72
N CYS B 201 9.94 3.52 -5.64
CA CYS B 201 9.18 3.28 -4.41
C CYS B 201 9.33 4.49 -3.50
N ILE B 202 8.34 5.37 -3.55
CA ILE B 202 8.21 6.47 -2.63
C ILE B 202 7.41 5.97 -1.42
N ASP B 203 8.06 5.75 -0.28
CA ASP B 203 7.38 5.27 0.92
C ASP B 203 6.95 6.51 1.67
N ASN B 204 5.67 6.56 2.04
CA ASN B 204 5.14 7.64 2.87
C ASN B 204 5.69 7.57 4.31
N GLU B 205 6.09 6.37 4.74
CA GLU B 205 6.76 6.23 6.04
C GLU B 205 8.03 7.08 6.04
N ALA B 206 8.85 6.91 5.00
CA ALA B 206 10.13 7.61 4.88
C ALA B 206 9.96 9.13 4.73
N LEU B 207 8.92 9.55 4.03
CA LEU B 207 8.65 10.98 3.85
C LEU B 207 8.20 11.64 5.15
N TYR B 208 7.47 10.88 5.97
CA TYR B 208 6.98 11.38 7.24
C TYR B 208 8.17 11.59 8.17
N ASP B 209 9.05 10.60 8.22
CA ASP B 209 10.24 10.68 9.07
C ASP B 209 11.22 11.78 8.63
N ILE B 210 11.45 11.92 7.33
CA ILE B 210 12.27 13.02 6.86
C ILE B 210 11.64 14.33 7.34
N CYS B 211 10.35 14.49 7.09
CA CYS B 211 9.63 15.66 7.58
C CYS B 211 9.70 15.87 9.12
N PHE B 212 9.55 14.81 9.89
CA PHE B 212 9.57 14.90 11.35
C PHE B 212 11.00 15.08 11.87
N ARG B 213 11.83 14.05 11.71
CA ARG B 213 13.16 14.02 12.33
C ARG B 213 14.17 15.03 11.76
N THR B 214 14.32 15.04 10.46
CA THR B 214 15.40 15.79 9.81
C THR B 214 14.98 17.20 9.35
N LEU B 215 13.69 17.50 9.27
CA LEU B 215 13.26 18.85 8.84
C LEU B 215 12.50 19.64 9.91
N LYS B 216 12.29 19.02 11.08
CA LYS B 216 11.67 19.69 12.22
C LYS B 216 10.26 20.22 11.96
N LEU B 217 9.51 19.46 11.17
CA LEU B 217 8.09 19.69 10.99
C LEU B 217 7.38 18.76 11.96
N THR B 218 6.79 19.32 13.01
CA THR B 218 6.16 18.52 14.05
C THR B 218 4.88 17.85 13.53
N THR B 219 4.10 18.59 12.74
CA THR B 219 2.81 18.15 12.18
C THR B 219 2.80 18.24 10.63
N PRO B 220 3.40 17.23 9.97
CA PRO B 220 3.59 17.29 8.52
C PRO B 220 2.33 17.05 7.70
N THR B 221 2.01 17.96 6.79
CA THR B 221 0.90 17.81 5.84
C THR B 221 1.33 17.02 4.58
N TYR B 222 0.36 16.65 3.74
CA TYR B 222 0.67 16.05 2.42
C TYR B 222 1.49 17.01 1.54
N GLY B 223 1.28 18.33 1.67
CA GLY B 223 2.13 19.33 1.00
C GLY B 223 3.60 19.22 1.34
N ASP B 224 3.90 18.87 2.59
CA ASP B 224 5.28 18.75 3.06
C ASP B 224 5.91 17.48 2.52
N LEU B 225 5.14 16.39 2.49
CA LEU B 225 5.59 15.16 1.86
C LEU B 225 5.79 15.31 0.35
N ASN B 226 4.87 15.99 -0.33
CA ASN B 226 4.95 16.18 -1.80
C ASN B 226 6.04 17.15 -2.24
N HIS B 227 6.47 18.03 -1.34
CA HIS B 227 7.67 18.82 -1.56
C HIS B 227 8.86 17.90 -1.77
N LEU B 228 8.96 16.86 -0.96
CA LEU B 228 10.06 15.88 -1.10
C LEU B 228 9.90 15.02 -2.35
N VAL B 229 8.65 14.70 -2.69
CA VAL B 229 8.39 13.86 -3.86
C VAL B 229 8.76 14.54 -5.18
N SER B 230 8.38 15.80 -5.34
CA SER B 230 8.62 16.51 -6.61
C SER B 230 10.10 16.87 -6.82
N ALA B 231 10.85 17.05 -5.74
CA ALA B 231 12.32 17.21 -5.83
C ALA B 231 13.04 15.90 -6.24
N THR B 232 12.54 14.76 -5.78
CA THR B 232 13.04 13.46 -6.17
C THR B 232 12.67 13.18 -7.64
N MET B 233 11.42 13.46 -8.00
CA MET B 233 10.96 13.30 -9.39
C MET B 233 11.71 14.20 -10.37
N SER B 234 12.00 15.42 -9.94
CA SER B 234 12.84 16.33 -10.71
C SER B 234 14.21 15.72 -10.93
N GLY B 235 14.79 15.14 -9.88
CA GLY B 235 16.14 14.57 -9.93
C GLY B 235 16.31 13.33 -10.80
N VAL B 236 15.39 12.39 -10.67
CA VAL B 236 15.44 11.15 -11.44
C VAL B 236 14.95 11.28 -12.88
N THR B 237 14.48 12.48 -13.27
CA THR B 237 14.22 12.79 -14.68
C THR B 237 15.20 13.81 -15.31
N THR B 238 16.13 14.38 -14.53
CA THR B 238 17.12 15.34 -15.05
C THR B 238 17.80 14.81 -16.33
N CYS B 239 18.36 13.61 -16.26
CA CYS B 239 19.11 13.04 -17.37
C CYS B 239 18.30 12.84 -18.66
N LEU B 240 16.97 12.83 -18.57
CA LEU B 240 16.10 12.77 -19.73
C LEU B 240 15.71 14.13 -20.29
N ARG B 241 15.69 15.13 -19.41
CA ARG B 241 15.19 16.46 -19.71
C ARG B 241 16.31 17.38 -20.19
N PHE B 242 17.54 17.09 -19.79
CA PHE B 242 18.72 17.83 -20.26
C PHE B 242 19.75 16.94 -21.00
N PRO B 243 20.64 17.56 -21.84
CA PRO B 243 21.83 16.98 -22.53
C PRO B 243 22.68 15.86 -21.82
N GLY B 244 23.96 15.67 -22.15
CA GLY B 244 24.61 16.10 -23.41
C GLY B 244 25.80 15.23 -23.79
N GLN B 245 25.64 13.93 -23.56
CA GLN B 245 26.72 12.93 -23.69
C GLN B 245 26.10 11.62 -23.24
N LEU B 246 25.45 11.66 -22.06
CA LEU B 246 24.59 10.59 -21.64
C LEU B 246 23.39 10.66 -22.54
N ASN B 247 23.24 9.69 -23.42
CA ASN B 247 22.03 9.61 -24.22
C ASN B 247 21.08 8.75 -23.41
N ALA B 248 20.63 9.32 -22.28
CA ALA B 248 19.91 8.56 -21.27
C ALA B 248 18.47 8.47 -21.72
N ASP B 249 17.98 7.24 -21.76
CA ASP B 249 16.57 6.99 -21.97
C ASP B 249 16.05 5.94 -20.97
N LEU B 250 14.74 5.76 -20.97
CA LEU B 250 14.12 4.79 -20.08
C LEU B 250 14.55 3.34 -20.33
N ARG B 251 14.85 2.99 -21.57
CA ARG B 251 15.28 1.60 -21.87
C ARG B 251 16.67 1.30 -21.37
N LYS B 252 17.59 2.24 -21.61
CA LYS B 252 18.95 2.15 -21.10
C LYS B 252 18.96 2.03 -19.57
N LEU B 253 18.08 2.78 -18.90
CA LEU B 253 17.94 2.72 -17.44
C LEU B 253 17.49 1.35 -17.00
N ALA B 254 16.43 0.88 -17.65
CA ALA B 254 15.95 -0.47 -17.41
C ALA B 254 17.04 -1.54 -17.64
N VAL B 255 17.85 -1.40 -18.70
CA VAL B 255 18.86 -2.44 -19.02
C VAL B 255 19.95 -2.47 -17.97
N ASN B 256 20.41 -1.29 -17.56
CA ASN B 256 21.53 -1.21 -16.62
C ASN B 256 21.18 -1.35 -15.16
N MET B 257 19.94 -1.02 -14.80
CA MET B 257 19.53 -1.06 -13.39
C MET B 257 18.94 -2.41 -12.94
N VAL B 258 18.40 -3.18 -13.88
CA VAL B 258 17.57 -4.31 -13.57
C VAL B 258 18.27 -5.61 -14.04
N PRO B 259 19.13 -6.21 -13.22
CA PRO B 259 19.76 -7.47 -13.63
C PRO B 259 18.78 -8.66 -13.74
N PHE B 260 17.72 -8.65 -12.94
CA PHE B 260 16.71 -9.70 -12.99
C PHE B 260 15.37 -9.03 -13.08
N PRO B 261 14.51 -9.50 -13.98
CA PRO B 261 13.38 -8.66 -14.40
C PRO B 261 12.40 -8.29 -13.29
N ARG B 262 12.15 -9.19 -12.35
CA ARG B 262 11.24 -8.85 -11.23
C ARG B 262 11.84 -7.87 -10.24
N LEU B 263 13.17 -7.80 -10.15
CA LEU B 263 13.85 -6.91 -9.20
C LEU B 263 14.10 -5.51 -9.79
N HIS B 264 13.02 -4.77 -9.99
CA HIS B 264 13.07 -3.43 -10.55
C HIS B 264 12.37 -2.40 -9.62
N PHE B 265 12.55 -2.56 -8.32
CA PHE B 265 12.05 -1.59 -7.36
C PHE B 265 13.17 -0.74 -6.79
N PHE B 266 13.18 0.50 -7.24
CA PHE B 266 14.24 1.42 -6.95
C PHE B 266 13.93 2.25 -5.71
N MET B 267 14.97 2.42 -4.90
CA MET B 267 15.00 3.26 -3.71
C MET B 267 15.57 4.57 -4.20
N PRO B 268 14.80 5.66 -4.20
CA PRO B 268 15.39 6.98 -4.51
C PRO B 268 15.89 7.72 -3.29
N GLY B 269 16.84 8.63 -3.50
CA GLY B 269 17.39 9.48 -2.45
C GLY B 269 17.75 10.87 -2.96
N PHE B 270 17.69 11.86 -2.08
CA PHE B 270 17.90 13.24 -2.46
C PHE B 270 18.76 13.94 -1.41
N ALA B 271 19.66 14.83 -1.85
CA ALA B 271 20.40 15.71 -0.94
C ALA B 271 20.61 17.07 -1.60
N PRO B 272 20.48 18.17 -0.83
CA PRO B 272 20.11 18.27 0.59
C PRO B 272 18.60 18.26 0.75
N LEU B 273 18.11 17.79 1.89
CA LEU B 273 16.67 17.78 2.17
C LEU B 273 16.24 19.16 2.66
N THR B 274 15.12 19.67 2.12
CA THR B 274 14.70 21.08 2.27
C THR B 274 13.19 21.23 2.57
N SER B 275 12.72 22.50 2.64
CA SER B 275 11.30 22.89 2.77
C SER B 275 11.10 24.37 2.37
N GLN B 280 18.84 26.02 0.81
CA GLN B 280 19.22 26.83 1.96
C GLN B 280 20.20 27.96 1.55
N TYR B 281 20.93 28.54 2.52
CA TYR B 281 21.91 29.62 2.23
C TYR B 281 23.34 29.08 1.95
N ARG B 282 23.79 28.11 2.75
CA ARG B 282 25.12 27.49 2.60
C ARG B 282 25.03 26.37 1.56
N ALA B 283 25.73 26.53 0.44
CA ALA B 283 25.83 25.45 -0.56
C ALA B 283 26.66 24.29 -0.02
N LEU B 284 26.35 23.09 -0.48
CA LEU B 284 27.03 21.89 0.01
C LEU B 284 28.23 21.58 -0.85
N THR B 285 29.29 21.12 -0.19
CA THR B 285 30.46 20.63 -0.87
C THR B 285 30.10 19.23 -1.43
N VAL B 286 30.78 18.86 -2.52
CA VAL B 286 30.61 17.56 -3.17
C VAL B 286 30.77 16.37 -2.20
N PRO B 287 31.77 16.40 -1.29
CA PRO B 287 31.81 15.37 -0.23
C PRO B 287 30.54 15.24 0.59
N GLU B 288 29.87 16.36 0.84
CA GLU B 288 28.66 16.37 1.70
C GLU B 288 27.46 15.84 0.96
N LEU B 289 27.28 16.28 -0.28
CA LEU B 289 26.29 15.67 -1.18
C LEU B 289 26.48 14.16 -1.25
N THR B 290 27.73 13.73 -1.43
CA THR B 290 28.03 12.33 -1.55
C THR B 290 27.78 11.57 -0.24
N GLN B 291 28.10 12.14 0.92
CA GLN B 291 27.71 11.51 2.19
C GLN B 291 26.18 11.47 2.36
N GLN B 292 25.52 12.60 2.09
CA GLN B 292 24.07 12.75 2.32
C GLN B 292 23.18 11.87 1.44
N MET B 293 23.34 11.90 0.12
CA MET B 293 22.52 11.05 -0.79
C MET B 293 22.54 9.56 -0.43
N PHE B 294 23.69 9.07 0.02
CA PHE B 294 23.83 7.69 0.44
C PHE B 294 23.38 7.41 1.86
N ASP B 295 22.99 8.43 2.61
CA ASP B 295 22.59 8.27 4.01
C ASP B 295 21.18 7.69 4.05
N SER B 296 20.91 6.81 5.03
CA SER B 296 19.56 6.23 5.23
C SER B 296 18.52 7.32 5.47
N LYS B 297 18.90 8.34 6.23
CA LYS B 297 18.04 9.48 6.52
C LYS B 297 17.54 10.19 5.26
N ASN B 298 18.28 10.08 4.15
CA ASN B 298 17.96 10.75 2.88
C ASN B 298 17.26 9.90 1.83
N MET B 299 16.92 8.65 2.19
CA MET B 299 16.21 7.73 1.30
C MET B 299 14.70 7.98 1.35
N MET B 300 14.07 7.92 0.17
CA MET B 300 12.63 7.99 0.03
C MET B 300 11.89 6.65 0.23
N ALA B 301 12.59 5.58 0.65
CA ALA B 301 12.00 4.30 1.04
C ALA B 301 12.55 3.87 2.39
N ALA B 302 11.67 3.51 3.32
CA ALA B 302 12.08 3.27 4.72
C ALA B 302 12.80 1.92 4.88
N CYS B 303 14.03 1.89 4.36
CA CYS B 303 14.86 0.70 4.35
C CYS B 303 16.28 1.11 4.68
N ASP B 304 16.92 0.32 5.53
CA ASP B 304 18.28 0.57 5.93
C ASP B 304 19.11 -0.10 4.83
N PRO B 305 19.84 0.68 4.03
CA PRO B 305 20.68 0.03 3.00
C PRO B 305 21.84 -0.83 3.52
N ARG B 306 22.22 -0.67 4.78
CA ARG B 306 23.17 -1.59 5.45
C ARG B 306 22.60 -2.99 5.73
N HIS B 307 21.28 -3.11 5.74
CA HIS B 307 20.65 -4.43 5.94
C HIS B 307 20.62 -5.20 4.61
N GLY B 308 20.84 -4.52 3.48
CA GLY B 308 20.93 -5.16 2.15
C GLY B 308 22.19 -4.83 1.38
N ARG B 309 22.20 -5.17 0.09
CA ARG B 309 23.34 -4.89 -0.81
C ARG B 309 22.88 -4.23 -2.11
N TYR B 310 23.66 -3.30 -2.62
CA TYR B 310 23.31 -2.57 -3.84
C TYR B 310 23.64 -3.41 -5.08
N LEU B 311 22.63 -3.67 -5.90
CA LEU B 311 22.83 -4.39 -7.15
C LEU B 311 23.38 -3.41 -8.17
N THR B 312 22.68 -2.29 -8.34
CA THR B 312 23.13 -1.22 -9.21
C THR B 312 22.79 0.15 -8.61
N VAL B 313 23.53 1.18 -9.04
CA VAL B 313 23.32 2.55 -8.55
C VAL B 313 23.44 3.55 -9.71
N ALA B 314 22.59 4.56 -9.72
CA ALA B 314 22.77 5.67 -10.65
C ALA B 314 22.61 6.99 -9.91
N ALA B 315 23.63 7.83 -9.96
CA ALA B 315 23.73 9.05 -9.14
C ALA B 315 23.78 10.22 -10.10
N VAL B 316 23.13 11.32 -9.74
CA VAL B 316 23.03 12.45 -10.64
C VAL B 316 23.25 13.76 -9.88
N PHE B 317 24.36 14.42 -10.19
CA PHE B 317 24.79 15.65 -9.51
C PHE B 317 24.34 16.85 -10.33
N ARG B 318 23.77 17.84 -9.66
CA ARG B 318 23.27 19.04 -10.34
C ARG B 318 23.94 20.27 -9.75
N GLY B 319 24.40 21.15 -10.66
CA GLY B 319 25.15 22.36 -10.31
C GLY B 319 26.48 22.43 -11.03
N ARG B 320 27.21 23.52 -10.77
CA ARG B 320 28.54 23.71 -11.33
C ARG B 320 29.52 23.24 -10.28
N MET B 321 30.29 22.23 -10.63
CA MET B 321 31.19 21.59 -9.70
C MET B 321 32.26 20.81 -10.47
N SER B 322 33.35 20.46 -9.78
CA SER B 322 34.43 19.70 -10.38
C SER B 322 34.03 18.24 -10.53
N MET B 323 34.02 17.79 -11.79
CA MET B 323 33.79 16.39 -12.09
C MET B 323 34.92 15.49 -11.56
N LYS B 324 36.15 16.02 -11.53
CA LYS B 324 37.27 15.39 -10.80
C LYS B 324 36.85 15.07 -9.38
N GLU B 325 36.32 16.05 -8.66
CA GLU B 325 35.90 15.82 -7.27
C GLU B 325 34.70 14.86 -7.16
N VAL B 326 33.77 14.95 -8.12
CA VAL B 326 32.63 14.03 -8.15
C VAL B 326 33.09 12.54 -8.30
N ASP B 327 34.02 12.23 -9.22
CA ASP B 327 34.57 10.87 -9.34
C ASP B 327 35.31 10.44 -8.10
N GLU B 328 36.10 11.36 -7.54
CA GLU B 328 36.91 11.04 -6.37
C GLU B 328 36.01 10.62 -5.22
N GLN B 329 34.96 11.42 -4.97
CA GLN B 329 34.02 11.17 -3.88
C GLN B 329 33.14 9.95 -4.12
N MET B 330 32.65 9.78 -5.34
CA MET B 330 31.89 8.58 -5.70
C MET B 330 32.71 7.30 -5.66
N LEU B 331 33.99 7.39 -6.00
CA LEU B 331 34.90 6.26 -5.80
C LEU B 331 35.26 6.03 -4.33
N ASN B 332 35.30 7.09 -3.53
CA ASN B 332 35.60 6.95 -2.10
C ASN B 332 34.57 6.09 -1.33
N VAL B 333 33.26 6.37 -1.47
CA VAL B 333 32.22 5.56 -0.77
C VAL B 333 32.16 4.11 -1.21
N GLN B 334 32.44 3.86 -2.49
CA GLN B 334 32.53 2.48 -3.01
C GLN B 334 33.70 1.73 -2.43
N ASN B 335 34.87 2.35 -2.44
CA ASN B 335 36.09 1.75 -1.89
C ASN B 335 36.06 1.61 -0.37
N LYS B 336 35.43 2.58 0.32
CA LYS B 336 35.29 2.57 1.79
C LYS B 336 34.08 1.79 2.34
N ASN B 337 33.12 1.43 1.49
CA ASN B 337 31.99 0.57 1.90
C ASN B 337 31.74 -0.52 0.87
N SER B 338 32.80 -1.13 0.39
CA SER B 338 32.71 -2.09 -0.70
C SER B 338 31.90 -3.36 -0.38
N SER B 339 31.74 -3.72 0.89
CA SER B 339 30.95 -4.91 1.20
C SER B 339 29.48 -4.73 0.75
N TYR B 340 28.98 -3.49 0.78
CA TYR B 340 27.58 -3.17 0.47
C TYR B 340 27.20 -3.04 -1.02
N PHE B 341 28.14 -3.31 -1.92
CA PHE B 341 27.89 -3.36 -3.37
C PHE B 341 28.29 -4.74 -3.86
N VAL B 342 27.44 -5.36 -4.66
CA VAL B 342 27.68 -6.76 -5.01
C VAL B 342 28.91 -6.87 -5.89
N GLU B 343 29.80 -7.79 -5.53
CA GLU B 343 31.04 -8.03 -6.28
C GLU B 343 30.77 -8.57 -7.71
N TRP B 344 29.66 -9.28 -7.89
CA TRP B 344 29.31 -9.94 -9.17
C TRP B 344 28.55 -9.05 -10.20
N ILE B 345 28.57 -7.74 -10.01
CA ILE B 345 28.27 -6.77 -11.06
C ILE B 345 29.39 -5.70 -11.00
N PRO B 346 30.47 -5.89 -11.75
CA PRO B 346 31.54 -4.91 -11.68
C PRO B 346 31.11 -3.52 -12.10
N ASN B 347 31.58 -2.50 -11.40
CA ASN B 347 31.34 -1.13 -11.79
C ASN B 347 29.85 -0.78 -11.79
N ASN B 348 29.15 -1.27 -10.77
CA ASN B 348 27.69 -1.07 -10.67
C ASN B 348 27.21 0.33 -10.32
N VAL B 349 28.13 1.25 -10.02
CA VAL B 349 27.77 2.63 -9.73
C VAL B 349 28.19 3.50 -10.90
N LYS B 350 27.23 4.23 -11.44
CA LYS B 350 27.43 5.07 -12.59
C LYS B 350 26.96 6.45 -12.19
N THR B 351 27.76 7.47 -12.48
CA THR B 351 27.49 8.82 -11.98
C THR B 351 27.44 9.79 -13.14
N ALA B 352 26.59 10.80 -13.04
CA ALA B 352 26.44 11.79 -14.08
C ALA B 352 26.34 13.19 -13.49
N VAL B 353 26.68 14.21 -14.27
CA VAL B 353 26.65 15.59 -13.79
C VAL B 353 25.92 16.44 -14.81
N CYS B 354 25.10 17.35 -14.31
CA CYS B 354 24.33 18.28 -15.14
C CYS B 354 24.49 19.70 -14.61
N ASP B 355 24.81 20.65 -15.47
CA ASP B 355 25.17 22.01 -15.04
C ASP B 355 24.05 22.82 -14.42
N ILE B 356 22.81 22.63 -14.90
CA ILE B 356 21.64 23.36 -14.38
C ILE B 356 21.27 22.79 -13.01
N PRO B 357 21.30 23.64 -11.95
CA PRO B 357 20.77 23.16 -10.68
C PRO B 357 19.27 23.35 -10.64
N PRO B 358 18.60 22.73 -9.67
CA PRO B 358 17.17 23.01 -9.45
C PRO B 358 16.92 24.40 -8.83
N ARG B 359 15.69 24.89 -8.97
CA ARG B 359 15.21 26.05 -8.23
C ARG B 359 15.58 25.97 -6.75
N GLY B 360 16.25 27.01 -6.25
CA GLY B 360 16.54 27.15 -4.84
C GLY B 360 17.96 26.77 -4.47
N LEU B 361 18.40 25.60 -4.89
CA LEU B 361 19.69 25.05 -4.49
C LEU B 361 20.72 25.37 -5.56
N LYS B 362 21.96 25.61 -5.14
CA LYS B 362 23.09 25.86 -6.07
C LYS B 362 23.65 24.54 -6.54
N MET B 363 23.62 23.54 -5.65
CA MET B 363 23.94 22.21 -6.04
C MET B 363 23.24 21.13 -5.22
N SER B 364 22.95 20.01 -5.89
CA SER B 364 22.12 18.93 -5.35
C SER B 364 22.53 17.59 -5.95
N ALA B 365 22.11 16.51 -5.29
CA ALA B 365 22.38 15.17 -5.76
C ALA B 365 21.13 14.30 -5.67
N THR B 366 20.85 13.54 -6.73
CA THR B 366 19.78 12.56 -6.71
C THR B 366 20.33 11.17 -6.90
N PHE B 367 19.84 10.24 -6.09
CA PHE B 367 20.30 8.86 -6.00
C PHE B 367 19.19 7.93 -6.51
N ILE B 368 19.57 6.94 -7.33
CA ILE B 368 18.66 5.86 -7.76
C ILE B 368 19.29 4.51 -7.49
N GLY B 369 18.73 3.75 -6.57
CA GLY B 369 19.33 2.52 -6.09
C GLY B 369 18.40 1.32 -6.20
N ASN B 370 18.89 0.27 -6.85
CA ASN B 370 18.27 -1.03 -6.76
C ASN B 370 18.98 -1.82 -5.69
N SER B 371 18.61 -1.57 -4.44
CA SER B 371 19.12 -2.29 -3.28
C SER B 371 18.21 -3.47 -2.95
N THR B 372 18.82 -4.53 -2.43
CA THR B 372 18.08 -5.67 -1.89
C THR B 372 17.38 -5.36 -0.56
N ALA B 373 17.76 -4.27 0.11
CA ALA B 373 17.11 -3.84 1.34
C ALA B 373 15.67 -3.36 1.12
N ILE B 374 15.32 -3.05 -0.13
CA ILE B 374 13.93 -2.80 -0.48
C ILE B 374 13.00 -3.92 0.02
N GLN B 375 13.52 -5.15 0.17
CA GLN B 375 12.68 -6.20 0.75
C GLN B 375 11.95 -5.77 2.03
N GLU B 376 12.60 -4.97 2.88
CA GLU B 376 12.05 -4.52 4.17
C GLU B 376 10.70 -3.82 4.01
N LEU B 377 10.55 -3.12 2.89
CA LEU B 377 9.33 -2.43 2.52
C LEU B 377 8.19 -3.42 2.23
N PHE B 378 8.52 -4.40 1.40
CA PHE B 378 7.56 -5.44 1.07
C PHE B 378 7.31 -6.36 2.26
N LYS B 379 8.30 -6.58 3.12
CA LYS B 379 8.05 -7.32 4.37
C LYS B 379 7.08 -6.56 5.29
N ARG B 380 7.26 -5.24 5.41
N ARG B 380 7.28 -5.25 5.41
CA ARG B 380 6.39 -4.43 6.26
CA ARG B 380 6.40 -4.41 6.24
C ARG B 380 4.93 -4.49 5.82
C ARG B 380 4.93 -4.50 5.81
N ILE B 381 4.70 -4.45 4.51
CA ILE B 381 3.37 -4.50 3.95
C ILE B 381 2.83 -5.92 3.98
N SER B 382 3.68 -6.90 3.79
CA SER B 382 3.28 -8.29 3.94
C SER B 382 2.76 -8.59 5.35
N GLU B 383 3.37 -7.98 6.37
CA GLU B 383 2.98 -8.19 7.80
C GLU B 383 1.63 -7.55 8.17
N GLN B 384 1.46 -6.29 7.77
CA GLN B 384 0.20 -5.59 7.97
C GLN B 384 -0.96 -6.30 7.28
N PHE B 385 -0.69 -6.80 6.08
CA PHE B 385 -1.62 -7.61 5.30
C PHE B 385 -2.10 -8.85 6.03
N THR B 386 -1.15 -9.64 6.57
CA THR B 386 -1.43 -10.92 7.23
C THR B 386 -2.17 -10.73 8.54
N ALA B 387 -1.87 -9.64 9.25
CA ALA B 387 -2.52 -9.32 10.53
C ALA B 387 -4.01 -9.39 10.31
N MET B 388 -4.47 -8.76 9.25
CA MET B 388 -5.86 -8.73 8.88
C MET B 388 -6.33 -9.96 8.13
N PHE B 389 -5.58 -10.39 7.14
CA PHE B 389 -6.08 -11.43 6.24
C PHE B 389 -6.25 -12.78 6.93
N ARG B 390 -5.44 -13.09 7.94
CA ARG B 390 -5.59 -14.34 8.71
C ARG B 390 -6.98 -14.47 9.40
N ARG B 391 -7.70 -13.36 9.61
CA ARG B 391 -9.06 -13.39 10.12
C ARG B 391 -10.00 -12.86 9.07
N LYS B 392 -9.53 -12.79 7.83
CA LYS B 392 -10.32 -12.30 6.70
C LYS B 392 -11.05 -10.96 6.94
N ALA B 393 -10.42 -10.09 7.72
CA ALA B 393 -11.03 -8.85 8.15
C ALA B 393 -11.14 -7.87 7.00
N PHE B 394 -12.21 -7.12 6.99
CA PHE B 394 -12.49 -6.17 5.93
C PHE B 394 -12.69 -6.77 4.55
N LEU B 395 -12.68 -8.10 4.38
CA LEU B 395 -12.79 -8.68 3.04
C LEU B 395 -14.12 -8.43 2.32
N HIS B 396 -15.23 -8.33 3.06
CA HIS B 396 -16.54 -8.15 2.46
C HIS B 396 -16.59 -6.98 1.47
N TRP B 397 -15.81 -5.90 1.71
CA TRP B 397 -15.72 -4.78 0.76
C TRP B 397 -15.23 -5.22 -0.62
N TYR B 398 -14.37 -6.23 -0.66
CA TYR B 398 -13.74 -6.72 -1.90
C TYR B 398 -14.54 -7.86 -2.56
N THR B 399 -15.08 -8.77 -1.73
CA THR B 399 -15.88 -9.88 -2.24
C THR B 399 -17.22 -9.41 -2.78
N GLY B 400 -17.68 -8.24 -2.33
CA GLY B 400 -18.91 -7.62 -2.85
C GLY B 400 -18.79 -7.03 -4.23
N GLU B 401 -17.57 -6.85 -4.70
CA GLU B 401 -17.29 -6.44 -6.07
C GLU B 401 -16.77 -7.63 -6.89
N GLY B 402 -17.05 -8.87 -6.45
CA GLY B 402 -16.74 -10.09 -7.20
C GLY B 402 -15.39 -10.74 -7.00
N MET B 403 -14.54 -10.18 -6.15
CA MET B 403 -13.22 -10.76 -5.92
C MET B 403 -13.35 -11.97 -5.03
N ASP B 404 -12.35 -12.83 -5.07
CA ASP B 404 -12.32 -14.07 -4.30
C ASP B 404 -11.11 -14.04 -3.36
N GLU B 405 -11.21 -14.80 -2.28
CA GLU B 405 -10.11 -14.94 -1.31
C GLU B 405 -8.84 -15.50 -1.95
N MET B 406 -9.01 -16.38 -2.94
CA MET B 406 -7.89 -16.98 -3.68
C MET B 406 -7.02 -15.92 -4.35
N GLU B 407 -7.63 -14.85 -4.82
CA GLU B 407 -6.88 -13.77 -5.45
C GLU B 407 -5.94 -13.00 -4.49
N PHE B 408 -6.38 -12.87 -3.23
CA PHE B 408 -5.57 -12.31 -2.14
C PHE B 408 -4.42 -13.24 -1.80
N THR B 409 -4.71 -14.55 -1.73
CA THR B 409 -3.69 -15.57 -1.43
C THR B 409 -2.58 -15.58 -2.47
N GLU B 410 -2.98 -15.60 -3.74
CA GLU B 410 -2.05 -15.48 -4.86
C GLU B 410 -1.13 -14.29 -4.67
N ALA B 411 -1.71 -13.12 -4.44
CA ALA B 411 -0.98 -11.86 -4.32
C ALA B 411 0.00 -11.84 -3.14
N GLU B 412 -0.48 -12.28 -1.97
CA GLU B 412 0.38 -12.48 -0.83
C GLU B 412 1.58 -13.35 -1.18
N SER B 413 1.36 -14.39 -1.98
N SER B 413 1.36 -14.38 -1.98
CA SER B 413 2.42 -15.31 -2.36
CA SER B 413 2.42 -15.31 -2.34
C SER B 413 3.46 -14.71 -3.32
C SER B 413 3.45 -14.73 -3.32
N ASN B 414 3.01 -13.93 -4.30
CA ASN B 414 3.94 -13.25 -5.25
C ASN B 414 4.92 -12.28 -4.58
N MET B 415 4.39 -11.54 -3.60
CA MET B 415 5.16 -10.56 -2.87
C MET B 415 6.17 -11.22 -1.96
N ASN B 416 5.73 -12.24 -1.22
CA ASN B 416 6.63 -13.04 -0.40
C ASN B 416 7.71 -13.72 -1.22
N ASP B 417 7.39 -14.08 -2.47
CA ASP B 417 8.37 -14.58 -3.43
C ASP B 417 9.36 -13.50 -3.85
N LEU B 418 8.86 -12.31 -4.17
CA LEU B 418 9.70 -11.15 -4.42
C LEU B 418 10.72 -10.92 -3.31
N VAL B 419 10.26 -11.01 -2.07
CA VAL B 419 11.08 -10.83 -0.89
C VAL B 419 12.13 -11.91 -0.81
N SER B 420 11.77 -13.14 -1.16
CA SER B 420 12.70 -14.26 -1.15
C SER B 420 13.78 -14.07 -2.19
N GLU B 421 13.37 -13.51 -3.32
CA GLU B 421 14.24 -13.32 -4.45
C GLU B 421 15.28 -12.23 -4.13
N TYR B 422 14.83 -11.11 -3.55
CA TYR B 422 15.76 -10.08 -3.10
C TYR B 422 16.72 -10.67 -2.03
N GLN B 423 16.20 -11.50 -1.13
CA GLN B 423 17.00 -12.12 -0.08
C GLN B 423 18.06 -13.08 -0.65
N GLN B 424 17.73 -13.71 -1.78
CA GLN B 424 18.66 -14.57 -2.50
C GLN B 424 19.97 -13.86 -2.91
N TYR B 425 19.91 -12.61 -3.34
CA TYR B 425 21.08 -11.88 -3.84
C TYR B 425 21.87 -11.09 -2.81
N GLN B 426 21.27 -10.88 -1.66
CA GLN B 426 21.93 -10.32 -0.50
C GLN B 426 23.02 -11.25 0.03
N ASP B 427 22.82 -12.56 -0.11
CA ASP B 427 23.74 -13.59 0.40
C ASP B 427 24.68 -14.19 -0.65
N ALA B 428 24.35 -14.04 -1.94
CA ALA B 428 25.25 -14.41 -3.03
C ALA B 428 26.46 -13.48 -3.10
N MET C 1 -23.47 16.31 -6.58
CA MET C 1 -24.25 15.05 -6.29
C MET C 1 -23.70 14.38 -5.02
N ARG C 2 -23.84 13.05 -4.91
CA ARG C 2 -23.68 12.31 -3.65
C ARG C 2 -24.86 12.58 -2.72
N GLU C 3 -26.07 12.47 -3.25
CA GLU C 3 -27.28 12.81 -2.49
C GLU C 3 -27.68 11.72 -1.51
N CYS C 4 -28.28 12.16 -0.40
CA CYS C 4 -28.59 11.33 0.73
CA CYS C 4 -28.60 11.30 0.73
C CYS C 4 -30.05 11.54 1.10
N ILE C 5 -30.85 10.48 1.09
CA ILE C 5 -32.27 10.61 1.36
C ILE C 5 -32.62 10.13 2.76
N SER C 6 -33.18 11.01 3.58
CA SER C 6 -33.54 10.63 4.96
C SER C 6 -34.98 10.12 5.07
N ILE C 7 -35.17 9.01 5.77
CA ILE C 7 -36.50 8.44 5.98
C ILE C 7 -36.78 8.31 7.46
N HIS C 8 -37.82 9.00 7.91
CA HIS C 8 -38.17 9.10 9.31
C HIS C 8 -39.45 8.31 9.62
N VAL C 9 -39.33 7.25 10.41
CA VAL C 9 -40.44 6.31 10.62
C VAL C 9 -40.92 6.28 12.06
N GLY C 10 -42.23 6.43 12.24
CA GLY C 10 -42.86 6.41 13.55
C GLY C 10 -42.56 7.67 14.36
N GLN C 11 -43.20 7.77 15.53
CA GLN C 11 -43.08 8.96 16.37
C GLN C 11 -41.63 9.40 16.63
N ALA C 12 -40.81 8.51 17.17
CA ALA C 12 -39.40 8.77 17.45
C ALA C 12 -38.62 9.25 16.21
N GLY C 13 -38.71 8.49 15.11
CA GLY C 13 -38.23 8.93 13.81
C GLY C 13 -38.70 10.33 13.41
N VAL C 14 -40.01 10.57 13.50
CA VAL C 14 -40.56 11.87 13.11
C VAL C 14 -40.04 13.00 13.99
N GLN C 15 -40.15 12.85 15.29
CA GLN C 15 -39.79 13.91 16.23
C GLN C 15 -38.27 14.16 16.22
N ILE C 16 -37.51 13.12 15.93
CA ILE C 16 -36.05 13.33 15.75
C ILE C 16 -35.70 14.02 14.41
N GLY C 17 -36.50 13.78 13.36
CA GLY C 17 -36.38 14.51 12.09
C GLY C 17 -36.61 16.00 12.26
N ASN C 18 -37.62 16.36 13.04
CA ASN C 18 -37.81 17.76 13.39
C ASN C 18 -36.59 18.39 14.02
N ALA C 19 -36.05 17.71 15.03
CA ALA C 19 -34.89 18.22 15.71
C ALA C 19 -33.75 18.38 14.73
N CYS C 20 -33.54 17.35 13.92
CA CYS C 20 -32.47 17.32 12.95
C CYS C 20 -32.60 18.36 11.87
N TRP C 21 -33.77 18.43 11.27
CA TRP C 21 -33.97 19.33 10.15
C TRP C 21 -34.04 20.76 10.60
N GLU C 22 -34.57 21.03 11.80
CA GLU C 22 -34.49 22.36 12.40
C GLU C 22 -33.03 22.72 12.58
N LEU C 23 -32.25 21.77 13.06
CA LEU C 23 -30.84 22.02 13.30
C LEU C 23 -30.08 22.27 12.01
N TYR C 24 -30.26 21.42 11.00
CA TYR C 24 -29.61 21.61 9.69
C TYR C 24 -29.97 22.94 9.04
N CYS C 25 -31.22 23.36 9.13
CA CYS C 25 -31.58 24.70 8.67
C CYS C 25 -30.78 25.83 9.35
N LEU C 26 -30.59 25.74 10.67
CA LEU C 26 -29.77 26.74 11.36
C LEU C 26 -28.31 26.60 10.97
N GLU C 27 -27.84 25.38 10.80
CA GLU C 27 -26.45 25.16 10.38
C GLU C 27 -26.09 25.76 9.02
N HIS C 28 -27.04 25.82 8.09
CA HIS C 28 -26.80 26.27 6.71
C HIS C 28 -27.47 27.63 6.39
N GLY C 29 -28.03 28.28 7.40
CA GLY C 29 -28.68 29.57 7.21
C GLY C 29 -29.91 29.54 6.35
N ILE C 30 -30.65 28.44 6.41
CA ILE C 30 -31.90 28.30 5.67
C ILE C 30 -33.02 28.71 6.59
N GLN C 31 -33.85 29.65 6.11
CA GLN C 31 -34.96 30.20 6.90
C GLN C 31 -36.10 29.20 6.93
N PRO C 32 -37.06 29.37 7.84
CA PRO C 32 -38.23 28.49 7.92
C PRO C 32 -39.00 28.28 6.61
N ASP C 33 -39.24 29.35 5.86
CA ASP C 33 -39.92 29.25 4.58
C ASP C 33 -39.10 28.51 3.47
N GLY C 34 -37.81 28.24 3.72
CA GLY C 34 -36.95 27.49 2.82
C GLY C 34 -35.97 28.35 2.03
N GLN C 35 -36.01 29.66 2.21
CA GLN C 35 -35.10 30.54 1.49
C GLN C 35 -33.71 30.49 2.12
N MET C 36 -32.68 30.68 1.29
CA MET C 36 -31.29 30.68 1.76
C MET C 36 -30.56 31.85 1.09
N PRO C 37 -30.60 33.04 1.70
CA PRO C 37 -29.88 34.25 1.22
C PRO C 37 -28.47 34.05 0.63
N SER C 38 -27.62 33.30 1.33
CA SER C 38 -26.22 33.07 0.92
C SER C 38 -26.02 32.14 -0.28
N ASP C 39 -27.09 31.48 -0.73
CA ASP C 39 -27.06 30.68 -1.96
C ASP C 39 -27.35 31.58 -3.18
N LYS C 40 -26.31 31.89 -3.94
CA LYS C 40 -26.48 32.67 -5.18
C LYS C 40 -27.00 31.83 -6.36
N THR C 41 -26.70 30.51 -6.37
CA THR C 41 -27.16 29.61 -7.44
C THR C 41 -28.60 29.15 -7.15
N ILE C 42 -29.55 29.77 -7.87
CA ILE C 42 -30.97 29.60 -7.63
C ILE C 42 -31.50 28.49 -8.50
N GLY C 43 -32.30 27.59 -7.92
CA GLY C 43 -32.87 26.44 -8.66
C GLY C 43 -32.11 25.13 -8.52
N GLY C 44 -30.81 25.22 -8.27
CA GLY C 44 -29.98 24.04 -8.11
C GLY C 44 -28.55 24.38 -7.71
N GLY C 45 -27.70 23.36 -7.71
CA GLY C 45 -26.29 23.56 -7.44
C GLY C 45 -25.60 22.28 -7.06
N ASP C 46 -24.29 22.39 -6.90
CA ASP C 46 -23.41 21.26 -6.63
C ASP C 46 -22.84 21.34 -5.20
N ASP C 47 -23.33 22.28 -4.38
CA ASP C 47 -22.68 22.61 -3.10
C ASP C 47 -22.89 21.49 -2.10
N SER C 48 -22.04 21.43 -1.09
CA SER C 48 -22.06 20.32 -0.16
C SER C 48 -23.38 20.17 0.57
N PHE C 49 -24.07 21.28 0.83
CA PHE C 49 -25.36 21.21 1.50
C PHE C 49 -26.45 20.59 0.65
N ASN C 50 -26.25 20.63 -0.67
CA ASN C 50 -27.18 19.98 -1.62
C ASN C 50 -27.27 18.45 -1.52
N THR C 51 -26.38 17.82 -0.75
CA THR C 51 -26.54 16.39 -0.46
C THR C 51 -27.78 16.12 0.38
N PHE C 52 -28.19 17.07 1.22
CA PHE C 52 -29.44 16.95 2.02
C PHE C 52 -30.65 17.79 1.57
N PHE C 53 -30.43 18.76 0.68
CA PHE C 53 -31.46 19.70 0.30
C PHE C 53 -31.49 19.89 -1.22
N SER C 54 -32.63 19.65 -1.85
CA SER C 54 -32.87 20.13 -3.24
C SER C 54 -33.33 21.57 -3.25
N GLU C 55 -33.11 22.24 -4.37
CA GLU C 55 -33.58 23.61 -4.55
C GLU C 55 -34.73 23.60 -5.55
N THR C 56 -35.76 24.42 -5.31
CA THR C 56 -36.75 24.79 -6.32
C THR C 56 -36.35 26.09 -7.00
N GLY C 57 -36.94 26.31 -8.18
CA GLY C 57 -36.75 27.53 -8.99
C GLY C 57 -37.08 28.84 -8.27
N ALA C 58 -38.05 28.76 -7.35
CA ALA C 58 -38.41 29.87 -6.44
C ALA C 58 -37.42 30.17 -5.27
N GLY C 59 -36.30 29.44 -5.19
CA GLY C 59 -35.31 29.62 -4.12
C GLY C 59 -35.56 28.79 -2.86
N LYS C 60 -36.53 27.89 -2.89
CA LYS C 60 -36.85 27.04 -1.73
C LYS C 60 -35.86 25.88 -1.65
N HIS C 61 -35.24 25.72 -0.49
CA HIS C 61 -34.36 24.58 -0.22
C HIS C 61 -35.22 23.60 0.55
N VAL C 62 -35.30 22.37 0.04
CA VAL C 62 -36.30 21.40 0.47
C VAL C 62 -35.60 20.10 0.92
N PRO C 63 -35.83 19.65 2.16
CA PRO C 63 -35.22 18.44 2.68
C PRO C 63 -35.40 17.23 1.77
N ARG C 64 -34.30 16.51 1.51
CA ARG C 64 -34.39 15.25 0.76
C ARG C 64 -34.85 14.16 1.75
N ALA C 65 -36.12 14.21 2.11
CA ALA C 65 -36.61 13.37 3.16
C ALA C 65 -38.10 13.05 3.09
N VAL C 66 -38.47 12.02 3.82
CA VAL C 66 -39.84 11.52 3.87
C VAL C 66 -40.18 11.14 5.31
N PHE C 67 -41.26 11.69 5.84
CA PHE C 67 -41.74 11.33 7.19
C PHE C 67 -42.91 10.38 6.96
N VAL C 68 -42.93 9.27 7.70
CA VAL C 68 -43.91 8.23 7.54
C VAL C 68 -44.34 7.79 8.90
N ASP C 69 -45.63 7.74 9.13
CA ASP C 69 -46.18 7.21 10.39
C ASP C 69 -47.53 6.64 10.08
N LEU C 70 -47.94 5.63 10.82
CA LEU C 70 -49.25 5.02 10.58
C LEU C 70 -50.41 5.73 11.30
N GLU C 71 -50.14 6.86 11.96
CA GLU C 71 -51.20 7.72 12.51
C GLU C 71 -50.84 9.21 12.40
N PRO C 72 -51.87 10.07 12.24
CA PRO C 72 -51.57 11.43 11.82
C PRO C 72 -51.07 12.41 12.89
N THR C 73 -51.20 12.09 14.18
CA THR C 73 -50.97 13.13 15.23
C THR C 73 -49.57 13.73 15.26
N VAL C 74 -48.55 12.92 15.03
CA VAL C 74 -47.17 13.40 15.12
C VAL C 74 -46.80 14.17 13.85
N ILE C 75 -47.28 13.71 12.71
CA ILE C 75 -46.96 14.34 11.43
C ILE C 75 -47.81 15.58 11.22
N ASP C 76 -49.05 15.57 11.71
CA ASP C 76 -49.88 16.78 11.75
C ASP C 76 -49.20 17.98 12.40
N GLU C 77 -48.35 17.73 13.40
CA GLU C 77 -47.58 18.80 14.05
C GLU C 77 -46.42 19.32 13.20
N VAL C 78 -45.93 18.52 12.26
CA VAL C 78 -45.01 19.04 11.23
C VAL C 78 -45.77 19.88 10.16
N ARG C 79 -46.98 19.45 9.81
CA ARG C 79 -47.82 20.15 8.85
C ARG C 79 -48.29 21.53 9.29
N THR C 80 -48.32 21.78 10.61
CA THR C 80 -48.80 23.05 11.17
C THR C 80 -47.75 23.78 12.02
N GLY C 81 -46.51 23.30 12.00
CA GLY C 81 -45.46 23.79 12.89
C GLY C 81 -44.55 24.78 12.19
N THR C 82 -43.55 25.27 12.92
CA THR C 82 -42.67 26.32 12.41
C THR C 82 -42.16 26.06 10.99
N TYR C 83 -41.86 24.80 10.67
CA TYR C 83 -41.22 24.42 9.42
C TYR C 83 -42.19 23.82 8.38
N ARG C 84 -43.50 24.03 8.54
CA ARG C 84 -44.51 23.47 7.61
C ARG C 84 -44.28 23.80 6.12
N GLN C 85 -43.70 24.97 5.83
CA GLN C 85 -43.43 25.39 4.46
C GLN C 85 -42.21 24.74 3.81
N LEU C 86 -41.41 24.05 4.62
CA LEU C 86 -40.12 23.50 4.19
C LEU C 86 -40.36 22.23 3.42
N PHE C 87 -41.40 21.51 3.81
CA PHE C 87 -41.68 20.21 3.24
C PHE C 87 -42.81 20.26 2.25
N HIS C 88 -42.66 19.57 1.12
CA HIS C 88 -43.74 19.39 0.17
C HIS C 88 -44.78 18.44 0.81
N PRO C 89 -46.10 18.75 0.72
CA PRO C 89 -47.06 17.91 1.45
C PRO C 89 -46.98 16.41 1.20
N GLU C 90 -46.57 16.03 -0.01
CA GLU C 90 -46.35 14.63 -0.36
C GLU C 90 -45.16 13.93 0.35
N GLN C 91 -44.24 14.68 0.94
CA GLN C 91 -43.17 14.10 1.77
C GLN C 91 -43.65 13.63 3.16
N LEU C 92 -44.78 14.18 3.61
CA LEU C 92 -45.31 13.92 4.96
C LEU C 92 -46.48 12.95 4.81
N ILE C 93 -46.29 11.70 5.24
CA ILE C 93 -47.21 10.62 4.91
C ILE C 93 -47.79 9.97 6.15
N THR C 94 -49.12 9.84 6.21
CA THR C 94 -49.79 9.25 7.35
C THR C 94 -50.87 8.28 6.95
N GLY C 95 -51.16 7.34 7.84
CA GLY C 95 -52.36 6.48 7.81
C GLY C 95 -53.36 6.98 8.83
N LYS C 96 -54.37 6.17 9.11
CA LYS C 96 -55.47 6.51 10.03
C LYS C 96 -55.35 5.80 11.39
N GLU C 97 -54.62 4.69 11.42
CA GLU C 97 -54.62 3.74 12.52
C GLU C 97 -53.18 3.27 12.75
N ASP C 98 -52.72 3.23 14.00
CA ASP C 98 -51.31 2.88 14.23
C ASP C 98 -51.08 1.37 14.36
N ALA C 99 -49.81 0.99 14.52
CA ALA C 99 -49.43 -0.41 14.74
C ALA C 99 -49.67 -0.94 16.15
N ALA C 100 -50.03 -0.04 17.07
CA ALA C 100 -50.34 -0.39 18.45
C ALA C 100 -49.25 -1.21 19.19
N ASN C 101 -48.01 -0.76 19.07
CA ASN C 101 -46.90 -1.37 19.80
C ASN C 101 -46.70 -2.83 19.42
N ASN C 102 -47.04 -3.16 18.18
CA ASN C 102 -47.04 -4.54 17.67
C ASN C 102 -46.25 -4.60 16.35
N TYR C 103 -45.11 -5.28 16.37
CA TYR C 103 -44.26 -5.42 15.18
C TYR C 103 -45.08 -5.96 14.03
N ALA C 104 -45.98 -6.90 14.33
CA ALA C 104 -46.75 -7.56 13.30
C ALA C 104 -47.65 -6.64 12.53
N ARG C 105 -48.32 -5.71 13.20
CA ARG C 105 -49.26 -4.81 12.52
C ARG C 105 -48.50 -3.83 11.70
N GLY C 106 -47.33 -3.41 12.21
CA GLY C 106 -46.45 -2.47 11.50
C GLY C 106 -45.84 -3.09 10.27
N HIS C 107 -45.53 -4.38 10.35
CA HIS C 107 -44.90 -5.10 9.24
C HIS C 107 -45.89 -5.67 8.17
N TYR C 108 -47.00 -6.24 8.64
CA TYR C 108 -47.99 -6.89 7.82
C TYR C 108 -49.27 -6.07 7.75
N THR C 109 -50.09 -6.11 8.80
CA THR C 109 -51.50 -5.72 8.73
C THR C 109 -51.77 -4.24 8.37
N ILE C 110 -51.40 -3.29 9.21
CA ILE C 110 -51.58 -1.89 8.86
C ILE C 110 -50.53 -1.46 7.81
N GLY C 111 -49.36 -2.12 7.85
CA GLY C 111 -48.19 -1.68 7.10
C GLY C 111 -48.28 -1.85 5.61
N LYS C 112 -48.77 -3.00 5.17
CA LYS C 112 -48.86 -3.27 3.74
C LYS C 112 -49.91 -2.43 3.01
N GLU C 113 -50.75 -1.71 3.76
CA GLU C 113 -51.72 -0.79 3.18
C GLU C 113 -51.07 0.48 2.67
N ILE C 114 -49.96 0.89 3.30
CA ILE C 114 -49.31 2.17 2.97
C ILE C 114 -47.90 2.03 2.31
N ILE C 115 -47.35 0.83 2.29
CA ILE C 115 -45.99 0.62 1.78
C ILE C 115 -45.74 1.01 0.32
N ASP C 116 -46.65 0.72 -0.59
CA ASP C 116 -46.48 1.13 -2.03
C ASP C 116 -46.51 2.64 -2.17
N LEU C 117 -47.40 3.29 -1.43
CA LEU C 117 -47.40 4.73 -1.38
C LEU C 117 -46.06 5.27 -0.87
N VAL C 118 -45.50 4.68 0.19
CA VAL C 118 -44.21 5.17 0.72
C VAL C 118 -43.06 5.01 -0.30
N LEU C 119 -42.98 3.86 -0.96
CA LEU C 119 -41.94 3.62 -1.97
C LEU C 119 -42.08 4.50 -3.21
N ASP C 120 -43.33 4.72 -3.62
CA ASP C 120 -43.68 5.66 -4.68
C ASP C 120 -43.12 7.07 -4.37
N ARG C 121 -43.30 7.55 -3.13
CA ARG C 121 -42.79 8.88 -2.76
C ARG C 121 -41.28 8.91 -2.59
N ILE C 122 -40.70 7.84 -2.06
CA ILE C 122 -39.24 7.71 -1.98
C ILE C 122 -38.66 7.73 -3.39
N ARG C 123 -39.32 7.05 -4.31
CA ARG C 123 -38.95 7.07 -5.71
C ARG C 123 -38.95 8.46 -6.32
N LYS C 124 -39.96 9.28 -6.02
CA LYS C 124 -39.99 10.67 -6.53
C LYS C 124 -38.82 11.54 -6.10
N LEU C 125 -38.28 11.29 -4.91
CA LEU C 125 -37.07 11.96 -4.43
C LEU C 125 -35.81 11.36 -5.06
N ALA C 126 -35.81 10.05 -5.21
CA ALA C 126 -34.69 9.36 -5.81
C ALA C 126 -34.43 9.80 -7.25
N ASP C 127 -35.48 10.20 -7.96
CA ASP C 127 -35.37 10.67 -9.35
C ASP C 127 -35.04 12.17 -9.50
N GLN C 128 -35.09 12.95 -8.40
CA GLN C 128 -34.46 14.27 -8.36
C GLN C 128 -32.94 14.20 -8.16
N CYS C 129 -32.37 12.98 -8.09
CA CYS C 129 -30.96 12.77 -7.71
C CYS C 129 -30.11 12.38 -8.91
N THR C 130 -28.99 13.08 -9.08
CA THR C 130 -28.07 12.81 -10.16
C THR C 130 -27.07 11.71 -9.81
N GLY C 131 -26.73 11.59 -8.52
CA GLY C 131 -25.90 10.46 -8.03
C GLY C 131 -26.17 10.02 -6.59
N LEU C 132 -27.35 9.44 -6.35
CA LEU C 132 -27.80 9.02 -5.01
C LEU C 132 -26.83 8.07 -4.29
N GLN C 133 -26.40 8.48 -3.11
CA GLN C 133 -25.45 7.74 -2.27
C GLN C 133 -26.17 6.66 -1.48
N GLY C 134 -27.27 7.04 -0.82
CA GLY C 134 -28.07 6.07 -0.07
C GLY C 134 -29.08 6.67 0.88
N PHE C 135 -29.64 5.85 1.77
CA PHE C 135 -30.67 6.30 2.71
C PHE C 135 -30.18 6.37 4.14
N LEU C 136 -30.82 7.21 4.94
CA LEU C 136 -30.63 7.30 6.38
C LEU C 136 -31.97 7.05 7.03
N VAL C 137 -32.09 5.99 7.79
CA VAL C 137 -33.40 5.58 8.32
C VAL C 137 -33.44 5.80 9.84
N PHE C 138 -34.36 6.67 10.27
CA PHE C 138 -34.54 7.05 11.66
C PHE C 138 -35.78 6.36 12.17
N HIS C 139 -35.68 5.60 13.26
CA HIS C 139 -36.82 4.87 13.80
C HIS C 139 -36.52 4.33 15.19
N SER C 140 -37.56 4.08 15.97
CA SER C 140 -37.41 3.40 17.24
C SER C 140 -37.34 1.88 17.05
N PHE C 141 -36.62 1.19 17.94
CA PHE C 141 -36.65 -0.26 18.05
C PHE C 141 -37.97 -0.73 18.65
N GLY C 142 -38.54 0.07 19.53
CA GLY C 142 -39.60 -0.39 20.42
C GLY C 142 -41.03 -0.22 19.96
N GLY C 143 -41.27 0.81 19.14
CA GLY C 143 -42.60 1.03 18.56
C GLY C 143 -43.03 -0.05 17.57
N GLY C 144 -44.31 -0.06 17.26
CA GLY C 144 -44.88 -1.00 16.31
C GLY C 144 -44.60 -0.58 14.90
N THR C 145 -44.69 0.73 14.63
CA THR C 145 -44.37 1.28 13.32
C THR C 145 -42.87 1.31 13.14
N GLY C 146 -42.17 1.90 14.12
CA GLY C 146 -40.71 1.97 14.15
C GLY C 146 -40.02 0.63 13.98
N SER C 147 -40.58 -0.42 14.55
CA SER C 147 -39.98 -1.76 14.42
C SER C 147 -40.40 -2.52 13.15
N GLY C 148 -41.70 -2.63 12.95
CA GLY C 148 -42.29 -3.43 11.86
C GLY C 148 -42.41 -2.74 10.53
N PHE C 149 -42.76 -1.46 10.47
CA PHE C 149 -42.77 -0.78 9.16
C PHE C 149 -41.35 -0.61 8.62
N THR C 150 -40.44 -0.12 9.46
CA THR C 150 -39.03 0.00 9.11
C THR C 150 -38.49 -1.31 8.54
N SER C 151 -38.77 -2.44 9.18
CA SER C 151 -38.27 -3.73 8.68
CA SER C 151 -38.29 -3.73 8.68
C SER C 151 -38.80 -4.01 7.29
N LEU C 152 -40.12 -3.85 7.12
CA LEU C 152 -40.75 -3.97 5.79
C LEU C 152 -40.13 -3.01 4.76
N LEU C 153 -39.89 -1.77 5.16
CA LEU C 153 -39.33 -0.76 4.28
C LEU C 153 -37.91 -1.12 3.85
N MET C 154 -37.11 -1.60 4.81
CA MET C 154 -35.73 -1.94 4.56
C MET C 154 -35.66 -3.10 3.59
N GLU C 155 -36.48 -4.11 3.82
CA GLU C 155 -36.60 -5.24 2.89
C GLU C 155 -36.91 -4.75 1.48
N ARG C 156 -37.92 -3.89 1.37
CA ARG C 156 -38.37 -3.42 0.10
C ARG C 156 -37.33 -2.54 -0.55
N LEU C 157 -36.70 -1.66 0.22
CA LEU C 157 -35.60 -0.83 -0.30
C LEU C 157 -34.43 -1.65 -0.88
N SER C 158 -34.11 -2.80 -0.30
CA SER C 158 -33.09 -3.68 -0.84
C SER C 158 -33.47 -4.23 -2.20
N VAL C 159 -34.76 -4.34 -2.45
CA VAL C 159 -35.27 -4.81 -3.73
C VAL C 159 -35.25 -3.68 -4.76
N ASP C 160 -35.83 -2.54 -4.44
CA ASP C 160 -35.88 -1.43 -5.40
C ASP C 160 -34.51 -0.81 -5.64
N TYR C 161 -33.64 -0.74 -4.63
CA TYR C 161 -32.36 -0.03 -4.77
C TYR C 161 -31.11 -0.91 -4.58
N GLY C 162 -31.28 -2.21 -4.70
CA GLY C 162 -30.15 -3.10 -4.67
C GLY C 162 -29.29 -2.97 -3.43
N LYS C 163 -28.03 -2.57 -3.62
CA LYS C 163 -27.02 -2.54 -2.55
C LYS C 163 -26.56 -1.11 -2.15
N LYS C 164 -27.06 -0.09 -2.88
CA LYS C 164 -27.19 1.29 -2.39
C LYS C 164 -27.20 1.31 -0.87
N SER C 165 -26.36 2.15 -0.27
CA SER C 165 -26.07 2.01 1.15
C SER C 165 -27.26 2.48 2.03
N LYS C 166 -27.47 1.82 3.17
CA LYS C 166 -28.55 2.17 4.12
C LYS C 166 -28.02 2.23 5.54
N LEU C 167 -28.12 3.41 6.17
CA LEU C 167 -27.67 3.67 7.53
C LEU C 167 -28.91 3.75 8.38
N GLU C 168 -28.84 3.25 9.60
CA GLU C 168 -29.93 3.41 10.58
C GLU C 168 -29.45 4.25 11.74
N PHE C 169 -30.30 5.16 12.19
CA PHE C 169 -30.23 5.66 13.56
C PHE C 169 -31.42 5.06 14.33
N SER C 170 -31.11 4.09 15.20
CA SER C 170 -32.12 3.30 15.87
C SER C 170 -32.27 3.67 17.36
N ILE C 171 -33.47 4.04 17.81
CA ILE C 171 -33.70 4.36 19.21
C ILE C 171 -33.93 3.09 20.04
N TYR C 172 -33.04 2.84 21.00
CA TYR C 172 -33.02 1.63 21.80
C TYR C 172 -33.74 1.92 23.13
N PRO C 173 -34.67 1.03 23.52
CA PRO C 173 -35.65 1.41 24.51
C PRO C 173 -35.11 1.45 25.90
N ALA C 174 -35.68 2.32 26.72
CA ALA C 174 -35.25 2.52 28.07
C ALA C 174 -36.46 2.68 29.00
N PRO C 175 -36.41 2.08 30.21
CA PRO C 175 -37.57 2.11 31.11
C PRO C 175 -38.05 3.50 31.55
N GLN C 176 -37.19 4.51 31.55
CA GLN C 176 -37.57 5.85 32.01
C GLN C 176 -38.62 6.50 31.10
N VAL C 177 -38.57 6.20 29.81
CA VAL C 177 -39.46 6.80 28.80
C VAL C 177 -40.23 5.75 27.98
N SER C 178 -40.18 4.48 28.40
CA SER C 178 -40.76 3.39 27.61
C SER C 178 -42.27 3.42 27.73
N THR C 179 -42.91 3.05 26.62
CA THR C 179 -44.36 3.18 26.37
C THR C 179 -45.09 1.81 26.29
N ALA C 180 -44.35 0.70 26.29
CA ALA C 180 -44.91 -0.63 26.02
C ALA C 180 -44.09 -1.74 26.66
N VAL C 181 -44.79 -2.76 27.13
CA VAL C 181 -44.15 -3.88 27.80
C VAL C 181 -43.45 -4.75 26.78
N VAL C 182 -44.00 -4.78 25.57
CA VAL C 182 -43.53 -5.65 24.51
C VAL C 182 -42.37 -5.05 23.67
N GLU C 183 -41.73 -3.97 24.11
CA GLU C 183 -40.62 -3.39 23.34
C GLU C 183 -39.48 -4.39 23.07
N PRO C 184 -39.10 -5.24 24.04
CA PRO C 184 -38.06 -6.24 23.74
C PRO C 184 -38.38 -7.19 22.58
N TYR C 185 -39.64 -7.56 22.39
CA TYR C 185 -40.05 -8.39 21.25
C TYR C 185 -39.91 -7.61 19.95
N ASN C 186 -40.52 -6.44 19.89
CA ASN C 186 -40.39 -5.61 18.71
C ASN C 186 -38.91 -5.40 18.31
N SER C 187 -38.04 -5.18 19.30
CA SER C 187 -36.63 -4.85 19.12
C SER C 187 -35.86 -6.00 18.49
N ILE C 188 -36.11 -7.20 18.98
CA ILE C 188 -35.43 -8.39 18.51
C ILE C 188 -35.96 -8.81 17.16
N LEU C 189 -37.22 -8.54 16.87
CA LEU C 189 -37.80 -8.86 15.56
C LEU C 189 -37.25 -7.91 14.50
N THR C 190 -37.23 -6.60 14.79
CA THR C 190 -36.72 -5.65 13.80
C THR C 190 -35.23 -5.85 13.58
N THR C 191 -34.49 -6.02 14.66
CA THR C 191 -33.06 -6.19 14.56
C THR C 191 -32.80 -7.37 13.65
N HIS C 192 -33.45 -8.48 13.92
CA HIS C 192 -33.27 -9.67 13.12
C HIS C 192 -33.59 -9.46 11.64
N THR C 193 -34.76 -8.94 11.33
CA THR C 193 -35.17 -8.83 9.93
C THR C 193 -34.47 -7.71 9.18
N THR C 194 -33.86 -6.75 9.89
CA THR C 194 -33.10 -5.64 9.26
C THR C 194 -31.60 -5.88 9.04
N LEU C 195 -31.03 -6.89 9.69
CA LEU C 195 -29.57 -7.07 9.78
C LEU C 195 -28.83 -7.33 8.45
N GLU C 196 -29.45 -8.00 7.49
CA GLU C 196 -28.91 -8.19 6.13
C GLU C 196 -29.06 -6.96 5.23
N HIS C 197 -29.94 -6.03 5.61
CA HIS C 197 -30.29 -4.92 4.75
C HIS C 197 -29.70 -3.62 5.19
N SER C 198 -29.18 -3.55 6.40
CA SER C 198 -28.58 -2.32 6.86
C SER C 198 -27.07 -2.49 6.70
N ASP C 199 -26.39 -1.43 6.29
CA ASP C 199 -24.95 -1.38 6.09
C ASP C 199 -24.21 -0.86 7.32
N CYS C 200 -24.89 -0.06 8.13
CA CYS C 200 -24.35 0.53 9.34
C CYS C 200 -25.51 0.99 10.20
N ALA C 201 -25.39 0.90 11.50
CA ALA C 201 -26.50 1.20 12.39
C ALA C 201 -25.99 1.86 13.65
N PHE C 202 -26.31 3.13 13.83
CA PHE C 202 -25.96 3.83 15.06
C PHE C 202 -27.10 3.65 16.06
N MET C 203 -26.89 2.84 17.09
CA MET C 203 -27.86 2.75 18.19
C MET C 203 -27.76 3.92 19.15
N VAL C 204 -28.91 4.42 19.56
CA VAL C 204 -29.01 5.45 20.60
C VAL C 204 -29.85 4.91 21.73
N ASP C 205 -29.26 4.88 22.93
CA ASP C 205 -29.90 4.29 24.10
C ASP C 205 -30.55 5.45 24.83
N ASN C 206 -31.88 5.41 24.90
CA ASN C 206 -32.65 6.47 25.54
C ASN C 206 -32.23 6.77 26.97
N GLU C 207 -31.80 5.73 27.67
CA GLU C 207 -31.32 5.86 29.04
C GLU C 207 -30.02 6.65 29.09
N ALA C 208 -29.11 6.35 28.17
CA ALA C 208 -27.81 7.02 28.06
C ALA C 208 -28.02 8.51 27.82
N ILE C 209 -28.96 8.83 26.94
CA ILE C 209 -29.29 10.20 26.62
C ILE C 209 -30.01 10.81 27.82
N TYR C 210 -30.96 10.07 28.42
CA TYR C 210 -31.66 10.50 29.64
C TYR C 210 -30.69 10.85 30.77
N ASP C 211 -29.69 10.01 30.99
CA ASP C 211 -28.69 10.25 32.02
C ASP C 211 -27.84 11.46 31.76
N ILE C 212 -27.46 11.64 30.51
CA ILE C 212 -26.67 12.81 30.07
C ILE C 212 -27.45 14.11 30.30
N CYS C 213 -28.74 14.12 29.99
CA CYS C 213 -29.57 15.29 30.22
C CYS C 213 -29.69 15.69 31.69
N ARG C 214 -29.85 14.71 32.57
CA ARG C 214 -29.88 14.96 34.00
C ARG C 214 -28.55 15.42 34.52
N ARG C 215 -27.49 14.71 34.14
CA ARG C 215 -26.17 14.93 34.72
C ARG C 215 -25.50 16.21 34.21
N ASN C 216 -25.42 16.36 32.89
CA ASN C 216 -24.62 17.44 32.29
C ASN C 216 -25.38 18.71 32.00
N LEU C 217 -26.69 18.60 31.74
CA LEU C 217 -27.53 19.77 31.42
C LEU C 217 -28.43 20.22 32.58
N ASP C 218 -28.34 19.53 33.73
CA ASP C 218 -29.07 19.81 34.97
C ASP C 218 -30.61 19.74 34.81
N ILE C 219 -31.09 18.87 33.92
CA ILE C 219 -32.54 18.76 33.61
C ILE C 219 -33.23 17.71 34.49
N GLU C 220 -34.17 18.15 35.33
CA GLU C 220 -34.70 17.29 36.40
C GLU C 220 -35.41 16.02 35.90
N ARG C 221 -36.29 16.17 34.91
CA ARG C 221 -36.99 15.05 34.27
C ARG C 221 -37.14 15.30 32.74
N PRO C 222 -36.13 14.90 31.96
CA PRO C 222 -36.11 15.26 30.53
C PRO C 222 -37.28 14.71 29.75
N THR C 223 -37.84 15.55 28.88
CA THR C 223 -38.87 15.14 27.94
C THR C 223 -38.19 14.60 26.68
N TYR C 224 -38.99 14.19 25.70
CA TYR C 224 -38.49 13.88 24.35
C TYR C 224 -37.85 15.08 23.66
N THR C 225 -38.39 16.27 23.87
CA THR C 225 -37.80 17.46 23.28
C THR C 225 -36.35 17.63 23.73
N ASN C 226 -36.09 17.36 25.02
CA ASN C 226 -34.74 17.44 25.59
C ASN C 226 -33.80 16.43 24.96
N LEU C 227 -34.28 15.19 24.78
CA LEU C 227 -33.45 14.11 24.24
C LEU C 227 -33.17 14.28 22.76
N ASN C 228 -34.18 14.71 22.00
CA ASN C 228 -34.01 14.82 20.57
C ASN C 228 -33.04 15.94 20.21
N ARG C 229 -33.04 17.00 20.99
CA ARG C 229 -32.13 18.11 20.78
C ARG C 229 -30.68 17.67 20.96
N LEU C 230 -30.43 16.76 21.90
CA LEU C 230 -29.10 16.20 22.09
C LEU C 230 -28.73 15.20 20.98
N ILE C 231 -29.65 14.30 20.69
CA ILE C 231 -29.52 13.37 19.57
C ILE C 231 -29.22 14.08 18.24
N SER C 232 -29.94 15.16 17.94
CA SER C 232 -29.73 15.86 16.67
C SER C 232 -28.33 16.41 16.54
N GLN C 233 -27.75 16.77 17.68
CA GLN C 233 -26.37 17.19 17.73
C GLN C 233 -25.42 16.08 17.33
N ILE C 234 -25.65 14.88 17.88
CA ILE C 234 -24.86 13.70 17.50
C ILE C 234 -25.06 13.32 16.02
N VAL C 235 -26.31 13.24 15.58
CA VAL C 235 -26.64 13.00 14.17
C VAL C 235 -25.94 14.03 13.30
N SER C 236 -26.02 15.30 13.70
CA SER C 236 -25.38 16.37 12.94
C SER C 236 -23.86 16.23 12.80
N SER C 237 -23.21 15.79 13.88
CA SER C 237 -21.77 15.54 13.86
C SER C 237 -21.39 14.47 12.87
N ILE C 238 -22.22 13.43 12.79
CA ILE C 238 -22.00 12.32 11.87
C ILE C 238 -22.29 12.69 10.43
N THR C 239 -23.42 13.35 10.17
CA THR C 239 -23.73 13.80 8.81
C THR C 239 -22.97 15.03 8.35
N ALA C 240 -22.30 15.76 9.26
CA ALA C 240 -21.59 16.98 8.87
C ALA C 240 -20.49 16.78 7.80
N SER C 241 -19.82 15.64 7.83
CA SER C 241 -18.93 15.23 6.73
C SER C 241 -19.62 15.12 5.37
N LEU C 242 -20.92 14.88 5.32
CA LEU C 242 -21.68 14.92 4.07
C LEU C 242 -22.17 16.30 3.62
N ARG C 243 -22.34 17.22 4.57
CA ARG C 243 -22.99 18.50 4.33
C ARG C 243 -22.05 19.70 4.18
N PHE C 244 -20.76 19.52 4.44
CA PHE C 244 -19.78 20.63 4.43
C PHE C 244 -18.51 20.35 3.63
N ASP C 245 -18.03 21.39 2.94
CA ASP C 245 -16.69 21.41 2.29
C ASP C 245 -15.63 21.42 3.37
N GLY C 246 -14.42 21.00 3.03
CA GLY C 246 -13.32 21.14 3.97
C GLY C 246 -12.07 20.43 3.54
N ALA C 247 -10.94 21.11 3.70
CA ALA C 247 -9.61 20.52 3.48
C ALA C 247 -9.40 19.22 4.29
N LEU C 248 -9.69 19.29 5.60
CA LEU C 248 -9.46 18.19 6.53
C LEU C 248 -10.70 17.32 6.80
N ASN C 249 -11.75 17.50 6.00
CA ASN C 249 -12.98 16.76 6.16
C ASN C 249 -12.93 15.38 5.49
N VAL C 250 -12.96 14.34 6.31
CA VAL C 250 -13.05 12.96 5.87
C VAL C 250 -14.52 12.62 5.69
N ASP C 251 -14.85 12.06 4.52
CA ASP C 251 -16.24 11.67 4.24
C ASP C 251 -16.68 10.51 5.14
N LEU C 252 -17.98 10.45 5.40
CA LEU C 252 -18.53 9.42 6.26
C LEU C 252 -18.33 7.98 5.76
N THR C 253 -18.35 7.76 4.45
CA THR C 253 -18.15 6.42 3.89
C THR C 253 -16.73 5.89 4.15
N GLU C 254 -15.78 6.79 4.22
CA GLU C 254 -14.41 6.43 4.49
C GLU C 254 -14.26 5.92 5.94
N PHE C 255 -14.93 6.60 6.88
CA PHE C 255 -15.10 6.08 8.24
C PHE C 255 -15.73 4.69 8.26
N GLN C 256 -16.76 4.48 7.43
CA GLN C 256 -17.43 3.18 7.34
C GLN C 256 -16.55 2.05 6.91
N THR C 257 -15.62 2.32 5.99
CA THR C 257 -14.64 1.31 5.60
C THR C 257 -13.91 0.77 6.83
N ASN C 258 -13.50 1.69 7.69
CA ASN C 258 -12.82 1.35 8.94
C ASN C 258 -13.76 0.75 10.02
N LEU C 259 -15.01 1.24 10.08
CA LEU C 259 -15.97 0.83 11.15
C LEU C 259 -16.61 -0.54 11.05
N VAL C 260 -16.56 -1.16 9.88
CA VAL C 260 -17.31 -2.37 9.61
C VAL C 260 -16.40 -3.45 9.08
N PRO C 261 -15.84 -4.27 9.95
CA PRO C 261 -14.90 -5.24 9.49
C PRO C 261 -15.54 -6.50 8.93
N TYR C 262 -16.77 -6.83 9.33
CA TYR C 262 -17.55 -7.90 8.71
C TYR C 262 -18.97 -7.41 8.57
N PRO C 263 -19.74 -7.90 7.59
CA PRO C 263 -21.13 -7.36 7.37
C PRO C 263 -22.00 -7.25 8.62
N ARG C 264 -22.03 -8.28 9.45
CA ARG C 264 -22.82 -8.25 10.69
C ARG C 264 -22.29 -7.32 11.81
N ILE C 265 -20.98 -7.03 11.81
CA ILE C 265 -20.39 -6.15 12.82
C ILE C 265 -20.50 -4.72 12.35
N HIS C 266 -21.69 -4.15 12.40
CA HIS C 266 -21.88 -2.83 11.82
C HIS C 266 -22.56 -1.87 12.78
N PHE C 267 -22.27 -2.03 14.07
CA PHE C 267 -22.89 -1.24 15.14
C PHE C 267 -21.87 -0.44 15.92
N PRO C 268 -21.58 0.79 15.42
CA PRO C 268 -20.65 1.64 16.13
C PRO C 268 -21.27 2.33 17.32
N LEU C 269 -20.43 2.49 18.33
CA LEU C 269 -20.74 3.17 19.55
C LEU C 269 -20.39 4.61 19.29
N ALA C 270 -21.31 5.54 19.57
CA ALA C 270 -20.98 6.94 19.45
C ALA C 270 -20.81 7.54 20.85
N THR C 271 -20.01 8.60 20.91
CA THR C 271 -19.75 9.36 22.12
C THR C 271 -19.50 10.82 21.74
N TYR C 272 -20.22 11.74 22.38
CA TYR C 272 -20.21 13.15 22.00
C TYR C 272 -19.72 14.03 23.13
N ALA C 273 -18.94 15.05 22.81
CA ALA C 273 -18.52 16.04 23.82
C ALA C 273 -18.26 17.39 23.16
N PRO C 274 -18.52 18.49 23.86
CA PRO C 274 -18.99 18.58 25.22
C PRO C 274 -20.49 18.81 25.27
N VAL C 275 -21.14 18.15 26.21
CA VAL C 275 -22.53 18.45 26.56
C VAL C 275 -22.50 19.20 27.89
N ILE C 276 -22.81 20.48 27.84
CA ILE C 276 -22.59 21.36 28.96
C ILE C 276 -23.64 22.46 28.89
N SER C 277 -24.05 22.95 30.06
CA SER C 277 -25.05 24.02 30.13
C SER C 277 -24.34 25.36 29.91
N ALA C 278 -25.08 26.36 29.46
CA ALA C 278 -24.54 27.73 29.31
C ALA C 278 -23.91 28.24 30.62
N GLU C 279 -24.65 28.05 31.71
CA GLU C 279 -24.23 28.38 33.07
C GLU C 279 -22.79 27.90 33.31
N LYS C 280 -22.54 26.63 32.98
CA LYS C 280 -21.23 25.99 33.23
C LYS C 280 -20.16 26.31 32.16
N ALA C 281 -20.57 26.60 30.94
CA ALA C 281 -19.64 26.90 29.85
C ALA C 281 -19.11 28.33 29.88
N TYR C 282 -19.79 29.26 30.57
CA TYR C 282 -19.33 30.65 30.70
C TYR C 282 -17.96 30.68 31.39
N HIS C 283 -17.07 31.52 30.84
CA HIS C 283 -15.65 31.58 31.27
C HIS C 283 -14.98 30.19 31.44
N GLU C 284 -15.29 29.28 30.53
CA GLU C 284 -14.85 27.91 30.64
C GLU C 284 -14.70 27.36 29.24
N GLN C 285 -13.66 27.81 28.54
CA GLN C 285 -13.34 27.30 27.19
C GLN C 285 -12.76 25.90 27.30
N LEU C 286 -13.38 24.93 26.61
CA LEU C 286 -12.94 23.53 26.61
C LEU C 286 -12.03 23.25 25.41
N SER C 287 -10.79 22.90 25.70
CA SER C 287 -9.76 22.68 24.71
C SER C 287 -10.01 21.38 23.96
N VAL C 288 -9.16 21.13 22.97
CA VAL C 288 -9.22 19.90 22.20
C VAL C 288 -8.89 18.67 23.05
N ALA C 289 -7.91 18.78 23.95
CA ALA C 289 -7.54 17.65 24.84
C ALA C 289 -8.66 17.27 25.79
N GLU C 290 -9.44 18.25 26.26
CA GLU C 290 -10.49 17.98 27.25
C GLU C 290 -11.69 17.24 26.63
N ILE C 291 -12.13 17.70 25.45
CA ILE C 291 -13.23 17.05 24.73
C ILE C 291 -12.85 15.69 24.14
N THR C 292 -11.61 15.59 23.66
CA THR C 292 -11.07 14.30 23.25
C THR C 292 -11.03 13.33 24.44
N ASN C 293 -10.56 13.79 25.59
N ASN C 293 -10.53 13.79 25.59
CA ASN C 293 -10.56 12.93 26.78
CA ASN C 293 -10.52 12.98 26.82
C ASN C 293 -11.95 12.51 27.19
C ASN C 293 -11.93 12.53 27.20
N ALA C 294 -12.91 13.43 27.05
CA ALA C 294 -14.32 13.17 27.35
C ALA C 294 -14.95 12.06 26.50
N CYS C 295 -14.43 11.86 25.28
CA CYS C 295 -14.88 10.76 24.43
C CYS C 295 -14.62 9.35 24.98
N PHE C 296 -13.64 9.20 25.87
CA PHE C 296 -13.35 7.92 26.47
C PHE C 296 -13.89 7.83 27.88
N GLU C 297 -14.71 8.79 28.29
CA GLU C 297 -15.48 8.65 29.51
C GLU C 297 -16.79 8.02 29.10
N PRO C 298 -17.08 6.82 29.64
CA PRO C 298 -18.28 6.12 29.20
C PRO C 298 -19.62 6.69 29.64
N ALA C 299 -19.62 7.72 30.49
CA ALA C 299 -20.83 8.47 30.75
C ALA C 299 -21.22 9.37 29.58
N ASN C 300 -20.30 9.66 28.66
CA ASN C 300 -20.64 10.46 27.51
C ASN C 300 -21.15 9.67 26.30
N GLN C 301 -21.21 8.34 26.42
CA GLN C 301 -21.66 7.46 25.35
C GLN C 301 -23.17 7.48 25.07
N MET C 302 -23.51 7.11 23.85
CA MET C 302 -24.88 6.98 23.40
C MET C 302 -25.51 5.66 23.76
N VAL C 303 -24.70 4.67 24.08
CA VAL C 303 -25.20 3.38 24.51
C VAL C 303 -24.51 3.01 25.81
N LYS C 304 -25.30 2.59 26.78
CA LYS C 304 -24.73 2.14 28.05
C LYS C 304 -24.06 0.79 27.87
N CYS C 305 -22.73 0.85 27.75
CA CYS C 305 -21.84 -0.32 27.80
C CYS C 305 -20.47 0.14 28.33
N ASP C 306 -19.55 -0.79 28.57
CA ASP C 306 -18.23 -0.41 29.01
C ASP C 306 -17.16 -0.88 28.02
N PRO C 307 -16.67 0.03 27.14
CA PRO C 307 -15.58 -0.31 26.22
C PRO C 307 -14.29 -0.77 26.93
N ARG C 308 -14.07 -0.28 28.16
CA ARG C 308 -12.92 -0.69 28.98
C ARG C 308 -12.87 -2.19 29.26
N HIS C 309 -14.02 -2.85 29.38
CA HIS C 309 -14.04 -4.30 29.60
C HIS C 309 -14.27 -5.08 28.29
N GLY C 310 -13.80 -4.50 27.17
CA GLY C 310 -13.93 -5.09 25.83
C GLY C 310 -12.78 -4.68 24.92
N LYS C 311 -12.91 -4.95 23.63
CA LYS C 311 -11.84 -4.64 22.67
C LYS C 311 -12.32 -3.79 21.49
N TYR C 312 -11.46 -2.84 21.13
CA TYR C 312 -11.69 -1.96 20.00
C TYR C 312 -11.28 -2.61 18.70
N MET C 313 -12.10 -2.36 17.67
CA MET C 313 -11.77 -2.70 16.30
C MET C 313 -11.59 -1.48 15.40
N ALA C 314 -11.92 -0.29 15.90
CA ALA C 314 -11.77 0.98 15.18
C ALA C 314 -12.11 2.09 16.11
N CYS C 315 -11.60 3.26 15.79
CA CYS C 315 -11.80 4.44 16.60
CA CYS C 315 -11.79 4.46 16.61
C CYS C 315 -11.68 5.62 15.65
N CYS C 316 -12.78 6.33 15.46
CA CYS C 316 -12.83 7.48 14.56
C CYS C 316 -13.16 8.70 15.37
N LEU C 317 -12.49 9.80 15.11
CA LEU C 317 -12.85 11.07 15.72
C LEU C 317 -13.34 12.09 14.68
N LEU C 318 -14.58 12.55 14.86
CA LEU C 318 -15.14 13.57 13.98
C LEU C 318 -15.20 14.87 14.74
N TYR C 319 -14.21 15.73 14.53
CA TYR C 319 -14.17 17.04 15.18
C TYR C 319 -14.90 18.07 14.33
N ARG C 320 -15.56 19.02 14.97
CA ARG C 320 -16.04 20.19 14.26
C ARG C 320 -15.69 21.48 15.02
N GLY C 321 -15.53 22.57 14.27
CA GLY C 321 -15.12 23.85 14.82
C GLY C 321 -13.63 24.18 14.76
N ASP C 322 -13.22 25.06 15.70
CA ASP C 322 -11.84 25.49 15.90
C ASP C 322 -10.96 24.33 16.40
N VAL C 323 -10.49 23.54 15.44
CA VAL C 323 -9.65 22.39 15.72
C VAL C 323 -8.64 22.31 14.59
N VAL C 324 -7.40 22.02 14.93
CA VAL C 324 -6.32 21.83 13.95
C VAL C 324 -5.58 20.54 14.32
N PRO C 325 -5.03 19.83 13.31
CA PRO C 325 -4.42 18.50 13.50
C PRO C 325 -3.40 18.36 14.63
N LYS C 326 -2.55 19.38 14.81
CA LYS C 326 -1.53 19.38 15.88
C LYS C 326 -2.08 19.05 17.27
N ASP C 327 -3.13 19.78 17.64
CA ASP C 327 -3.81 19.64 18.94
C ASP C 327 -4.45 18.28 19.13
N VAL C 328 -5.10 17.82 18.06
CA VAL C 328 -5.65 16.47 17.98
C VAL C 328 -4.58 15.40 18.20
N ASN C 329 -3.44 15.51 17.51
CA ASN C 329 -2.37 14.49 17.68
C ASN C 329 -1.83 14.49 19.10
N ALA C 330 -1.52 15.67 19.62
CA ALA C 330 -1.06 15.76 21.01
C ALA C 330 -2.11 15.13 21.96
N ALA C 331 -3.37 15.50 21.80
CA ALA C 331 -4.44 14.95 22.62
C ALA C 331 -4.52 13.42 22.58
N ILE C 332 -4.39 12.84 21.38
CA ILE C 332 -4.42 11.36 21.21
C ILE C 332 -3.20 10.67 21.88
N ALA C 333 -2.02 11.30 21.79
CA ALA C 333 -0.81 10.80 22.44
C ALA C 333 -0.98 10.67 23.97
N THR C 334 -1.59 11.70 24.57
CA THR C 334 -1.87 11.74 26.00
C THR C 334 -2.81 10.60 26.37
N ILE C 335 -3.91 10.49 25.64
CA ILE C 335 -4.89 9.44 25.87
C ILE C 335 -4.32 8.02 25.75
N LYS C 336 -3.43 7.77 24.78
CA LYS C 336 -2.88 6.42 24.58
C LYS C 336 -2.11 5.91 25.79
N THR C 337 -1.28 6.75 26.39
CA THR C 337 -0.55 6.41 27.62
C THR C 337 -1.43 6.36 28.89
N LYS C 338 -2.44 7.22 29.00
CA LYS C 338 -3.23 7.37 30.24
C LYS C 338 -4.61 6.65 30.32
N ARG C 339 -5.01 5.90 29.30
CA ARG C 339 -6.37 5.31 29.29
C ARG C 339 -6.47 3.86 28.77
N SER C 340 -7.62 3.26 29.08
CA SER C 340 -7.87 1.83 28.86
C SER C 340 -8.34 1.55 27.41
N ILE C 341 -7.37 1.41 26.50
CA ILE C 341 -7.66 1.21 25.06
C ILE C 341 -6.90 0.02 24.52
N GLN C 342 -7.58 -1.11 24.41
CA GLN C 342 -6.98 -2.32 23.89
C GLN C 342 -7.70 -2.69 22.60
N PHE C 343 -6.96 -2.73 21.50
CA PHE C 343 -7.45 -3.20 20.22
C PHE C 343 -7.34 -4.72 20.10
N VAL C 344 -8.15 -5.31 19.24
CA VAL C 344 -7.94 -6.70 18.81
C VAL C 344 -6.66 -6.81 18.02
N ASP C 345 -6.06 -7.99 18.03
CA ASP C 345 -4.75 -8.18 17.42
C ASP C 345 -4.69 -8.14 15.89
N TRP C 346 -5.86 -8.11 15.23
CA TRP C 346 -5.97 -8.04 13.79
C TRP C 346 -6.31 -6.67 13.21
N CYS C 347 -6.52 -5.67 14.07
N CYS C 347 -6.53 -5.66 14.05
CA CYS C 347 -6.70 -4.28 13.64
CA CYS C 347 -6.75 -4.28 13.59
C CYS C 347 -5.45 -3.46 13.88
C CYS C 347 -5.52 -3.42 13.90
N PRO C 348 -5.14 -2.52 12.97
CA PRO C 348 -4.13 -1.49 13.32
C PRO C 348 -4.72 -0.50 14.33
N THR C 349 -3.89 0.00 15.25
CA THR C 349 -4.39 0.79 16.37
C THR C 349 -4.51 2.30 16.10
N GLY C 350 -4.34 2.74 14.87
CA GLY C 350 -4.43 4.18 14.56
C GLY C 350 -5.83 4.72 14.64
N PHE C 351 -5.98 5.92 15.17
CA PHE C 351 -7.29 6.59 15.27
C PHE C 351 -7.46 7.38 14.01
N LYS C 352 -8.61 7.27 13.36
CA LYS C 352 -8.86 8.05 12.16
C LYS C 352 -9.60 9.36 12.47
N VAL C 353 -9.04 10.48 12.03
CA VAL C 353 -9.51 11.81 12.40
C VAL C 353 -10.14 12.55 11.22
N GLY C 354 -11.22 13.27 11.46
CA GLY C 354 -11.77 14.21 10.49
C GLY C 354 -12.19 15.50 11.18
N ILE C 355 -12.09 16.61 10.45
CA ILE C 355 -12.29 17.94 10.99
C ILE C 355 -13.13 18.80 10.06
N ASN C 356 -14.25 19.32 10.56
CA ASN C 356 -15.03 20.38 9.88
C ASN C 356 -14.83 21.70 10.54
N TYR C 357 -14.72 22.75 9.76
CA TYR C 357 -14.40 24.05 10.30
C TYR C 357 -15.64 24.73 10.81
N GLN C 358 -16.79 24.46 10.19
CA GLN C 358 -18.05 25.03 10.66
C GLN C 358 -18.31 24.63 12.11
N PRO C 359 -18.32 25.60 13.05
CA PRO C 359 -18.49 25.19 14.43
C PRO C 359 -19.95 24.80 14.66
N PRO C 360 -20.23 24.04 15.72
CA PRO C 360 -21.58 23.56 15.95
C PRO C 360 -22.53 24.69 16.37
N THR C 361 -23.82 24.46 16.23
CA THR C 361 -24.79 25.50 16.52
C THR C 361 -25.81 24.93 17.47
N VAL C 362 -26.66 25.82 17.94
CA VAL C 362 -27.66 25.44 18.89
C VAL C 362 -28.95 26.01 18.44
N VAL C 363 -30.00 25.28 18.76
CA VAL C 363 -31.35 25.66 18.45
C VAL C 363 -31.75 26.71 19.48
N PRO C 364 -32.43 27.79 19.03
CA PRO C 364 -32.87 28.81 19.99
C PRO C 364 -33.70 28.24 21.16
N GLY C 365 -33.44 28.75 22.37
CA GLY C 365 -34.15 28.33 23.57
C GLY C 365 -33.93 26.88 23.99
N GLY C 366 -32.69 26.40 23.80
CA GLY C 366 -32.30 25.03 24.19
C GLY C 366 -31.40 25.04 25.42
N ASP C 367 -30.96 23.86 25.81
CA ASP C 367 -30.18 23.70 27.02
C ASP C 367 -28.69 23.59 26.81
N LEU C 368 -28.26 23.24 25.60
CA LEU C 368 -26.84 23.17 25.30
C LEU C 368 -26.19 24.52 25.22
N ALA C 369 -24.93 24.60 25.64
CA ALA C 369 -24.12 25.76 25.38
C ALA C 369 -23.59 25.75 23.95
N LYS C 370 -23.47 26.96 23.38
CA LYS C 370 -22.75 27.16 22.13
C LYS C 370 -21.29 27.09 22.51
N VAL C 371 -20.55 26.18 21.90
CA VAL C 371 -19.13 25.97 22.20
C VAL C 371 -18.30 26.21 20.93
N GLN C 372 -17.02 26.56 21.10
CA GLN C 372 -16.18 26.86 19.91
C GLN C 372 -15.79 25.61 19.12
N ARG C 373 -15.71 24.46 19.81
CA ARG C 373 -15.32 23.18 19.20
C ARG C 373 -16.05 21.97 19.83
N ALA C 374 -16.12 20.89 19.08
CA ALA C 374 -16.86 19.70 19.51
C ALA C 374 -16.37 18.47 18.77
N VAL C 375 -16.74 17.30 19.25
CA VAL C 375 -16.20 16.04 18.73
C VAL C 375 -17.19 14.89 18.92
N CYS C 376 -17.32 14.07 17.87
CA CYS C 376 -18.05 12.81 18.00
C CYS C 376 -17.13 11.67 17.73
N MET C 377 -16.97 10.80 18.69
CA MET C 377 -16.19 9.61 18.46
C MET C 377 -17.11 8.48 17.99
N LEU C 378 -16.75 7.83 16.89
CA LEU C 378 -17.35 6.58 16.47
C LEU C 378 -16.33 5.44 16.64
N SER C 379 -16.63 4.53 17.54
CA SER C 379 -15.77 3.37 17.81
C SER C 379 -16.52 2.10 17.48
N ASN C 380 -15.79 1.04 17.13
CA ASN C 380 -16.40 -0.26 16.99
C ASN C 380 -15.75 -1.10 18.06
N THR C 381 -16.52 -1.33 19.10
CA THR C 381 -16.06 -2.06 20.25
C THR C 381 -16.96 -3.26 20.42
N THR C 382 -16.40 -4.32 20.96
CA THR C 382 -17.18 -5.51 21.28
C THR C 382 -18.10 -5.26 22.46
N ALA C 383 -17.81 -4.22 23.22
CA ALA C 383 -18.62 -3.84 24.37
C ALA C 383 -20.05 -3.60 24.02
N ILE C 384 -20.33 -3.13 22.81
CA ILE C 384 -21.71 -2.79 22.48
C ILE C 384 -22.62 -4.04 22.54
N ALA C 385 -22.04 -5.25 22.47
CA ALA C 385 -22.83 -6.47 22.57
C ALA C 385 -23.54 -6.60 23.94
N GLU C 386 -23.00 -5.94 24.97
CA GLU C 386 -23.70 -5.75 26.24
C GLU C 386 -25.16 -5.25 26.04
N ALA C 387 -25.36 -4.30 25.14
CA ALA C 387 -26.70 -3.76 24.84
C ALA C 387 -27.61 -4.83 24.24
N TRP C 388 -27.08 -5.66 23.35
CA TRP C 388 -27.86 -6.76 22.81
C TRP C 388 -28.23 -7.77 23.91
N ALA C 389 -27.26 -8.11 24.74
CA ALA C 389 -27.45 -9.00 25.87
C ALA C 389 -28.56 -8.57 26.87
N ARG C 390 -28.54 -7.30 27.30
CA ARG C 390 -29.56 -6.85 28.23
C ARG C 390 -30.92 -7.08 27.60
N LEU C 391 -31.08 -6.58 26.39
CA LEU C 391 -32.33 -6.66 25.65
C LEU C 391 -32.73 -8.11 25.37
N ASP C 392 -31.77 -8.96 25.01
CA ASP C 392 -32.05 -10.38 24.79
C ASP C 392 -32.49 -11.12 26.05
N HIS C 393 -31.98 -10.74 27.22
CA HIS C 393 -32.46 -11.30 28.47
C HIS C 393 -33.95 -10.95 28.78
N LYS C 394 -34.33 -9.67 28.56
CA LYS C 394 -35.72 -9.24 28.74
C LYS C 394 -36.60 -10.03 27.81
N PHE C 395 -36.22 -10.13 26.55
CA PHE C 395 -36.93 -11.00 25.61
C PHE C 395 -37.12 -12.44 26.13
N ASP C 396 -36.05 -13.05 26.66
CA ASP C 396 -36.12 -14.44 27.16
C ASP C 396 -37.03 -14.67 28.34
N LEU C 397 -37.09 -13.70 29.25
CA LEU C 397 -37.97 -13.80 30.39
C LEU C 397 -39.44 -13.96 29.96
N MET C 398 -39.89 -13.09 29.05
CA MET C 398 -41.26 -13.10 28.55
C MET C 398 -41.50 -14.29 27.60
N TYR C 399 -40.57 -14.54 26.68
CA TYR C 399 -40.79 -15.57 25.68
C TYR C 399 -40.92 -16.97 26.28
N ALA C 400 -40.28 -17.22 27.43
CA ALA C 400 -40.37 -18.52 28.12
C ALA C 400 -41.79 -18.87 28.58
N LYS C 401 -42.56 -17.87 28.99
CA LYS C 401 -43.99 -18.04 29.33
C LYS C 401 -44.98 -17.78 28.20
N ARG C 402 -44.47 -17.36 27.04
CA ARG C 402 -45.28 -16.85 25.93
C ARG C 402 -46.13 -15.59 26.18
N ALA C 403 -45.80 -14.82 27.24
CA ALA C 403 -46.45 -13.53 27.51
C ALA C 403 -46.56 -12.74 26.24
N PHE C 404 -47.77 -12.22 25.98
CA PHE C 404 -48.06 -11.30 24.88
C PHE C 404 -47.98 -11.91 23.47
N VAL C 405 -47.53 -13.16 23.35
CA VAL C 405 -47.23 -13.75 22.04
C VAL C 405 -48.48 -13.90 21.21
N HIS C 406 -49.62 -14.08 21.88
CA HIS C 406 -50.90 -14.20 21.20
C HIS C 406 -51.23 -12.93 20.39
N TRP C 407 -50.85 -11.74 20.88
CA TRP C 407 -51.10 -10.50 20.13
C TRP C 407 -50.36 -10.45 18.80
N TYR C 408 -49.22 -11.15 18.72
CA TYR C 408 -48.40 -11.21 17.51
C TYR C 408 -48.91 -12.32 16.57
N VAL C 409 -49.26 -13.47 17.16
CA VAL C 409 -49.80 -14.60 16.41
C VAL C 409 -51.16 -14.32 15.79
N GLY C 410 -52.02 -13.61 16.52
CA GLY C 410 -53.29 -13.14 16.00
C GLY C 410 -53.22 -12.24 14.78
N GLU C 411 -52.14 -11.46 14.65
CA GLU C 411 -51.98 -10.61 13.49
C GLU C 411 -51.26 -11.36 12.33
N GLY C 412 -51.01 -12.66 12.52
CA GLY C 412 -50.47 -13.54 11.49
C GLY C 412 -49.08 -14.17 11.69
N MET C 413 -48.29 -13.70 12.65
CA MET C 413 -46.95 -14.26 12.90
C MET C 413 -47.01 -15.65 13.50
N GLU C 414 -45.90 -16.37 13.40
CA GLU C 414 -45.78 -17.69 14.02
C GLU C 414 -44.69 -17.69 15.08
N GLU C 415 -44.76 -18.64 16.00
CA GLU C 415 -43.70 -18.83 16.99
C GLU C 415 -42.31 -19.03 16.36
N GLY C 416 -42.29 -19.60 15.15
CA GLY C 416 -41.06 -19.81 14.43
C GLY C 416 -40.25 -18.57 14.20
N GLU C 417 -40.92 -17.46 13.88
CA GLU C 417 -40.26 -16.17 13.68
C GLU C 417 -39.53 -15.64 14.91
N PHE C 418 -40.17 -15.80 16.06
CA PHE C 418 -39.63 -15.38 17.35
C PHE C 418 -38.34 -16.10 17.67
N SER C 419 -38.34 -17.42 17.55
CA SER C 419 -37.14 -18.20 17.91
C SER C 419 -36.04 -18.10 16.86
N GLU C 420 -36.44 -18.03 15.59
CA GLU C 420 -35.54 -17.74 14.49
C GLU C 420 -34.83 -16.41 14.72
N ALA C 421 -35.56 -15.39 15.19
CA ALA C 421 -34.98 -14.06 15.46
C ALA C 421 -34.06 -14.07 16.67
N ARG C 422 -34.50 -14.72 17.74
CA ARG C 422 -33.68 -14.88 18.92
C ARG C 422 -32.40 -15.65 18.67
N GLU C 423 -32.43 -16.68 17.81
N GLU C 423 -32.45 -16.67 17.81
CA GLU C 423 -31.20 -17.42 17.49
CA GLU C 423 -31.28 -17.45 17.43
C GLU C 423 -30.24 -16.57 16.66
C GLU C 423 -30.27 -16.59 16.65
N ASP C 424 -30.79 -15.70 15.80
CA ASP C 424 -29.96 -14.78 15.06
C ASP C 424 -29.23 -13.83 16.04
N MET C 425 -29.92 -13.32 17.04
CA MET C 425 -29.29 -12.49 18.09
C MET C 425 -28.32 -13.30 18.99
N ALA C 426 -28.61 -14.57 19.18
CA ALA C 426 -27.70 -15.44 19.90
C ALA C 426 -26.39 -15.57 19.13
N ALA C 427 -26.49 -15.85 17.83
CA ALA C 427 -25.36 -15.87 16.91
C ALA C 427 -24.60 -14.54 16.85
N LEU C 428 -25.32 -13.42 16.84
CA LEU C 428 -24.73 -12.08 16.80
C LEU C 428 -23.90 -11.83 18.06
N GLU C 429 -24.43 -12.23 19.21
CA GLU C 429 -23.70 -12.12 20.47
C GLU C 429 -22.45 -12.97 20.46
N LYS C 430 -22.53 -14.12 19.80
CA LYS C 430 -21.41 -15.04 19.66
C LYS C 430 -20.36 -14.50 18.66
N ASP C 431 -20.82 -13.84 17.61
CA ASP C 431 -19.94 -13.13 16.68
C ASP C 431 -19.12 -12.02 17.37
N TYR C 432 -19.76 -11.25 18.24
CA TYR C 432 -19.06 -10.14 18.88
C TYR C 432 -18.02 -10.65 19.90
N GLU C 433 -18.26 -11.84 20.44
CA GLU C 433 -17.27 -12.55 21.26
C GLU C 433 -16.10 -13.10 20.44
N GLU C 434 -16.39 -13.67 19.27
CA GLU C 434 -15.37 -14.29 18.40
C GLU C 434 -14.32 -13.29 17.88
N VAL C 435 -14.78 -12.18 17.32
CA VAL C 435 -13.91 -11.13 16.83
C VAL C 435 -12.91 -10.64 17.88
N GLY C 436 -13.29 -10.67 19.15
CA GLY C 436 -12.41 -10.25 20.21
C GLY C 436 -11.34 -11.26 20.60
N VAL C 437 -11.57 -12.55 20.34
CA VAL C 437 -10.59 -13.60 20.66
C VAL C 437 -9.36 -13.41 19.78
N ASP C 438 -8.17 -13.54 20.36
CA ASP C 438 -6.89 -13.39 19.63
C ASP C 438 -6.66 -14.54 18.65
N SER C 439 -5.83 -14.27 17.63
CA SER C 439 -5.55 -15.22 16.55
C SER C 439 -4.47 -16.21 16.97
N VAL C 440 -4.25 -17.23 16.12
CA VAL C 440 -3.27 -18.30 16.39
C VAL C 440 -2.53 -18.70 15.10
N MET D 1 -56.74 6.18 14.97
CA MET D 1 -57.83 5.58 15.79
C MET D 1 -58.41 6.62 16.77
N ARG D 2 -59.68 6.97 16.58
CA ARG D 2 -60.34 7.96 17.40
C ARG D 2 -61.54 7.36 18.10
N GLU D 3 -62.61 7.09 17.36
CA GLU D 3 -63.96 7.05 17.96
C GLU D 3 -64.25 5.79 18.77
N ILE D 4 -64.76 5.95 19.97
CA ILE D 4 -65.31 4.82 20.75
C ILE D 4 -66.82 4.91 20.77
N VAL D 5 -67.45 3.75 20.69
CA VAL D 5 -68.91 3.62 20.84
C VAL D 5 -69.25 3.05 22.22
N HIS D 6 -69.89 3.87 23.03
CA HIS D 6 -70.32 3.51 24.36
C HIS D 6 -71.72 2.85 24.32
N ILE D 7 -71.92 1.82 25.13
CA ILE D 7 -73.22 1.16 25.27
C ILE D 7 -73.54 0.96 26.75
N GLN D 8 -74.62 1.58 27.24
CA GLN D 8 -75.09 1.40 28.64
C GLN D 8 -76.31 0.51 28.59
N ALA D 9 -76.24 -0.65 29.25
CA ALA D 9 -77.30 -1.66 29.18
C ALA D 9 -77.82 -2.10 30.57
N GLY D 10 -79.14 -2.05 30.74
CA GLY D 10 -79.79 -2.32 32.02
C GLY D 10 -79.75 -1.11 32.93
N GLN D 11 -80.14 -1.31 34.18
CA GLN D 11 -80.33 -0.21 35.14
C GLN D 11 -79.01 0.31 35.69
N CYS D 12 -78.17 -0.64 36.10
CA CYS D 12 -76.81 -0.35 36.55
C CYS D 12 -76.01 0.35 35.45
N GLY D 13 -75.98 -0.30 34.28
CA GLY D 13 -75.39 0.26 33.07
C GLY D 13 -75.84 1.67 32.77
N ASN D 14 -77.14 1.93 32.83
CA ASN D 14 -77.64 3.28 32.50
C ASN D 14 -77.38 4.35 33.57
N GLN D 15 -77.42 3.96 34.86
CA GLN D 15 -77.11 4.94 35.90
C GLN D 15 -75.62 5.30 35.99
N ILE D 16 -74.72 4.30 35.98
CA ILE D 16 -73.26 4.59 35.95
C ILE D 16 -72.84 5.25 34.62
N GLY D 17 -73.55 4.88 33.56
CA GLY D 17 -73.43 5.53 32.27
C GLY D 17 -73.76 7.01 32.33
N ALA D 18 -74.91 7.34 32.90
CA ALA D 18 -75.28 8.75 33.03
C ALA D 18 -74.23 9.54 33.85
N LYS D 19 -73.71 8.95 34.93
CA LYS D 19 -72.71 9.61 35.77
C LYS D 19 -71.44 9.86 34.98
N PHE D 20 -70.97 8.80 34.31
CA PHE D 20 -69.81 8.88 33.41
C PHE D 20 -69.93 10.08 32.46
N TRP D 21 -71.07 10.18 31.78
CA TRP D 21 -71.31 11.27 30.82
C TRP D 21 -71.43 12.65 31.49
N GLU D 22 -72.06 12.70 32.66
CA GLU D 22 -72.08 13.93 33.46
C GLU D 22 -70.66 14.44 33.77
N VAL D 23 -69.78 13.52 34.18
CA VAL D 23 -68.42 13.89 34.63
C VAL D 23 -67.53 14.31 33.47
N ILE D 24 -67.48 13.52 32.41
CA ILE D 24 -66.56 13.80 31.30
C ILE D 24 -67.01 15.00 30.46
N SER D 25 -68.33 15.17 30.33
CA SER D 25 -68.90 16.40 29.80
C SER D 25 -68.44 17.61 30.63
N ASP D 26 -68.51 17.50 31.95
CA ASP D 26 -68.01 18.55 32.85
C ASP D 26 -66.51 18.79 32.64
N GLU D 27 -65.75 17.70 32.53
CA GLU D 27 -64.30 17.79 32.28
C GLU D 27 -63.92 18.36 30.90
N HIS D 28 -64.78 18.16 29.90
CA HIS D 28 -64.59 18.76 28.58
C HIS D 28 -65.31 20.09 28.32
N GLY D 29 -66.03 20.62 29.31
CA GLY D 29 -66.75 21.89 29.17
C GLY D 29 -67.98 21.80 28.27
N ILE D 30 -68.78 20.75 28.50
CA ILE D 30 -70.01 20.50 27.77
C ILE D 30 -71.15 20.67 28.76
N ASP D 31 -72.22 21.37 28.34
CA ASP D 31 -73.44 21.59 29.17
C ASP D 31 -74.61 20.75 28.65
N PRO D 32 -75.73 20.65 29.41
CA PRO D 32 -76.83 19.78 28.98
C PRO D 32 -77.38 19.91 27.54
N THR D 33 -77.44 21.10 26.95
CA THR D 33 -77.84 21.21 25.53
C THR D 33 -76.69 20.74 24.60
N GLY D 34 -75.45 20.83 25.08
CA GLY D 34 -74.27 20.30 24.38
C GLY D 34 -73.32 21.31 23.75
N SER D 35 -73.27 22.55 24.26
CA SER D 35 -72.34 23.58 23.75
C SER D 35 -70.99 23.43 24.42
N TYR D 36 -69.99 24.14 23.91
CA TYR D 36 -68.69 24.24 24.57
C TYR D 36 -68.58 25.60 25.30
N HIS D 37 -68.66 25.53 26.64
CA HIS D 37 -68.33 26.66 27.53
C HIS D 37 -67.19 26.17 28.42
N GLY D 38 -65.97 26.26 27.89
CA GLY D 38 -64.74 25.84 28.58
C GLY D 38 -63.79 27.01 28.74
N ASP D 39 -62.64 26.95 28.05
CA ASP D 39 -61.52 27.93 28.16
C ASP D 39 -60.20 27.36 27.58
N SER D 40 -59.94 26.08 27.88
CA SER D 40 -58.70 25.38 27.50
C SER D 40 -58.91 24.57 26.21
N ASP D 41 -57.96 24.68 25.27
CA ASP D 41 -57.98 23.89 24.02
C ASP D 41 -57.82 22.38 24.23
N LEU D 42 -57.19 21.98 25.33
CA LEU D 42 -56.98 20.56 25.65
C LEU D 42 -58.29 19.78 25.86
N GLN D 43 -59.33 20.48 26.34
CA GLN D 43 -60.69 19.92 26.49
C GLN D 43 -61.33 19.46 25.17
N LEU D 44 -61.02 20.16 24.09
CA LEU D 44 -61.58 19.89 22.76
C LEU D 44 -60.71 18.96 21.91
N GLU D 45 -59.40 18.91 22.17
CA GLU D 45 -58.43 18.32 21.22
C GLU D 45 -58.75 16.91 20.75
N ARG D 46 -59.21 16.06 21.66
CA ARG D 46 -59.63 14.70 21.31
C ARG D 46 -61.03 14.42 21.88
N ILE D 47 -61.91 15.40 21.73
CA ILE D 47 -63.33 15.27 22.06
C ILE D 47 -64.02 14.23 21.16
N ASN D 48 -63.47 14.04 19.96
CA ASN D 48 -64.00 13.07 18.97
C ASN D 48 -64.13 11.64 19.47
N VAL D 49 -63.41 11.31 20.54
CA VAL D 49 -63.37 9.93 21.05
C VAL D 49 -64.73 9.50 21.63
N TYR D 50 -65.48 10.45 22.18
CA TYR D 50 -66.78 10.16 22.79
C TYR D 50 -67.96 10.96 22.26
N TYR D 51 -67.74 11.88 21.33
CA TYR D 51 -68.76 12.84 20.94
C TYR D 51 -68.82 13.01 19.41
N ASN D 52 -70.03 13.22 18.86
CA ASN D 52 -70.23 13.66 17.47
C ASN D 52 -70.47 15.16 17.38
N GLU D 53 -70.07 15.77 16.27
CA GLU D 53 -70.21 17.20 16.06
C GLU D 53 -71.36 17.48 15.11
N ALA D 54 -72.48 17.92 15.68
CA ALA D 54 -73.66 18.32 14.91
C ALA D 54 -73.63 19.83 14.59
N THR D 55 -74.66 20.31 13.90
CA THR D 55 -74.76 21.72 13.51
C THR D 55 -74.91 22.65 14.72
N GLY D 56 -74.38 23.86 14.59
CA GLY D 56 -74.39 24.86 15.66
C GLY D 56 -73.40 24.58 16.77
N ASN D 57 -72.24 24.01 16.42
CA ASN D 57 -71.21 23.61 17.39
C ASN D 57 -71.79 22.80 18.55
N LYS D 58 -72.64 21.84 18.22
CA LYS D 58 -73.30 21.00 19.22
C LYS D 58 -72.60 19.63 19.31
N TYR D 59 -72.03 19.32 20.48
CA TYR D 59 -71.33 18.03 20.72
C TYR D 59 -72.29 17.03 21.36
N VAL D 60 -72.35 15.82 20.78
CA VAL D 60 -73.36 14.81 21.10
C VAL D 60 -72.76 13.44 21.43
N PRO D 61 -72.97 12.92 22.65
CA PRO D 61 -72.42 11.61 23.06
C PRO D 61 -72.67 10.48 22.07
N ARG D 62 -71.69 9.61 21.90
CA ARG D 62 -71.79 8.46 20.99
C ARG D 62 -72.25 7.27 21.83
N ALA D 63 -73.37 7.48 22.52
CA ALA D 63 -73.85 6.52 23.52
C ALA D 63 -75.07 5.83 22.97
N ILE D 64 -75.30 4.60 23.41
CA ILE D 64 -76.43 3.81 22.97
C ILE D 64 -77.08 3.23 24.22
N LEU D 65 -78.23 3.78 24.58
CA LEU D 65 -78.84 3.55 25.88
C LEU D 65 -79.87 2.45 25.71
N VAL D 66 -79.68 1.35 26.42
CA VAL D 66 -80.43 0.11 26.19
C VAL D 66 -80.98 -0.46 27.49
N ASP D 67 -82.28 -0.76 27.53
CA ASP D 67 -82.87 -1.51 28.64
C ASP D 67 -84.12 -2.24 28.17
N LEU D 68 -84.45 -3.37 28.82
CA LEU D 68 -85.74 -4.04 28.56
C LEU D 68 -86.95 -3.41 29.32
N GLU D 69 -86.66 -2.56 30.29
CA GLU D 69 -87.62 -1.89 31.14
C GLU D 69 -87.62 -0.39 30.79
N PRO D 70 -88.75 0.19 30.32
CA PRO D 70 -88.76 1.67 30.14
C PRO D 70 -88.67 2.43 31.49
N GLY D 71 -88.88 3.74 31.52
CA GLY D 71 -88.74 4.51 32.77
C GLY D 71 -87.29 4.77 33.17
N THR D 72 -86.43 3.78 33.00
CA THR D 72 -84.99 4.01 32.90
C THR D 72 -84.66 4.98 31.75
N MET D 73 -85.47 4.98 30.68
CA MET D 73 -85.40 6.07 29.68
C MET D 73 -85.79 7.44 30.27
N ASP D 74 -86.91 7.48 31.02
CA ASP D 74 -87.42 8.72 31.64
C ASP D 74 -86.47 9.33 32.65
N SER D 75 -85.93 8.48 33.53
CA SER D 75 -84.97 8.94 34.55
C SER D 75 -83.69 9.46 33.92
N VAL D 76 -83.19 8.77 32.89
CA VAL D 76 -82.01 9.23 32.15
C VAL D 76 -82.27 10.57 31.45
N ARG D 77 -83.49 10.74 30.91
CA ARG D 77 -83.86 11.97 30.20
C ARG D 77 -84.22 13.12 31.13
N SER D 78 -84.81 12.80 32.29
CA SER D 78 -85.09 13.79 33.33
C SER D 78 -83.84 14.14 34.16
N GLY D 79 -82.80 13.31 34.09
CA GLY D 79 -81.51 13.58 34.76
C GLY D 79 -80.74 14.74 34.17
N PRO D 80 -79.69 15.23 34.88
CA PRO D 80 -78.94 16.46 34.54
C PRO D 80 -78.56 16.67 33.07
N PHE D 81 -77.96 15.64 32.47
CA PHE D 81 -77.52 15.67 31.06
C PHE D 81 -78.40 14.78 30.15
N GLY D 82 -79.70 14.72 30.44
CA GLY D 82 -80.64 13.90 29.67
C GLY D 82 -80.95 14.49 28.31
N GLN D 83 -81.07 15.82 28.26
CA GLN D 83 -81.24 16.57 27.01
C GLN D 83 -80.15 16.30 25.96
N ILE D 84 -78.92 16.03 26.40
CA ILE D 84 -77.76 15.93 25.51
C ILE D 84 -77.70 14.67 24.64
N PHE D 85 -78.30 13.59 25.12
CA PHE D 85 -78.27 12.32 24.42
C PHE D 85 -79.08 12.42 23.15
N ARG D 86 -78.75 11.56 22.21
CA ARG D 86 -79.36 11.58 20.90
C ARG D 86 -80.69 10.81 21.01
N PRO D 87 -81.83 11.46 20.67
CA PRO D 87 -83.16 10.84 20.84
C PRO D 87 -83.38 9.43 20.24
N ASP D 88 -82.88 9.19 19.02
CA ASP D 88 -83.03 7.88 18.34
C ASP D 88 -82.16 6.74 18.93
N ASN D 89 -81.13 7.10 19.69
CA ASN D 89 -80.25 6.10 20.32
C ASN D 89 -80.83 5.45 21.57
N PHE D 90 -81.93 5.98 22.11
CA PHE D 90 -82.66 5.32 23.18
C PHE D 90 -83.39 4.11 22.55
N VAL D 91 -83.08 2.91 23.03
CA VAL D 91 -83.63 1.65 22.46
C VAL D 91 -84.14 0.77 23.59
N PHE D 92 -85.38 1.05 23.99
CA PHE D 92 -85.95 0.52 25.23
C PHE D 92 -87.09 -0.44 24.93
N GLY D 93 -86.91 -1.68 25.36
CA GLY D 93 -87.89 -2.73 25.16
C GLY D 93 -89.14 -2.57 26.00
N GLN D 94 -89.91 -3.65 26.08
CA GLN D 94 -91.28 -3.58 26.57
C GLN D 94 -91.37 -3.98 28.03
N SER D 95 -91.24 -5.28 28.27
CA SER D 95 -91.74 -5.94 29.46
C SER D 95 -90.68 -6.18 30.55
N GLY D 96 -89.44 -5.75 30.34
CA GLY D 96 -88.39 -5.95 31.33
C GLY D 96 -87.96 -7.40 31.44
N ALA D 97 -86.96 -7.65 32.30
CA ALA D 97 -86.25 -8.95 32.38
C ALA D 97 -86.39 -9.69 33.69
N GLY D 98 -86.75 -8.99 34.77
CA GLY D 98 -86.96 -9.60 36.07
C GLY D 98 -85.84 -10.50 36.58
N ASN D 99 -84.60 -10.04 36.45
CA ASN D 99 -83.40 -10.72 36.98
C ASN D 99 -83.16 -12.16 36.49
N ASN D 100 -83.47 -12.39 35.22
CA ASN D 100 -83.20 -13.68 34.58
C ASN D 100 -82.20 -13.47 33.44
N TRP D 101 -81.19 -14.34 33.39
CA TRP D 101 -80.10 -14.24 32.41
C TRP D 101 -80.51 -14.84 31.07
N ALA D 102 -81.25 -15.94 31.12
CA ALA D 102 -81.74 -16.61 29.90
C ALA D 102 -82.74 -15.76 29.12
N LYS D 103 -83.47 -14.87 29.80
CA LYS D 103 -84.32 -13.89 29.14
C LYS D 103 -83.53 -12.80 28.44
N GLY D 104 -82.46 -12.34 29.08
CA GLY D 104 -81.56 -11.34 28.49
C GLY D 104 -80.80 -11.87 27.29
N HIS D 105 -80.28 -13.08 27.40
CA HIS D 105 -79.36 -13.65 26.41
C HIS D 105 -80.06 -14.44 25.30
N TYR D 106 -81.11 -15.20 25.64
CA TYR D 106 -81.75 -16.12 24.68
C TYR D 106 -83.11 -15.74 24.07
N THR D 107 -84.05 -15.22 24.86
CA THR D 107 -85.40 -14.94 24.33
C THR D 107 -85.68 -13.46 24.15
N GLU D 108 -85.97 -12.76 25.24
CA GLU D 108 -86.50 -11.41 25.17
C GLU D 108 -85.48 -10.38 24.64
N GLY D 109 -84.22 -10.50 25.09
CA GLY D 109 -83.12 -9.71 24.54
C GLY D 109 -82.86 -10.00 23.08
N ALA D 110 -83.07 -11.26 22.66
CA ALA D 110 -82.89 -11.67 21.27
C ALA D 110 -83.74 -10.91 20.25
N GLU D 111 -84.90 -10.39 20.66
CA GLU D 111 -85.74 -9.60 19.75
C GLU D 111 -85.28 -8.16 19.66
N LEU D 112 -85.05 -7.56 20.83
CA LEU D 112 -84.61 -6.17 20.91
C LEU D 112 -83.21 -5.96 20.30
N VAL D 113 -82.37 -6.99 20.34
CA VAL D 113 -80.94 -6.91 19.93
C VAL D 113 -80.69 -6.33 18.53
N ASP D 114 -81.56 -6.63 17.57
CA ASP D 114 -81.43 -6.14 16.20
C ASP D 114 -81.61 -4.63 16.08
N SER D 115 -82.54 -4.09 16.85
CA SER D 115 -82.81 -2.64 16.88
C SER D 115 -81.78 -1.85 17.71
N VAL D 116 -80.99 -2.55 18.53
CA VAL D 116 -79.75 -1.99 19.12
C VAL D 116 -78.65 -1.97 18.05
N LEU D 117 -78.45 -3.13 17.42
CA LEU D 117 -77.48 -3.27 16.35
C LEU D 117 -77.66 -2.29 15.21
N ASP D 118 -78.87 -1.81 14.98
CA ASP D 118 -79.10 -0.74 14.03
C ASP D 118 -78.51 0.60 14.50
N VAL D 119 -78.68 0.93 15.77
CA VAL D 119 -78.10 2.16 16.35
C VAL D 119 -76.56 2.06 16.39
N VAL D 120 -76.03 0.87 16.66
CA VAL D 120 -74.59 0.59 16.65
C VAL D 120 -73.97 0.84 15.27
N ARG D 121 -74.56 0.25 14.24
CA ARG D 121 -74.14 0.49 12.84
C ARG D 121 -74.24 1.92 12.40
N LYS D 122 -75.34 2.60 12.75
CA LYS D 122 -75.46 4.01 12.42
C LYS D 122 -74.33 4.80 13.10
N GLU D 123 -74.00 4.46 14.34
CA GLU D 123 -72.93 5.16 15.06
C GLU D 123 -71.53 4.79 14.57
N SER D 124 -71.31 3.50 14.32
CA SER D 124 -70.06 2.97 13.74
C SER D 124 -69.71 3.39 12.31
N GLU D 125 -70.72 3.60 11.45
CA GLU D 125 -70.46 4.04 10.07
C GLU D 125 -70.02 5.51 9.98
N SER D 126 -70.46 6.34 10.92
CA SER D 126 -70.02 7.74 11.00
C SER D 126 -68.74 7.91 11.85
N CYS D 127 -67.92 6.85 11.94
CA CYS D 127 -66.63 6.88 12.62
C CYS D 127 -65.53 6.93 11.58
N ASP D 128 -64.76 8.02 11.58
CA ASP D 128 -63.56 8.13 10.74
C ASP D 128 -62.75 6.85 10.95
N CYS D 129 -62.37 6.57 12.19
CA CYS D 129 -61.66 5.33 12.49
C CYS D 129 -61.99 4.83 13.89
N LEU D 130 -62.87 3.84 13.93
CA LEU D 130 -63.43 3.31 15.16
C LEU D 130 -62.40 2.44 15.88
N GLN D 131 -62.19 2.66 17.17
CA GLN D 131 -61.26 1.79 17.94
C GLN D 131 -61.99 0.61 18.54
N GLY D 132 -63.08 0.89 19.23
CA GLY D 132 -63.87 -0.20 19.78
C GLY D 132 -65.12 0.21 20.52
N PHE D 133 -65.43 -0.60 21.53
CA PHE D 133 -66.71 -0.57 22.23
C PHE D 133 -66.55 -0.69 23.74
N GLN D 134 -67.09 0.25 24.51
CA GLN D 134 -67.20 0.02 25.96
C GLN D 134 -68.67 -0.19 26.37
N LEU D 135 -68.91 -1.28 27.12
CA LEU D 135 -70.21 -1.59 27.65
C LEU D 135 -70.25 -1.46 29.17
N THR D 136 -70.93 -0.44 29.69
CA THR D 136 -71.26 -0.38 31.13
C THR D 136 -72.49 -1.20 31.38
N HIS D 137 -72.39 -2.09 32.36
CA HIS D 137 -73.50 -2.96 32.77
C HIS D 137 -73.15 -3.62 34.09
N SER D 138 -74.11 -4.35 34.64
CA SER D 138 -73.86 -5.22 35.80
C SER D 138 -73.97 -6.64 35.35
N LEU D 139 -73.46 -7.53 36.17
CA LEU D 139 -73.51 -8.95 35.90
C LEU D 139 -74.52 -9.67 36.79
N GLY D 140 -75.16 -8.93 37.70
CA GLY D 140 -76.15 -9.50 38.63
C GLY D 140 -77.57 -9.56 38.11
N GLY D 141 -77.98 -8.59 37.31
CA GLY D 141 -79.37 -8.49 36.84
C GLY D 141 -79.75 -9.42 35.72
N GLY D 142 -80.63 -8.96 34.84
CA GLY D 142 -81.09 -9.74 33.71
C GLY D 142 -80.71 -9.17 32.36
N THR D 143 -81.06 -7.89 32.15
CA THR D 143 -80.81 -7.23 30.87
C THR D 143 -79.30 -7.04 30.68
N GLY D 144 -78.69 -6.20 31.53
CA GLY D 144 -77.28 -5.89 31.42
C GLY D 144 -76.38 -7.13 31.52
N SER D 145 -76.76 -8.05 32.40
CA SER D 145 -76.05 -9.30 32.54
C SER D 145 -76.13 -10.13 31.26
N GLY D 146 -77.34 -10.35 30.74
CA GLY D 146 -77.59 -11.30 29.63
C GLY D 146 -77.69 -10.70 28.23
N MET D 147 -78.43 -9.60 28.09
CA MET D 147 -78.54 -8.91 26.81
C MET D 147 -77.18 -8.25 26.53
N GLY D 148 -76.61 -7.67 27.58
CA GLY D 148 -75.28 -7.08 27.52
C GLY D 148 -74.24 -8.00 26.92
N THR D 149 -74.27 -9.28 27.32
CA THR D 149 -73.32 -10.29 26.83
C THR D 149 -73.69 -10.92 25.48
N LEU D 150 -74.94 -10.78 25.03
CA LEU D 150 -75.30 -11.15 23.67
C LEU D 150 -74.88 -10.03 22.73
N LEU D 151 -75.17 -8.78 23.09
CA LEU D 151 -74.67 -7.62 22.33
C LEU D 151 -73.16 -7.73 22.08
N ILE D 152 -72.40 -8.02 23.13
CA ILE D 152 -70.95 -8.25 23.04
C ILE D 152 -70.63 -9.24 21.93
N SER D 153 -71.28 -10.40 22.01
CA SER D 153 -71.04 -11.47 21.09
C SER D 153 -71.49 -11.15 19.65
N LYS D 154 -72.56 -10.37 19.51
CA LYS D 154 -73.05 -9.92 18.21
C LYS D 154 -72.26 -8.79 17.59
N ILE D 155 -71.73 -7.88 18.42
CA ILE D 155 -70.88 -6.78 17.96
C ILE D 155 -69.52 -7.37 17.49
N ARG D 156 -69.07 -8.38 18.22
CA ARG D 156 -67.89 -9.15 17.86
C ARG D 156 -67.92 -9.72 16.43
N GLU D 157 -69.07 -10.19 15.97
CA GLU D 157 -69.22 -10.74 14.60
C GLU D 157 -69.14 -9.74 13.49
N GLU D 158 -69.70 -8.56 13.70
CA GLU D 158 -69.63 -7.49 12.69
C GLU D 158 -68.37 -6.63 12.79
N TYR D 159 -67.74 -6.64 13.97
CA TYR D 159 -66.52 -5.88 14.20
C TYR D 159 -65.52 -6.74 15.00
N PRO D 160 -65.07 -7.88 14.43
CA PRO D 160 -64.12 -8.77 15.14
C PRO D 160 -62.67 -8.28 15.26
N ASP D 161 -62.30 -7.24 14.50
CA ASP D 161 -60.99 -6.62 14.59
C ASP D 161 -61.02 -5.26 15.36
N ARG D 162 -62.09 -5.02 16.13
CA ARG D 162 -62.21 -3.83 16.98
C ARG D 162 -62.22 -4.26 18.46
N ILE D 163 -61.83 -3.37 19.37
CA ILE D 163 -61.65 -3.74 20.79
C ILE D 163 -62.98 -3.73 21.51
N MET D 164 -63.14 -4.67 22.44
CA MET D 164 -64.34 -4.81 23.23
C MET D 164 -64.01 -4.65 24.73
N ASN D 165 -64.24 -3.43 25.23
CA ASN D 165 -64.12 -3.08 26.67
C ASN D 165 -65.40 -3.40 27.40
N THR D 166 -65.32 -3.74 28.69
CA THR D 166 -66.50 -3.71 29.58
C THR D 166 -66.17 -3.10 30.95
N PHE D 167 -67.05 -2.25 31.45
CA PHE D 167 -67.09 -1.91 32.86
C PHE D 167 -68.15 -2.81 33.51
N SER D 168 -67.69 -3.96 34.02
CA SER D 168 -68.57 -5.03 34.48
C SER D 168 -68.75 -4.95 35.99
N VAL D 169 -69.94 -4.49 36.42
CA VAL D 169 -70.29 -4.37 37.84
C VAL D 169 -70.65 -5.73 38.47
N VAL D 170 -69.85 -6.18 39.42
CA VAL D 170 -69.93 -7.54 39.99
C VAL D 170 -70.78 -7.50 41.27
N PRO D 171 -71.73 -8.45 41.44
CA PRO D 171 -72.75 -8.36 42.50
C PRO D 171 -72.33 -8.85 43.90
N SER D 172 -72.86 -8.17 44.94
CA SER D 172 -72.59 -8.53 46.35
C SER D 172 -73.83 -8.49 47.28
N PRO D 173 -74.03 -9.56 48.11
CA PRO D 173 -75.06 -9.65 49.18
C PRO D 173 -75.24 -8.42 50.09
N LYS D 174 -74.19 -7.62 50.27
CA LYS D 174 -74.27 -6.39 51.07
C LYS D 174 -75.00 -5.21 50.43
N VAL D 175 -75.15 -5.23 49.10
CA VAL D 175 -75.75 -4.10 48.36
C VAL D 175 -77.14 -4.48 47.85
N SER D 176 -77.18 -5.63 47.16
CA SER D 176 -78.40 -6.28 46.73
C SER D 176 -78.41 -7.64 47.37
N ASP D 177 -79.62 -8.11 47.67
CA ASP D 177 -79.84 -9.40 48.32
C ASP D 177 -80.76 -10.30 47.48
N THR D 178 -80.92 -9.98 46.19
CA THR D 178 -81.56 -10.89 45.24
C THR D 178 -80.78 -12.20 45.28
N VAL D 179 -81.48 -13.31 45.22
CA VAL D 179 -80.84 -14.56 45.55
C VAL D 179 -80.07 -15.19 44.39
N VAL D 180 -80.52 -14.96 43.15
CA VAL D 180 -79.90 -15.62 41.97
C VAL D 180 -78.76 -14.83 41.31
N GLU D 181 -78.24 -13.80 41.97
CA GLU D 181 -77.16 -12.99 41.43
C GLU D 181 -75.86 -13.78 41.16
N PRO D 182 -75.56 -14.82 41.97
CA PRO D 182 -74.41 -15.69 41.67
C PRO D 182 -74.58 -16.59 40.45
N TYR D 183 -75.80 -16.85 39.99
CA TYR D 183 -76.00 -17.53 38.70
C TYR D 183 -75.71 -16.64 37.51
N ASN D 184 -76.30 -15.45 37.56
CA ASN D 184 -76.24 -14.49 36.47
C ASN D 184 -74.80 -14.06 36.18
N ALA D 185 -74.04 -13.80 37.24
CA ALA D 185 -72.65 -13.40 37.14
C ALA D 185 -71.79 -14.49 36.53
N THR D 186 -71.91 -15.71 37.04
CA THR D 186 -71.15 -16.86 36.51
C THR D 186 -71.46 -17.19 35.04
N LEU D 187 -72.71 -16.98 34.62
CA LEU D 187 -73.04 -17.15 33.21
C LEU D 187 -72.39 -16.05 32.38
N SER D 188 -72.44 -14.81 32.88
CA SER D 188 -71.82 -13.66 32.18
C SER D 188 -70.31 -13.87 32.02
N VAL D 189 -69.66 -14.24 33.13
CA VAL D 189 -68.21 -14.46 33.17
C VAL D 189 -67.74 -15.51 32.15
N HIS D 190 -68.53 -16.55 31.93
CA HIS D 190 -68.28 -17.53 30.88
C HIS D 190 -68.35 -16.91 29.44
N GLN D 191 -69.11 -15.81 29.28
CA GLN D 191 -69.13 -15.06 28.01
C GLN D 191 -67.97 -14.07 27.91
N LEU D 192 -67.69 -13.39 29.02
CA LEU D 192 -66.67 -12.35 29.09
C LEU D 192 -65.25 -12.88 28.84
N VAL D 193 -64.94 -14.02 29.44
CA VAL D 193 -63.66 -14.70 29.25
C VAL D 193 -63.38 -15.00 27.77
N GLU D 194 -64.42 -15.23 26.97
CA GLU D 194 -64.25 -15.55 25.56
C GLU D 194 -64.34 -14.34 24.62
N ASN D 195 -65.14 -13.32 24.96
CA ASN D 195 -65.55 -12.29 23.98
C ASN D 195 -65.12 -10.84 24.24
N THR D 196 -64.53 -10.57 25.40
CA THR D 196 -63.95 -9.26 25.64
C THR D 196 -62.42 -9.31 25.61
N ASP D 197 -61.83 -8.16 25.29
CA ASP D 197 -60.39 -7.99 25.30
C ASP D 197 -59.91 -7.46 26.62
N GLU D 198 -60.77 -6.75 27.34
CA GLU D 198 -60.41 -6.14 28.60
C GLU D 198 -61.68 -5.78 29.38
N THR D 199 -61.77 -6.28 30.61
CA THR D 199 -62.90 -6.03 31.50
C THR D 199 -62.43 -5.40 32.82
N TYR D 200 -62.89 -4.19 33.10
CA TYR D 200 -62.70 -3.58 34.43
C TYR D 200 -63.73 -4.15 35.44
N CYS D 201 -63.23 -4.85 36.45
CA CYS D 201 -64.05 -5.36 37.54
C CYS D 201 -64.39 -4.27 38.55
N ILE D 202 -65.44 -3.52 38.28
CA ILE D 202 -66.04 -2.65 39.28
C ILE D 202 -66.88 -3.61 40.12
N ASP D 203 -66.68 -3.64 41.44
CA ASP D 203 -67.28 -4.66 42.32
C ASP D 203 -68.07 -4.06 43.52
N ASN D 204 -69.35 -4.43 43.64
CA ASN D 204 -70.24 -3.83 44.63
C ASN D 204 -69.79 -4.05 46.09
N GLU D 205 -69.18 -5.22 46.38
CA GLU D 205 -68.65 -5.48 47.73
C GLU D 205 -67.50 -4.55 48.14
N ALA D 206 -66.63 -4.24 47.19
CA ALA D 206 -65.54 -3.31 47.44
C ALA D 206 -66.08 -1.91 47.63
N LEU D 207 -67.03 -1.52 46.78
CA LEU D 207 -67.64 -0.19 46.82
C LEU D 207 -68.44 0.03 48.09
N TYR D 208 -69.16 -1.00 48.55
CA TYR D 208 -69.86 -0.93 49.83
C TYR D 208 -68.88 -0.68 50.97
N ASP D 209 -67.84 -1.51 51.01
CA ASP D 209 -66.83 -1.44 52.07
C ASP D 209 -66.07 -0.12 52.12
N ILE D 210 -65.81 0.48 50.96
CA ILE D 210 -65.21 1.81 50.91
C ILE D 210 -66.19 2.86 51.47
N CYS D 211 -67.39 2.90 50.90
CA CYS D 211 -68.47 3.81 51.34
C CYS D 211 -68.68 3.73 52.86
N PHE D 212 -68.65 2.50 53.38
CA PHE D 212 -68.82 2.24 54.80
C PHE D 212 -67.64 2.72 55.66
N ARG D 213 -66.47 2.11 55.46
CA ARG D 213 -65.31 2.31 56.34
C ARG D 213 -64.56 3.58 56.04
N THR D 214 -64.21 3.80 54.77
CA THR D 214 -63.48 5.00 54.40
C THR D 214 -64.41 6.23 54.48
N LEU D 215 -65.42 6.29 53.61
CA LEU D 215 -66.28 7.48 53.49
C LEU D 215 -67.27 7.69 54.66
N LYS D 216 -67.35 6.73 55.60
CA LYS D 216 -68.08 6.86 56.89
C LYS D 216 -69.58 6.48 56.85
N LEU D 217 -70.14 6.28 55.66
CA LEU D 217 -71.60 6.14 55.50
C LEU D 217 -72.15 4.84 56.09
N THR D 218 -73.17 4.97 56.94
CA THR D 218 -73.66 3.87 57.79
C THR D 218 -74.54 2.88 57.03
N THR D 219 -75.30 3.37 56.05
CA THR D 219 -75.93 2.53 55.01
C THR D 219 -76.08 3.37 53.72
N PRO D 220 -75.25 3.07 52.66
CA PRO D 220 -75.16 3.94 51.50
C PRO D 220 -76.11 3.57 50.37
N THR D 221 -76.52 4.59 49.63
CA THR D 221 -77.37 4.42 48.47
C THR D 221 -76.54 3.90 47.31
N TYR D 222 -77.22 3.67 46.19
CA TYR D 222 -76.54 3.47 44.91
C TYR D 222 -75.77 4.72 44.49
N GLY D 223 -76.36 5.90 44.67
CA GLY D 223 -75.70 7.17 44.37
C GLY D 223 -74.34 7.39 45.01
N ASP D 224 -74.14 6.83 46.23
CA ASP D 224 -72.85 6.86 46.94
C ASP D 224 -71.80 5.95 46.29
N LEU D 225 -72.19 4.73 45.97
CA LEU D 225 -71.34 3.80 45.22
C LEU D 225 -70.92 4.36 43.87
N ASN D 226 -71.89 4.95 43.15
CA ASN D 226 -71.64 5.52 41.83
C ASN D 226 -70.78 6.77 41.82
N HIS D 227 -70.68 7.50 42.93
CA HIS D 227 -69.71 8.59 43.05
C HIS D 227 -68.30 8.04 42.87
N LEU D 228 -68.08 6.81 43.35
CA LEU D 228 -66.80 6.10 43.20
C LEU D 228 -66.57 5.56 41.78
N VAL D 229 -67.55 4.81 41.27
CA VAL D 229 -67.51 4.27 39.92
C VAL D 229 -67.30 5.35 38.84
N SER D 230 -67.94 6.50 38.99
CA SER D 230 -67.76 7.60 38.04
C SER D 230 -66.33 8.17 38.14
N ALA D 231 -65.79 8.24 39.35
CA ALA D 231 -64.42 8.72 39.59
C ALA D 231 -63.37 7.79 38.96
N THR D 232 -63.58 6.48 39.08
CA THR D 232 -62.79 5.47 38.39
C THR D 232 -62.92 5.57 36.87
N MET D 233 -64.15 5.46 36.38
CA MET D 233 -64.44 5.60 34.95
C MET D 233 -63.88 6.90 34.33
N SER D 234 -63.88 8.00 35.09
CA SER D 234 -63.19 9.20 34.66
C SER D 234 -61.66 8.94 34.49
N GLY D 235 -61.08 8.24 35.46
CA GLY D 235 -59.62 8.06 35.54
C GLY D 235 -58.98 7.12 34.53
N VAL D 236 -59.61 5.96 34.31
CA VAL D 236 -59.15 5.00 33.31
C VAL D 236 -59.58 5.35 31.88
N THR D 237 -60.17 6.54 31.66
CA THR D 237 -60.40 7.11 30.34
C THR D 237 -59.62 8.42 30.13
N THR D 238 -58.88 8.89 31.13
CA THR D 238 -58.10 10.14 31.00
C THR D 238 -57.10 10.11 29.83
N CYS D 239 -56.47 8.96 29.62
CA CYS D 239 -55.46 8.79 28.58
C CYS D 239 -56.06 8.61 27.19
N LEU D 240 -57.36 8.36 27.14
CA LEU D 240 -58.10 8.35 25.89
C LEU D 240 -58.61 9.76 25.55
N ARG D 241 -58.96 10.54 26.57
CA ARG D 241 -59.73 11.78 26.42
C ARG D 241 -58.90 13.05 26.25
N PHE D 242 -57.75 13.08 26.91
CA PHE D 242 -56.88 14.24 26.84
C PHE D 242 -55.61 13.91 26.04
N PRO D 243 -54.94 14.93 25.49
CA PRO D 243 -53.78 14.64 24.62
C PRO D 243 -52.59 13.93 25.32
N GLY D 244 -51.79 14.63 26.12
CA GLY D 244 -50.54 14.07 26.66
C GLY D 244 -49.50 13.75 25.59
N GLN D 245 -48.25 13.63 26.03
CA GLN D 245 -47.14 13.26 25.12
C GLN D 245 -47.29 11.79 24.66
N LEU D 246 -47.82 10.96 25.55
CA LEU D 246 -48.32 9.61 25.23
C LEU D 246 -49.58 9.73 24.39
N ASN D 247 -49.83 8.73 23.53
CA ASN D 247 -50.98 8.78 22.58
C ASN D 247 -52.18 7.88 22.91
N ALA D 248 -51.93 6.72 23.51
CA ALA D 248 -52.95 5.97 24.31
C ALA D 248 -54.35 5.73 23.70
N ASP D 249 -54.60 4.48 23.32
CA ASP D 249 -55.91 4.00 22.82
C ASP D 249 -56.24 2.61 23.37
N LEU D 250 -57.42 2.07 23.04
CA LEU D 250 -57.88 0.80 23.65
C LEU D 250 -57.09 -0.45 23.28
N ARG D 251 -56.52 -0.48 22.07
CA ARG D 251 -55.65 -1.59 21.67
C ARG D 251 -54.32 -1.51 22.41
N LYS D 252 -53.68 -0.32 22.41
CA LYS D 252 -52.37 -0.16 23.07
C LYS D 252 -52.51 -0.58 24.54
N LEU D 253 -53.62 -0.21 25.17
CA LEU D 253 -53.94 -0.70 26.52
C LEU D 253 -53.95 -2.21 26.61
N ALA D 254 -54.73 -2.82 25.73
CA ALA D 254 -54.93 -4.28 25.71
C ALA D 254 -53.65 -5.08 25.45
N VAL D 255 -52.90 -4.71 24.41
CA VAL D 255 -51.60 -5.32 24.07
C VAL D 255 -50.66 -5.33 25.28
N ASN D 256 -50.54 -4.18 25.94
CA ASN D 256 -49.60 -4.03 27.04
C ASN D 256 -50.03 -4.58 28.41
N MET D 257 -51.34 -4.63 28.66
CA MET D 257 -51.86 -5.09 29.94
C MET D 257 -52.24 -6.56 29.96
N VAL D 258 -52.49 -7.16 28.81
CA VAL D 258 -53.05 -8.52 28.75
C VAL D 258 -52.04 -9.50 28.19
N PRO D 259 -51.31 -10.23 29.06
CA PRO D 259 -50.29 -11.14 28.59
C PRO D 259 -50.83 -12.45 28.08
N PHE D 260 -52.01 -12.83 28.54
CA PHE D 260 -52.69 -14.02 28.02
C PHE D 260 -54.14 -13.67 27.78
N PRO D 261 -54.70 -14.05 26.62
CA PRO D 261 -56.02 -13.48 26.21
C PRO D 261 -57.14 -13.60 27.26
N ARG D 262 -57.13 -14.68 28.02
CA ARG D 262 -58.14 -14.92 29.04
C ARG D 262 -57.99 -14.14 30.35
N LEU D 263 -56.78 -13.68 30.64
CA LEU D 263 -56.53 -12.90 31.85
C LEU D 263 -56.63 -11.42 31.54
N HIS D 264 -57.87 -10.99 31.32
CA HIS D 264 -58.17 -9.61 30.94
C HIS D 264 -59.14 -8.99 31.93
N PHE D 265 -59.01 -9.39 33.20
CA PHE D 265 -59.83 -8.83 34.28
C PHE D 265 -59.01 -7.94 35.20
N PHE D 266 -59.26 -6.64 35.08
CA PHE D 266 -58.50 -5.63 35.76
C PHE D 266 -59.14 -5.28 37.10
N MET D 267 -58.29 -4.98 38.07
CA MET D 267 -58.67 -4.49 39.36
C MET D 267 -58.35 -3.01 39.34
N PRO D 268 -59.38 -2.13 39.31
CA PRO D 268 -59.05 -0.70 39.38
C PRO D 268 -58.88 -0.18 40.81
N GLY D 269 -58.36 1.04 40.94
CA GLY D 269 -58.18 1.70 42.23
C GLY D 269 -58.06 3.19 42.02
N PHE D 270 -58.48 3.98 43.01
CA PHE D 270 -58.51 5.44 42.91
C PHE D 270 -57.92 5.99 44.20
N ALA D 271 -57.41 7.23 44.15
CA ALA D 271 -56.92 7.90 45.35
C ALA D 271 -56.89 9.40 45.15
N PRO D 272 -57.28 10.16 46.18
CA PRO D 272 -57.88 9.76 47.46
C PRO D 272 -59.39 9.53 47.33
N LEU D 273 -60.05 9.09 48.40
CA LEU D 273 -61.49 8.75 48.34
C LEU D 273 -62.45 9.78 48.97
N LEU D 284 -52.97 17.19 49.66
CA LEU D 284 -52.45 15.83 49.65
C LEU D 284 -51.24 15.69 48.73
N THR D 285 -50.27 14.84 49.12
CA THR D 285 -48.94 14.76 48.47
C THR D 285 -48.71 13.47 47.66
N VAL D 286 -47.65 13.51 46.83
CA VAL D 286 -47.39 12.48 45.82
C VAL D 286 -46.96 11.13 46.38
N PRO D 287 -46.10 11.11 47.43
CA PRO D 287 -45.79 9.82 48.03
C PRO D 287 -46.98 9.18 48.69
N GLU D 288 -47.87 9.98 49.27
CA GLU D 288 -49.06 9.47 49.94
C GLU D 288 -50.07 8.94 48.94
N LEU D 289 -50.31 9.71 47.87
CA LEU D 289 -51.12 9.22 46.73
C LEU D 289 -50.63 7.86 46.27
N THR D 290 -49.33 7.78 45.98
CA THR D 290 -48.70 6.57 45.46
C THR D 290 -48.85 5.35 46.40
N GLN D 291 -48.83 5.58 47.71
CA GLN D 291 -49.03 4.48 48.66
C GLN D 291 -50.50 4.09 48.81
N GLN D 292 -51.36 5.11 48.83
CA GLN D 292 -52.82 4.90 48.83
C GLN D 292 -53.33 4.07 47.64
N MET D 293 -52.86 4.33 46.42
CA MET D 293 -53.41 3.65 45.22
C MET D 293 -53.02 2.15 45.11
N PHE D 294 -51.88 1.76 45.70
CA PHE D 294 -51.49 0.35 45.82
C PHE D 294 -51.99 -0.30 47.12
N ASP D 295 -52.89 0.39 47.83
CA ASP D 295 -53.47 -0.07 49.11
C ASP D 295 -54.77 -0.79 48.85
N SER D 296 -54.97 -1.92 49.55
CA SER D 296 -56.13 -2.79 49.34
C SER D 296 -57.48 -2.14 49.69
N LYS D 297 -57.44 -1.09 50.50
CA LYS D 297 -58.65 -0.30 50.81
C LYS D 297 -59.12 0.57 49.65
N ASN D 298 -58.21 0.91 48.74
CA ASN D 298 -58.56 1.77 47.60
C ASN D 298 -58.88 1.02 46.32
N MET D 299 -58.92 -0.32 46.39
CA MET D 299 -59.29 -1.15 45.24
C MET D 299 -60.80 -1.24 45.05
N MET D 300 -61.28 -0.93 43.84
CA MET D 300 -62.69 -1.05 43.46
C MET D 300 -63.08 -2.49 43.14
N ALA D 301 -62.16 -3.43 43.25
CA ALA D 301 -62.53 -4.83 43.38
C ALA D 301 -62.05 -5.29 44.72
N ALA D 302 -62.69 -6.34 45.22
CA ALA D 302 -62.54 -6.75 46.63
C ALA D 302 -61.50 -7.84 46.71
N CYS D 303 -60.26 -7.42 46.50
CA CYS D 303 -59.11 -8.32 46.57
C CYS D 303 -57.96 -7.62 47.28
N ASP D 304 -56.93 -8.40 47.58
CA ASP D 304 -55.73 -7.89 48.23
C ASP D 304 -54.55 -8.11 47.28
N PRO D 305 -53.93 -7.03 46.76
CA PRO D 305 -52.70 -7.13 45.96
C PRO D 305 -51.65 -8.09 46.53
N ARG D 306 -51.53 -8.07 47.86
CA ARG D 306 -50.56 -8.88 48.59
C ARG D 306 -50.96 -10.37 48.76
N HIS D 307 -52.07 -10.82 48.17
CA HIS D 307 -52.37 -12.27 48.11
C HIS D 307 -52.13 -12.85 46.71
N GLY D 308 -51.58 -12.03 45.81
CA GLY D 308 -51.09 -12.52 44.52
C GLY D 308 -49.96 -11.66 43.97
N ARG D 309 -49.84 -11.64 42.65
CA ARG D 309 -48.81 -10.89 41.99
C ARG D 309 -49.38 -10.15 40.81
N TYR D 310 -48.89 -8.93 40.62
CA TYR D 310 -49.22 -8.13 39.46
C TYR D 310 -48.50 -8.64 38.20
N LEU D 311 -49.25 -8.97 37.17
CA LEU D 311 -48.68 -9.22 35.85
C LEU D 311 -48.28 -7.88 35.25
N THR D 312 -49.21 -6.92 35.29
CA THR D 312 -49.03 -5.60 34.66
C THR D 312 -49.76 -4.53 35.45
N VAL D 313 -49.25 -3.29 35.42
CA VAL D 313 -49.95 -2.14 36.02
C VAL D 313 -49.84 -0.88 35.14
N ALA D 314 -50.97 -0.19 34.93
CA ALA D 314 -50.96 1.22 34.50
C ALA D 314 -51.32 2.13 35.67
N ALA D 315 -50.66 3.29 35.78
CA ALA D 315 -50.94 4.25 36.85
C ALA D 315 -51.17 5.59 36.15
N VAL D 316 -52.17 6.34 36.58
CA VAL D 316 -52.46 7.63 35.97
C VAL D 316 -52.62 8.66 37.08
N PHE D 317 -51.73 9.65 37.06
CA PHE D 317 -51.75 10.75 38.01
C PHE D 317 -52.31 11.98 37.30
N ARG D 318 -53.22 12.69 37.97
CA ARG D 318 -53.78 13.95 37.45
C ARG D 318 -53.55 15.10 38.45
N GLY D 319 -53.09 16.24 37.92
CA GLY D 319 -52.83 17.43 38.73
C GLY D 319 -51.49 18.02 38.40
N ARG D 320 -51.27 19.25 38.85
CA ARG D 320 -49.97 19.90 38.78
C ARG D 320 -49.12 19.25 39.87
N MET D 321 -48.02 18.64 39.47
CA MET D 321 -47.10 17.95 40.40
C MET D 321 -45.76 17.75 39.72
N SER D 322 -44.71 17.54 40.52
CA SER D 322 -43.36 17.31 39.97
C SER D 322 -43.34 15.93 39.35
N MET D 323 -43.01 15.88 38.05
CA MET D 323 -42.89 14.61 37.34
C MET D 323 -41.70 13.77 37.84
N LYS D 324 -40.63 14.45 38.25
CA LYS D 324 -39.53 13.82 38.95
C LYS D 324 -39.96 13.11 40.25
N GLU D 325 -40.73 13.79 41.09
CA GLU D 325 -41.23 13.19 42.33
C GLU D 325 -42.03 11.90 42.02
N VAL D 326 -42.86 11.93 40.98
CA VAL D 326 -43.72 10.77 40.61
C VAL D 326 -42.88 9.57 40.15
N ASP D 327 -41.87 9.81 39.32
CA ASP D 327 -40.90 8.77 38.92
C ASP D 327 -40.26 8.07 40.12
N GLU D 328 -39.65 8.87 41.01
CA GLU D 328 -39.00 8.37 42.24
C GLU D 328 -39.92 7.56 43.13
N GLN D 329 -41.17 8.00 43.27
CA GLN D 329 -42.14 7.24 44.04
C GLN D 329 -42.57 5.95 43.39
N MET D 330 -42.84 5.94 42.09
CA MET D 330 -43.25 4.71 41.42
C MET D 330 -42.14 3.67 41.43
N LEU D 331 -40.88 4.11 41.36
CA LEU D 331 -39.72 3.24 41.56
C LEU D 331 -39.66 2.70 42.99
N ASN D 332 -39.87 3.61 43.93
CA ASN D 332 -39.99 3.27 45.36
C ASN D 332 -40.90 2.08 45.66
N VAL D 333 -42.18 2.16 45.29
CA VAL D 333 -43.11 1.07 45.60
C VAL D 333 -42.75 -0.22 44.86
N GLN D 334 -42.23 -0.13 43.64
CA GLN D 334 -41.69 -1.33 42.99
C GLN D 334 -40.52 -1.93 43.79
N ASN D 335 -39.57 -1.10 44.22
CA ASN D 335 -38.44 -1.58 45.05
C ASN D 335 -38.91 -2.24 46.38
N LYS D 336 -39.64 -1.46 47.18
CA LYS D 336 -40.20 -1.96 48.44
C LYS D 336 -41.22 -3.12 48.34
N ASN D 337 -41.83 -3.33 47.17
CA ASN D 337 -42.85 -4.38 47.00
C ASN D 337 -42.53 -5.30 45.84
N SER D 338 -41.24 -5.61 45.68
CA SER D 338 -40.74 -6.28 44.48
C SER D 338 -41.35 -7.67 44.26
N SER D 339 -41.64 -8.38 45.34
CA SER D 339 -42.19 -9.72 45.27
C SER D 339 -43.59 -9.75 44.72
N TYR D 340 -44.34 -8.65 44.82
CA TYR D 340 -45.72 -8.61 44.33
C TYR D 340 -45.90 -8.16 42.88
N PHE D 341 -44.81 -8.21 42.10
CA PHE D 341 -44.85 -8.11 40.62
C PHE D 341 -44.15 -9.34 40.08
N VAL D 342 -44.64 -9.95 39.01
CA VAL D 342 -43.93 -11.09 38.45
C VAL D 342 -42.62 -10.65 37.78
N GLU D 343 -41.55 -11.40 38.07
CA GLU D 343 -40.20 -11.08 37.60
C GLU D 343 -39.98 -11.37 36.10
N TRP D 344 -40.79 -12.27 35.56
CA TRP D 344 -40.70 -12.64 34.14
C TRP D 344 -41.44 -11.71 33.18
N ILE D 345 -41.91 -10.54 33.65
CA ILE D 345 -42.32 -9.45 32.75
C ILE D 345 -41.63 -8.16 33.23
N PRO D 346 -40.58 -7.75 32.53
CA PRO D 346 -39.85 -6.53 32.89
C PRO D 346 -40.63 -5.26 32.66
N ASN D 347 -40.40 -4.25 33.48
CA ASN D 347 -40.91 -2.93 33.19
C ASN D 347 -42.41 -2.94 32.97
N ASN D 348 -43.05 -3.67 33.88
CA ASN D 348 -44.45 -4.02 33.78
C ASN D 348 -45.36 -3.12 34.58
N VAL D 349 -44.81 -2.00 35.06
CA VAL D 349 -45.56 -0.92 35.69
C VAL D 349 -45.22 0.37 34.96
N LYS D 350 -46.19 0.96 34.26
CA LYS D 350 -45.99 2.26 33.60
C LYS D 350 -46.84 3.35 34.23
N THR D 351 -46.45 4.60 33.95
CA THR D 351 -47.02 5.80 34.59
C THR D 351 -47.21 6.96 33.61
N ALA D 352 -48.45 7.45 33.49
CA ALA D 352 -48.75 8.69 32.76
C ALA D 352 -49.12 9.83 33.73
N VAL D 353 -49.05 11.07 33.24
CA VAL D 353 -49.51 12.25 33.99
C VAL D 353 -50.31 13.18 33.09
N CYS D 354 -51.57 13.44 33.43
CA CYS D 354 -52.35 14.52 32.83
C CYS D 354 -52.20 15.75 33.74
N ASP D 355 -51.99 16.93 33.17
CA ASP D 355 -51.93 18.18 33.95
C ASP D 355 -53.27 18.47 34.61
N ILE D 356 -54.35 18.26 33.87
CA ILE D 356 -55.71 18.66 34.27
C ILE D 356 -56.33 17.67 35.27
N PRO D 357 -56.55 18.12 36.54
CA PRO D 357 -57.16 17.23 37.53
C PRO D 357 -58.68 17.15 37.35
N PRO D 358 -59.35 16.24 38.07
CA PRO D 358 -60.82 16.19 38.01
C PRO D 358 -61.49 17.31 38.84
N ARG D 359 -62.79 17.53 38.63
CA ARG D 359 -63.56 18.52 39.41
C ARG D 359 -63.53 18.08 40.88
N GLY D 360 -63.26 19.03 41.77
CA GLY D 360 -63.23 18.78 43.22
C GLY D 360 -61.83 18.68 43.78
N LEU D 361 -61.06 17.73 43.26
CA LEU D 361 -59.70 17.44 43.71
C LEU D 361 -58.63 18.17 42.87
N LYS D 362 -57.55 18.58 43.54
CA LYS D 362 -56.39 19.22 42.89
C LYS D 362 -55.36 18.19 42.40
N MET D 363 -55.30 17.05 43.10
CA MET D 363 -54.46 15.91 42.73
C MET D 363 -55.16 14.56 42.94
N SER D 364 -55.30 13.80 41.83
CA SER D 364 -55.83 12.41 41.87
C SER D 364 -54.80 11.42 41.35
N ALA D 365 -55.01 10.14 41.66
CA ALA D 365 -54.20 9.06 41.07
C ALA D 365 -55.05 7.82 40.86
N THR D 366 -55.12 7.37 39.62
CA THR D 366 -55.94 6.23 39.24
C THR D 366 -55.05 5.08 38.78
N PHE D 367 -55.47 3.87 39.09
CA PHE D 367 -54.64 2.66 39.02
C PHE D 367 -55.39 1.54 38.31
N ILE D 368 -54.80 0.98 37.24
CA ILE D 368 -55.34 -0.21 36.56
C ILE D 368 -54.35 -1.37 36.73
N GLY D 369 -54.76 -2.43 37.43
CA GLY D 369 -53.91 -3.58 37.70
C GLY D 369 -54.51 -4.90 37.22
N ASN D 370 -53.72 -5.68 36.49
CA ASN D 370 -54.10 -7.04 36.19
C ASN D 370 -53.33 -7.90 37.18
N SER D 371 -53.95 -8.13 38.34
CA SER D 371 -53.36 -8.95 39.43
C SER D 371 -53.93 -10.36 39.45
N THR D 372 -53.09 -11.35 39.77
CA THR D 372 -53.54 -12.73 39.93
C THR D 372 -54.38 -12.93 41.19
N ALA D 373 -54.38 -11.93 42.08
CA ALA D 373 -55.27 -11.89 43.23
C ALA D 373 -56.73 -11.58 42.88
N ILE D 374 -57.03 -11.25 41.61
CA ILE D 374 -58.43 -11.11 41.13
C ILE D 374 -59.20 -12.44 41.25
N GLN D 375 -58.49 -13.56 41.35
CA GLN D 375 -59.11 -14.86 41.63
C GLN D 375 -59.86 -14.93 42.97
N GLU D 376 -59.59 -14.00 43.90
CA GLU D 376 -60.41 -13.86 45.12
C GLU D 376 -61.84 -13.42 44.84
N LEU D 377 -62.02 -12.56 43.84
CA LEU D 377 -63.34 -12.17 43.36
C LEU D 377 -64.06 -13.32 42.65
N PHE D 378 -63.38 -14.02 41.74
CA PHE D 378 -64.00 -15.15 41.01
C PHE D 378 -64.30 -16.36 41.87
N LYS D 379 -63.70 -16.42 43.06
CA LYS D 379 -63.95 -17.51 44.01
C LYS D 379 -65.17 -17.25 44.90
N ARG D 380 -65.26 -16.03 45.43
CA ARG D 380 -66.41 -15.55 46.19
C ARG D 380 -67.69 -15.71 45.34
N ILE D 381 -67.66 -15.27 44.07
CA ILE D 381 -68.76 -15.55 43.13
C ILE D 381 -68.92 -17.07 43.05
N SER D 382 -67.85 -17.79 42.71
CA SER D 382 -67.91 -19.27 42.52
C SER D 382 -68.54 -20.04 43.66
N GLU D 383 -68.34 -19.53 44.88
CA GLU D 383 -68.80 -20.18 46.10
C GLU D 383 -70.29 -19.95 46.37
N GLN D 384 -70.73 -18.70 46.17
CA GLN D 384 -72.13 -18.34 46.24
C GLN D 384 -72.94 -19.10 45.14
N PHE D 385 -72.35 -19.22 43.95
CA PHE D 385 -72.93 -20.01 42.84
C PHE D 385 -73.05 -21.47 43.24
N THR D 386 -71.95 -22.06 43.73
CA THR D 386 -71.89 -23.51 43.94
C THR D 386 -72.79 -23.98 45.11
N ALA D 387 -73.01 -23.10 46.08
CA ALA D 387 -74.02 -23.29 47.15
C ALA D 387 -75.44 -23.48 46.60
N MET D 388 -75.78 -22.71 45.56
CA MET D 388 -77.07 -22.86 44.89
C MET D 388 -77.09 -24.05 43.92
N PHE D 389 -76.24 -24.03 42.89
CA PHE D 389 -76.32 -25.03 41.78
C PHE D 389 -76.32 -26.51 42.19
N ARG D 390 -75.55 -26.86 43.20
CA ARG D 390 -75.42 -28.28 43.57
C ARG D 390 -76.70 -28.88 44.20
N ARG D 391 -77.64 -28.03 44.62
CA ARG D 391 -79.03 -28.45 44.93
C ARG D 391 -80.07 -27.80 43.97
N LYS D 392 -79.71 -27.74 42.69
CA LYS D 392 -80.56 -27.23 41.60
C LYS D 392 -81.54 -26.07 41.85
N ALA D 393 -81.25 -25.22 42.84
CA ALA D 393 -82.16 -24.14 43.24
C ALA D 393 -82.45 -23.17 42.10
N PHE D 394 -83.70 -22.77 41.96
CA PHE D 394 -84.13 -21.74 41.01
C PHE D 394 -83.81 -21.98 39.51
N LEU D 395 -83.63 -23.24 39.11
CA LEU D 395 -83.36 -23.58 37.69
C LEU D 395 -84.55 -23.46 36.73
N HIS D 396 -85.78 -23.51 37.25
CA HIS D 396 -86.98 -23.32 36.43
C HIS D 396 -87.02 -21.95 35.78
N TRP D 397 -86.43 -20.94 36.43
CA TRP D 397 -86.22 -19.63 35.80
C TRP D 397 -85.38 -19.77 34.50
N TYR D 398 -84.35 -20.61 34.54
CA TYR D 398 -83.41 -20.76 33.41
C TYR D 398 -83.79 -21.90 32.43
N THR D 399 -84.00 -23.12 32.95
CA THR D 399 -84.49 -24.26 32.13
C THR D 399 -85.89 -24.05 31.49
N GLY D 400 -86.67 -23.14 32.08
CA GLY D 400 -87.95 -22.70 31.52
C GLY D 400 -87.82 -21.86 30.27
N GLU D 401 -86.82 -20.97 30.21
CA GLU D 401 -86.58 -20.19 29.00
C GLU D 401 -85.82 -20.96 27.88
N GLY D 402 -85.42 -22.19 28.19
CA GLY D 402 -84.94 -23.15 27.20
C GLY D 402 -83.60 -23.80 27.51
N MET D 403 -82.88 -23.25 28.50
CA MET D 403 -81.47 -23.60 28.72
C MET D 403 -81.28 -25.03 29.17
N ASP D 404 -80.09 -25.55 28.86
CA ASP D 404 -79.66 -26.85 29.33
C ASP D 404 -79.04 -26.68 30.73
N GLU D 405 -78.82 -27.82 31.39
CA GLU D 405 -78.00 -27.88 32.62
C GLU D 405 -76.51 -27.93 32.34
N MET D 406 -76.14 -28.54 31.21
CA MET D 406 -74.78 -28.52 30.67
C MET D 406 -74.17 -27.12 30.76
N GLU D 407 -74.88 -26.13 30.26
CA GLU D 407 -74.40 -24.73 30.16
C GLU D 407 -74.03 -24.10 31.51
N PHE D 408 -74.64 -24.56 32.59
CA PHE D 408 -74.25 -24.18 33.95
C PHE D 408 -72.91 -24.82 34.37
N THR D 409 -72.73 -26.09 34.04
CA THR D 409 -71.49 -26.83 34.35
C THR D 409 -70.28 -26.27 33.60
N GLU D 410 -70.49 -25.95 32.32
CA GLU D 410 -69.44 -25.36 31.52
C GLU D 410 -69.09 -23.97 32.08
N ALA D 411 -70.10 -23.15 32.36
CA ALA D 411 -69.89 -21.81 32.91
C ALA D 411 -69.16 -21.79 34.26
N GLU D 412 -69.46 -22.78 35.07
CA GLU D 412 -68.81 -22.98 36.35
C GLU D 412 -67.38 -23.47 36.15
N SER D 413 -67.20 -24.41 35.22
CA SER D 413 -65.89 -24.99 34.96
C SER D 413 -64.93 -23.97 34.30
N ASN D 414 -65.46 -23.18 33.35
CA ASN D 414 -64.69 -22.13 32.68
C ASN D 414 -64.13 -21.11 33.67
N MET D 415 -64.94 -20.73 34.65
CA MET D 415 -64.52 -19.74 35.64
C MET D 415 -63.54 -20.34 36.64
N ASN D 416 -63.59 -21.65 36.87
CA ASN D 416 -62.60 -22.34 37.72
C ASN D 416 -61.29 -22.52 37.03
N ASP D 417 -61.32 -22.66 35.70
CA ASP D 417 -60.10 -22.67 34.89
C ASP D 417 -59.46 -21.29 34.92
N LEU D 418 -60.24 -20.23 34.75
CA LEU D 418 -59.73 -18.86 34.84
C LEU D 418 -58.97 -18.64 36.16
N VAL D 419 -59.55 -19.14 37.25
CA VAL D 419 -58.94 -19.06 38.57
C VAL D 419 -57.66 -19.89 38.62
N SER D 420 -57.72 -21.10 38.08
CA SER D 420 -56.57 -21.99 38.05
C SER D 420 -55.38 -21.41 37.23
N GLU D 421 -55.71 -20.76 36.12
CA GLU D 421 -54.72 -20.12 35.25
C GLU D 421 -54.12 -18.88 35.91
N TYR D 422 -54.95 -18.08 36.59
CA TYR D 422 -54.44 -16.93 37.38
C TYR D 422 -53.46 -17.46 38.43
N GLN D 423 -53.74 -18.64 38.99
CA GLN D 423 -52.86 -19.28 39.98
C GLN D 423 -51.54 -19.79 39.38
N GLN D 424 -51.59 -20.41 38.20
CA GLN D 424 -50.40 -20.92 37.46
C GLN D 424 -49.31 -19.84 37.28
N TYR D 425 -49.70 -18.66 36.80
CA TYR D 425 -48.77 -17.57 36.53
C TYR D 425 -48.37 -16.80 37.79
N GLN D 426 -49.08 -17.02 38.86
CA GLN D 426 -48.68 -16.52 40.17
C GLN D 426 -47.54 -17.34 40.77
N ASP D 427 -47.59 -18.65 40.52
CA ASP D 427 -46.55 -19.60 40.97
C ASP D 427 -45.32 -19.66 40.05
N ALA D 428 -45.47 -19.16 38.83
CA ALA D 428 -44.40 -19.17 37.84
C ALA D 428 -43.18 -18.42 38.34
N THR D 429 -42.03 -18.82 37.80
CA THR D 429 -40.72 -18.41 38.28
C THR D 429 -39.86 -18.14 37.03
N ALA D 430 -38.91 -17.20 37.12
CA ALA D 430 -38.05 -16.88 35.97
C ALA D 430 -37.12 -18.00 35.50
N ASP D 431 -36.57 -18.81 36.41
CA ASP D 431 -35.53 -19.79 36.02
C ASP D 431 -36.09 -21.09 35.44
N MET E 4 74.35 -6.28 -36.45
CA MET E 4 72.98 -5.72 -36.71
C MET E 4 72.79 -5.35 -38.21
N GLU E 5 72.16 -6.27 -38.97
CA GLU E 5 72.01 -6.16 -40.44
C GLU E 5 70.74 -5.40 -40.91
N VAL E 6 70.95 -4.38 -41.77
CA VAL E 6 69.94 -3.35 -42.12
C VAL E 6 69.44 -3.48 -43.57
N ILE E 7 68.61 -4.49 -43.80
CA ILE E 7 68.23 -4.93 -45.14
C ILE E 7 67.11 -4.10 -45.80
N GLU E 8 66.77 -4.49 -47.03
CA GLU E 8 65.66 -3.93 -47.86
C GLU E 8 65.39 -2.41 -47.77
N LEU E 9 66.46 -1.62 -47.81
CA LEU E 9 66.36 -0.15 -47.70
C LEU E 9 65.72 0.51 -48.93
N ASN E 10 64.52 1.06 -48.74
CA ASN E 10 63.83 1.81 -49.79
C ASN E 10 63.63 3.27 -49.42
N LYS E 11 63.96 4.18 -50.34
CA LYS E 11 63.88 5.61 -50.11
C LYS E 11 63.01 6.31 -51.15
N CYS E 12 62.36 7.38 -50.72
CA CYS E 12 61.59 8.26 -51.61
C CYS E 12 61.72 9.65 -51.03
N THR E 13 61.05 10.64 -51.63
CA THR E 13 61.23 12.04 -51.14
C THR E 13 60.39 12.35 -49.91
N SER E 14 59.30 11.62 -49.67
CA SER E 14 58.46 11.84 -48.49
C SER E 14 58.89 11.00 -47.27
N GLY E 15 59.67 9.94 -47.49
CA GLY E 15 60.22 9.12 -46.38
C GLY E 15 61.27 8.07 -46.74
N GLN E 16 61.53 7.14 -45.81
CA GLN E 16 62.22 5.89 -46.13
C GLN E 16 61.89 4.79 -45.13
N SER E 17 62.11 3.54 -45.56
CA SER E 17 61.76 2.36 -44.77
C SER E 17 62.82 1.27 -44.90
N PHE E 18 62.91 0.40 -43.91
CA PHE E 18 63.88 -0.71 -43.90
C PHE E 18 63.53 -1.74 -42.84
N GLU E 19 64.09 -2.94 -42.95
CA GLU E 19 64.03 -3.92 -41.88
C GLU E 19 65.40 -3.93 -41.22
N VAL E 20 65.44 -4.22 -39.92
CA VAL E 20 66.69 -4.50 -39.20
C VAL E 20 66.51 -5.78 -38.37
N ILE E 21 67.46 -6.71 -38.49
CA ILE E 21 67.41 -8.02 -37.83
C ILE E 21 68.58 -8.22 -36.86
N LEU E 22 68.27 -8.39 -35.57
CA LEU E 22 69.28 -8.59 -34.51
C LEU E 22 69.71 -10.07 -34.38
N LYS E 23 68.82 -10.99 -34.74
CA LYS E 23 69.07 -12.43 -34.61
C LYS E 23 67.99 -13.18 -35.41
N PRO E 24 68.37 -14.18 -36.23
CA PRO E 24 67.34 -15.02 -36.88
C PRO E 24 66.63 -16.00 -35.90
N PRO E 25 65.64 -16.78 -36.39
CA PRO E 25 65.01 -17.85 -35.59
C PRO E 25 66.00 -18.87 -34.97
N ASP E 42 33.75 -18.76 -41.84
CA ASP E 42 33.08 -17.88 -42.81
C ASP E 42 31.73 -18.48 -43.23
N PRO E 43 30.65 -18.21 -42.43
CA PRO E 43 29.30 -18.67 -42.81
C PRO E 43 28.63 -17.90 -43.98
N SER E 44 27.71 -18.58 -44.66
CA SER E 44 27.07 -18.12 -45.91
C SER E 44 25.88 -17.17 -45.70
N LEU E 45 25.37 -16.59 -46.78
CA LEU E 45 24.18 -15.73 -46.74
C LEU E 45 22.88 -16.49 -46.36
N GLU E 46 22.84 -17.81 -46.56
CA GLU E 46 21.69 -18.63 -46.12
C GLU E 46 21.76 -18.81 -44.60
N GLU E 47 22.88 -19.36 -44.11
CA GLU E 47 23.09 -19.61 -42.68
C GLU E 47 22.82 -18.36 -41.82
N ILE E 48 23.22 -17.20 -42.33
CA ILE E 48 23.07 -15.91 -41.66
C ILE E 48 21.63 -15.41 -41.63
N GLN E 49 20.96 -15.43 -42.77
CA GLN E 49 19.54 -14.99 -42.84
C GLN E 49 18.62 -15.97 -42.10
N LYS E 50 19.04 -17.22 -42.03
CA LYS E 50 18.40 -18.24 -41.21
C LYS E 50 18.43 -17.83 -39.73
N LYS E 51 19.59 -17.82 -39.08
CA LYS E 51 19.67 -17.59 -37.62
C LYS E 51 19.37 -16.17 -37.13
N LEU E 52 19.31 -15.20 -38.04
CA LEU E 52 18.66 -13.94 -37.74
C LEU E 52 17.16 -14.15 -37.57
N GLU E 53 16.57 -14.95 -38.45
CA GLU E 53 15.13 -15.23 -38.41
C GLU E 53 14.67 -16.17 -37.28
N ALA E 54 15.52 -17.10 -36.87
CA ALA E 54 15.27 -17.92 -35.67
C ALA E 54 15.19 -17.07 -34.36
N ALA E 55 15.93 -15.97 -34.31
CA ALA E 55 15.81 -15.02 -33.21
C ALA E 55 14.57 -14.11 -33.37
N GLU E 56 14.02 -13.97 -34.57
CA GLU E 56 12.70 -13.36 -34.75
C GLU E 56 11.56 -14.34 -34.43
N GLU E 57 11.78 -15.64 -34.62
CA GLU E 57 10.83 -16.66 -34.19
C GLU E 57 10.64 -16.54 -32.70
N ARG E 58 11.74 -16.70 -31.97
CA ARG E 58 11.73 -16.71 -30.51
C ARG E 58 11.24 -15.37 -29.92
N ARG E 59 11.52 -14.26 -30.60
CA ARG E 59 11.03 -12.92 -30.20
C ARG E 59 9.53 -12.90 -30.30
N LYS E 60 9.03 -13.48 -31.39
CA LYS E 60 7.61 -13.49 -31.71
C LYS E 60 6.82 -14.53 -30.89
N TYR E 61 7.47 -15.62 -30.50
CA TYR E 61 6.87 -16.57 -29.57
C TYR E 61 6.68 -15.90 -28.22
N GLN E 62 7.74 -15.29 -27.69
CA GLN E 62 7.73 -14.58 -26.41
C GLN E 62 6.62 -13.54 -26.27
N GLU E 63 6.40 -12.77 -27.33
CA GLU E 63 5.36 -11.77 -27.41
C GLU E 63 3.95 -12.38 -27.50
N ALA E 64 3.83 -13.56 -28.11
CA ALA E 64 2.55 -14.27 -28.21
C ALA E 64 2.15 -14.80 -26.83
N GLU E 65 3.13 -15.39 -26.12
CA GLU E 65 2.91 -15.84 -24.75
C GLU E 65 2.49 -14.70 -23.81
N LEU E 66 3.03 -13.51 -24.03
CA LEU E 66 2.62 -12.33 -23.27
C LEU E 66 1.18 -11.99 -23.57
N LEU E 67 0.83 -11.88 -24.84
CA LEU E 67 -0.54 -11.54 -25.22
C LEU E 67 -1.56 -12.63 -24.92
N LYS E 68 -1.12 -13.88 -24.79
CA LYS E 68 -2.01 -14.95 -24.39
C LYS E 68 -2.29 -14.83 -22.88
N HIS E 69 -1.22 -14.66 -22.08
CA HIS E 69 -1.33 -14.34 -20.65
C HIS E 69 -2.22 -13.10 -20.38
N LEU E 70 -2.06 -12.04 -21.15
CA LEU E 70 -2.88 -10.85 -20.99
C LEU E 70 -4.35 -11.10 -21.36
N ALA E 71 -4.57 -12.03 -22.30
CA ALA E 71 -5.92 -12.41 -22.71
C ALA E 71 -6.66 -13.10 -21.56
N GLU E 72 -5.97 -13.99 -20.87
CA GLU E 72 -6.45 -14.62 -19.63
C GLU E 72 -6.79 -13.61 -18.53
N LYS E 73 -6.01 -12.54 -18.37
CA LYS E 73 -6.36 -11.46 -17.44
C LYS E 73 -7.67 -10.79 -17.85
N ARG E 74 -7.87 -10.55 -19.14
CA ARG E 74 -9.12 -9.91 -19.58
C ARG E 74 -10.32 -10.84 -19.32
N GLU E 75 -10.18 -12.15 -19.49
CA GLU E 75 -11.31 -13.06 -19.30
C GLU E 75 -11.64 -13.14 -17.81
N HIS E 76 -10.62 -13.22 -16.94
CA HIS E 76 -10.78 -13.10 -15.47
C HIS E 76 -11.46 -11.77 -15.04
N GLU E 77 -11.02 -10.65 -15.62
CA GLU E 77 -11.66 -9.34 -15.41
C GLU E 77 -13.14 -9.33 -15.74
N ARG E 78 -13.55 -10.09 -16.74
CA ARG E 78 -14.99 -10.23 -17.05
C ARG E 78 -15.72 -11.20 -16.11
N GLU E 79 -15.06 -12.27 -15.66
CA GLU E 79 -15.63 -13.17 -14.66
C GLU E 79 -15.94 -12.49 -13.32
N VAL E 80 -15.05 -11.59 -12.88
CA VAL E 80 -15.21 -10.87 -11.62
C VAL E 80 -16.42 -9.89 -11.66
N ILE E 81 -16.50 -9.04 -12.67
CA ILE E 81 -17.67 -8.17 -12.80
C ILE E 81 -19.00 -8.94 -13.01
N GLN E 82 -18.94 -10.08 -13.71
CA GLN E 82 -20.13 -10.93 -13.92
C GLN E 82 -20.57 -11.52 -12.58
N LYS E 83 -19.60 -11.91 -11.76
CA LYS E 83 -19.87 -12.40 -10.41
C LYS E 83 -20.49 -11.31 -9.54
N ALA E 84 -19.91 -10.12 -9.55
CA ALA E 84 -20.48 -8.99 -8.79
C ALA E 84 -21.92 -8.72 -9.16
N ILE E 85 -22.25 -8.77 -10.45
CA ILE E 85 -23.62 -8.58 -10.91
C ILE E 85 -24.48 -9.74 -10.47
N GLU E 86 -24.02 -10.96 -10.71
CA GLU E 86 -24.73 -12.17 -10.34
C GLU E 86 -25.18 -12.15 -8.89
N GLU E 87 -24.23 -12.02 -7.95
CA GLU E 87 -24.54 -11.93 -6.53
C GLU E 87 -25.45 -10.76 -6.09
N ASN E 88 -25.30 -9.59 -6.70
CA ASN E 88 -26.19 -8.47 -6.38
C ASN E 88 -27.62 -8.82 -6.78
N ASN E 89 -27.77 -9.42 -7.96
CA ASN E 89 -29.06 -9.87 -8.48
C ASN E 89 -29.70 -10.94 -7.61
N ASN E 90 -28.86 -11.84 -7.13
CA ASN E 90 -29.23 -12.94 -6.24
C ASN E 90 -29.81 -12.45 -4.90
N PHE E 91 -29.15 -11.47 -4.29
CA PHE E 91 -29.62 -10.81 -3.10
C PHE E 91 -31.01 -10.20 -3.37
N ILE E 92 -31.11 -9.30 -4.35
CA ILE E 92 -32.39 -8.71 -4.75
C ILE E 92 -33.47 -9.79 -5.02
N LYS E 93 -33.08 -10.88 -5.66
CA LYS E 93 -34.00 -11.97 -5.94
C LYS E 93 -34.52 -12.63 -4.67
N MET E 94 -33.61 -13.15 -3.85
CA MET E 94 -33.99 -13.91 -2.66
C MET E 94 -34.66 -13.05 -1.58
N ALA E 95 -34.37 -11.75 -1.56
CA ALA E 95 -35.08 -10.84 -0.67
C ALA E 95 -36.52 -10.66 -1.15
N LYS E 96 -36.69 -10.42 -2.46
CA LYS E 96 -38.00 -10.36 -3.13
C LYS E 96 -38.85 -11.61 -2.88
N GLU E 97 -38.24 -12.78 -3.02
CA GLU E 97 -38.95 -14.04 -2.85
C GLU E 97 -39.21 -14.37 -1.39
N LYS E 98 -38.23 -14.12 -0.53
CA LYS E 98 -38.42 -14.29 0.92
C LYS E 98 -39.57 -13.41 1.45
N LEU E 99 -39.67 -12.19 0.92
CA LEU E 99 -40.69 -11.22 1.36
C LEU E 99 -42.09 -11.67 0.96
N ALA E 100 -42.25 -12.01 -0.31
CA ALA E 100 -43.52 -12.51 -0.84
C ALA E 100 -43.97 -13.78 -0.12
N GLN E 101 -43.02 -14.68 0.14
CA GLN E 101 -43.24 -15.83 0.99
C GLN E 101 -43.89 -15.45 2.36
N LYS E 102 -43.26 -14.56 3.14
CA LYS E 102 -43.78 -14.14 4.45
C LYS E 102 -45.16 -13.46 4.37
N MET E 103 -45.33 -12.51 3.45
CA MET E 103 -46.61 -11.79 3.33
C MET E 103 -47.76 -12.74 3.03
N GLU E 104 -47.47 -13.82 2.29
CA GLU E 104 -48.49 -14.81 1.93
C GLU E 104 -48.76 -15.80 3.04
N SER E 105 -47.73 -16.24 3.74
CA SER E 105 -47.90 -17.06 4.94
C SER E 105 -48.67 -16.30 6.06
N ASN E 106 -48.43 -14.99 6.15
CA ASN E 106 -49.05 -14.15 7.16
C ASN E 106 -50.54 -13.98 6.90
N LYS E 107 -50.88 -13.59 5.68
CA LYS E 107 -52.27 -13.37 5.29
C LYS E 107 -53.12 -14.64 5.47
N GLU E 108 -52.56 -15.80 5.15
CA GLU E 108 -53.22 -17.08 5.40
C GLU E 108 -53.41 -17.33 6.89
N ASN E 109 -52.37 -17.06 7.69
CA ASN E 109 -52.46 -17.17 9.13
C ASN E 109 -53.48 -16.21 9.76
N ARG E 110 -53.39 -14.91 9.46
CA ARG E 110 -54.34 -13.93 10.03
C ARG E 110 -55.77 -14.31 9.66
N GLU E 111 -55.99 -14.63 8.39
CA GLU E 111 -57.32 -15.02 7.93
C GLU E 111 -57.79 -16.29 8.64
N ALA E 112 -56.91 -17.28 8.81
CA ALA E 112 -57.26 -18.50 9.58
C ALA E 112 -57.64 -18.22 11.05
N HIS E 113 -56.97 -17.26 11.70
CA HIS E 113 -57.31 -16.84 13.06
C HIS E 113 -58.72 -16.23 13.08
N LEU E 114 -58.96 -15.20 12.26
CA LEU E 114 -60.30 -14.57 12.17
C LEU E 114 -61.40 -15.54 11.71
N ALA E 115 -61.08 -16.49 10.82
CA ALA E 115 -62.08 -17.48 10.37
C ALA E 115 -62.54 -18.38 11.51
N ALA E 116 -61.60 -18.72 12.40
CA ALA E 116 -61.92 -19.54 13.57
C ALA E 116 -62.71 -18.77 14.60
N MET E 117 -62.39 -17.48 14.80
CA MET E 117 -63.11 -16.61 15.73
C MET E 117 -64.57 -16.49 15.31
N LEU E 118 -64.78 -16.17 14.03
CA LEU E 118 -66.14 -16.05 13.46
C LEU E 118 -66.89 -17.38 13.45
N GLU E 119 -66.19 -18.49 13.24
CA GLU E 119 -66.80 -19.83 13.26
C GLU E 119 -67.19 -20.28 14.68
N ARG E 120 -66.52 -19.77 15.71
CA ARG E 120 -66.94 -19.98 17.11
C ARG E 120 -68.13 -19.09 17.45
N LEU E 121 -68.19 -17.88 16.89
CA LEU E 121 -69.33 -16.99 17.11
C LEU E 121 -70.57 -17.53 16.38
N GLN E 122 -70.44 -17.99 15.14
CA GLN E 122 -71.57 -18.60 14.38
C GLN E 122 -72.07 -19.93 14.99
N GLU E 123 -71.23 -20.57 15.79
CA GLU E 123 -71.58 -21.74 16.60
C GLU E 123 -72.43 -21.39 17.83
N LYS E 124 -72.29 -20.16 18.35
CA LYS E 124 -73.20 -19.62 19.37
C LYS E 124 -74.59 -19.29 18.83
N ASP E 125 -74.68 -18.55 17.71
CA ASP E 125 -75.97 -18.29 17.03
C ASP E 125 -76.76 -19.58 16.87
N LYS E 126 -76.07 -20.64 16.48
CA LYS E 126 -76.68 -21.93 16.24
C LYS E 126 -77.01 -22.70 17.54
N HIS E 127 -76.40 -22.34 18.65
CA HIS E 127 -76.81 -22.84 19.99
C HIS E 127 -77.97 -22.02 20.57
N ALA E 128 -78.02 -20.73 20.26
CA ALA E 128 -79.16 -19.86 20.61
C ALA E 128 -80.44 -20.27 19.87
N GLU E 129 -80.28 -20.85 18.67
CA GLU E 129 -81.40 -21.41 17.91
C GLU E 129 -81.98 -22.67 18.61
N GLU E 130 -81.11 -23.46 19.25
CA GLU E 130 -81.55 -24.65 20.00
C GLU E 130 -82.28 -24.31 21.32
N VAL E 131 -81.86 -23.24 21.98
CA VAL E 131 -82.49 -22.80 23.24
C VAL E 131 -83.84 -22.10 22.94
N ARG E 132 -83.90 -21.27 21.90
CA ARG E 132 -85.17 -20.67 21.44
C ARG E 132 -86.17 -21.71 20.89
N LYS E 133 -85.67 -22.83 20.36
CA LYS E 133 -86.54 -23.95 19.94
C LYS E 133 -86.74 -25.01 21.04
N ASN E 134 -86.22 -24.76 22.24
CA ASN E 134 -86.62 -25.55 23.42
C ASN E 134 -87.71 -24.90 24.30
N LYS E 135 -87.88 -23.59 24.20
CA LYS E 135 -89.01 -22.90 24.84
C LYS E 135 -90.28 -23.06 23.99
N GLU E 136 -90.16 -22.83 22.67
CA GLU E 136 -91.29 -22.96 21.73
C GLU E 136 -91.82 -24.39 21.55
N LEU E 137 -90.94 -25.39 21.69
CA LEU E 137 -91.32 -26.80 21.57
C LEU E 137 -91.17 -27.51 22.92
N LYS E 138 -91.72 -26.90 23.97
CA LYS E 138 -91.87 -27.56 25.28
C LYS E 138 -93.05 -26.90 26.04
N GLU E 139 -94.15 -26.70 25.33
CA GLU E 139 -95.33 -25.99 25.85
C GLU E 139 -96.61 -26.52 25.20
N MET F 1 42.03 4.67 5.64
CA MET F 1 41.45 3.31 5.95
C MET F 1 41.69 2.38 4.75
N TYR F 2 42.86 1.75 4.78
CA TYR F 2 43.33 0.95 3.65
C TYR F 2 42.70 -0.44 3.72
N THR F 3 42.59 -1.09 2.56
CA THR F 3 41.98 -2.42 2.47
C THR F 3 42.91 -3.46 1.84
N PHE F 4 42.74 -4.71 2.26
CA PHE F 4 43.54 -5.82 1.73
C PHE F 4 42.75 -7.12 1.60
N VAL F 5 43.31 -8.07 0.86
CA VAL F 5 42.73 -9.39 0.63
C VAL F 5 43.81 -10.44 0.83
N VAL F 6 43.43 -11.60 1.34
CA VAL F 6 44.36 -12.69 1.64
C VAL F 6 44.01 -13.87 0.75
N ARG F 7 45.00 -14.42 0.03
CA ARG F 7 44.78 -15.51 -0.94
C ARG F 7 45.76 -16.71 -0.83
N ASP F 8 46.73 -16.65 0.09
CA ASP F 8 47.56 -17.81 0.48
C ASP F 8 47.29 -18.06 1.96
N GLU F 9 46.60 -19.17 2.24
CA GLU F 9 46.28 -19.56 3.62
C GLU F 9 47.47 -20.20 4.36
N ASN F 10 48.43 -20.73 3.60
CA ASN F 10 49.61 -21.37 4.19
C ASN F 10 50.74 -20.44 4.60
N SER F 11 50.73 -19.19 4.14
CA SER F 11 51.81 -18.28 4.48
C SER F 11 51.80 -17.97 5.98
N SER F 12 52.73 -18.59 6.72
CA SER F 12 52.97 -18.24 8.13
C SER F 12 53.38 -16.77 8.31
N VAL F 13 54.16 -16.26 7.36
CA VAL F 13 54.62 -14.88 7.38
C VAL F 13 53.43 -13.95 7.20
N TYR F 14 52.70 -14.15 6.10
CA TYR F 14 51.62 -13.21 5.74
C TYR F 14 50.29 -13.50 6.48
N ALA F 15 50.23 -14.59 7.24
CA ALA F 15 49.25 -14.73 8.34
C ALA F 15 49.52 -13.70 9.45
N GLU F 16 50.81 -13.53 9.80
CA GLU F 16 51.23 -12.55 10.80
C GLU F 16 51.16 -11.09 10.30
N VAL F 17 51.53 -10.86 9.04
CA VAL F 17 51.37 -9.51 8.46
C VAL F 17 49.89 -9.15 8.41
N SER F 18 49.05 -10.13 8.07
CA SER F 18 47.59 -9.93 8.09
C SER F 18 47.05 -9.54 9.48
N ARG F 19 47.49 -10.27 10.51
CA ARG F 19 47.11 -10.02 11.90
C ARG F 19 47.62 -8.66 12.40
N LEU F 20 48.88 -8.34 12.12
CA LEU F 20 49.47 -7.04 12.53
C LEU F 20 48.74 -5.86 11.88
N LEU F 21 48.29 -6.05 10.64
CA LEU F 21 47.59 -5.01 9.87
C LEU F 21 46.22 -4.68 10.48
N LEU F 22 45.42 -5.73 10.73
CA LEU F 22 44.09 -5.56 11.38
C LEU F 22 44.20 -4.83 12.71
N ALA F 23 45.07 -5.32 13.60
CA ALA F 23 45.31 -4.69 14.92
C ALA F 23 46.07 -3.36 14.81
N THR F 24 45.40 -2.39 14.18
CA THR F 24 45.94 -1.04 13.91
C THR F 24 44.81 -0.03 13.96
N GLY F 25 43.71 -0.36 13.29
CA GLY F 25 42.51 0.48 13.21
C GLY F 25 42.37 1.04 11.80
N GLN F 26 43.49 1.13 11.06
CA GLN F 26 43.55 1.74 9.73
C GLN F 26 43.55 0.76 8.55
N TRP F 27 43.49 -0.56 8.80
CA TRP F 27 43.48 -1.59 7.72
C TRP F 27 42.31 -2.56 7.86
N LYS F 28 41.36 -2.50 6.95
CA LYS F 28 40.24 -3.46 6.93
C LYS F 28 40.52 -4.58 5.93
N ARG F 29 40.13 -5.79 6.30
CA ARG F 29 40.24 -6.94 5.41
C ARG F 29 38.94 -7.18 4.66
N LEU F 30 39.04 -7.73 3.46
CA LEU F 30 37.90 -8.00 2.57
C LEU F 30 37.86 -9.48 2.20
N ARG F 31 36.84 -9.85 1.43
CA ARG F 31 36.68 -11.24 0.95
C ARG F 31 37.58 -11.43 -0.25
N LYS F 32 38.05 -12.65 -0.47
CA LYS F 32 39.13 -12.86 -1.45
C LYS F 32 38.85 -12.47 -2.93
N ASP F 33 37.57 -12.41 -3.34
CA ASP F 33 37.19 -12.03 -4.72
C ASP F 33 36.60 -10.61 -4.90
N ASN F 34 36.78 -9.75 -3.90
CA ASN F 34 36.51 -8.32 -4.00
C ASN F 34 37.68 -7.65 -4.77
N PRO F 35 37.39 -6.88 -5.83
CA PRO F 35 38.48 -6.20 -6.56
C PRO F 35 39.05 -4.95 -5.85
N ARG F 36 38.30 -4.42 -4.89
CA ARG F 36 38.56 -3.09 -4.36
C ARG F 36 39.45 -3.16 -3.13
N PHE F 37 40.71 -3.50 -3.38
CA PHE F 37 41.74 -3.59 -2.33
C PHE F 37 42.88 -2.64 -2.68
N ASN F 38 43.56 -2.14 -1.65
CA ASN F 38 44.87 -1.53 -1.83
C ASN F 38 45.96 -2.59 -1.89
N LEU F 39 45.93 -3.52 -0.95
CA LEU F 39 46.98 -4.53 -0.82
C LEU F 39 46.48 -5.93 -1.16
N MET F 40 47.14 -6.62 -2.07
CA MET F 40 46.88 -8.06 -2.26
C MET F 40 47.96 -8.82 -1.49
N LEU F 41 47.57 -9.88 -0.79
CA LEU F 41 48.53 -10.78 -0.15
C LEU F 41 48.29 -12.12 -0.84
N GLY F 42 48.95 -12.32 -1.96
CA GLY F 42 48.45 -13.19 -3.01
C GLY F 42 48.86 -14.62 -2.86
N GLU F 43 48.65 -15.36 -3.94
CA GLU F 43 48.81 -16.80 -3.97
C GLU F 43 50.14 -17.19 -4.57
N ARG F 44 50.61 -18.38 -4.21
CA ARG F 44 51.87 -18.90 -4.72
C ARG F 44 51.76 -19.28 -6.20
N ASN F 45 50.64 -19.89 -6.60
CA ASN F 45 50.44 -20.33 -8.00
C ASN F 45 49.37 -19.56 -8.74
N ARG F 46 49.71 -19.13 -9.96
CA ARG F 46 48.80 -18.45 -10.88
C ARG F 46 48.25 -17.12 -10.37
N LEU F 47 49.07 -16.34 -9.67
CA LEU F 47 48.67 -15.00 -9.18
C LEU F 47 48.33 -14.16 -10.43
N PRO F 48 47.07 -13.63 -10.50
CA PRO F 48 46.59 -12.89 -11.68
C PRO F 48 47.11 -11.44 -11.75
N PHE F 49 48.39 -11.33 -12.08
CA PHE F 49 49.09 -10.04 -12.15
C PHE F 49 48.46 -9.07 -13.18
N GLY F 50 47.80 -9.61 -14.21
CA GLY F 50 47.14 -8.82 -15.24
C GLY F 50 45.79 -8.21 -14.89
N ARG F 51 45.30 -8.46 -13.67
CA ARG F 51 44.11 -7.81 -13.14
C ARG F 51 44.41 -6.69 -12.14
N LEU F 52 45.66 -6.55 -11.72
CA LEU F 52 46.03 -5.53 -10.73
C LEU F 52 46.19 -4.18 -11.43
N GLY F 53 45.99 -3.10 -10.67
CA GLY F 53 46.18 -1.73 -11.17
C GLY F 53 45.23 -1.26 -12.24
N HIS F 54 44.00 -1.77 -12.23
CA HIS F 54 42.94 -1.34 -13.16
C HIS F 54 41.67 -0.94 -12.42
N GLU F 55 41.81 -0.56 -11.15
CA GLU F 55 40.68 -0.09 -10.36
C GLU F 55 40.85 1.39 -10.12
N PRO F 56 40.02 2.18 -10.79
CA PRO F 56 40.21 3.61 -10.60
C PRO F 56 39.95 4.02 -9.16
N GLY F 57 40.79 4.92 -8.65
CA GLY F 57 40.65 5.42 -7.29
C GLY F 57 41.47 4.66 -6.26
N LEU F 58 41.96 3.46 -6.60
CA LEU F 58 42.83 2.69 -5.71
C LEU F 58 44.24 2.57 -6.25
N VAL F 59 45.22 2.79 -5.37
CA VAL F 59 46.60 2.41 -5.62
C VAL F 59 46.67 0.94 -5.21
N GLN F 60 47.27 0.08 -6.02
CA GLN F 60 47.37 -1.35 -5.68
C GLN F 60 48.79 -1.90 -5.56
N LEU F 61 49.01 -2.66 -4.48
CA LEU F 61 50.30 -3.21 -4.08
C LEU F 61 50.12 -4.71 -3.92
N VAL F 62 51.13 -5.48 -4.29
CA VAL F 62 51.08 -6.95 -4.14
C VAL F 62 52.40 -7.49 -3.59
N ASN F 63 52.34 -8.62 -2.87
CA ASN F 63 53.49 -9.17 -2.14
C ASN F 63 54.28 -10.21 -2.95
N TYR F 64 54.20 -10.11 -4.28
CA TYR F 64 55.02 -10.88 -5.21
C TYR F 64 55.46 -10.01 -6.37
N TYR F 65 56.68 -10.26 -6.85
CA TYR F 65 57.28 -9.63 -8.03
C TYR F 65 57.12 -10.60 -9.21
N ARG F 66 56.20 -10.28 -10.11
CA ARG F 66 56.01 -11.06 -11.33
C ARG F 66 57.32 -11.22 -12.10
N GLY F 67 57.67 -12.47 -12.43
CA GLY F 67 58.95 -12.81 -13.03
C GLY F 67 60.03 -13.28 -12.06
N ALA F 68 59.84 -13.03 -10.76
CA ALA F 68 60.81 -13.44 -9.73
C ALA F 68 61.02 -14.96 -9.61
N ASP F 69 60.09 -15.73 -10.15
CA ASP F 69 60.28 -17.16 -10.34
C ASP F 69 61.55 -17.55 -11.10
N LYS F 70 62.08 -16.67 -11.96
CA LYS F 70 63.33 -16.95 -12.70
C LYS F 70 64.56 -17.03 -11.80
N LEU F 71 64.42 -16.60 -10.54
CA LEU F 71 65.45 -16.72 -9.52
C LEU F 71 65.16 -17.88 -8.56
N CYS F 72 63.89 -18.29 -8.45
CA CYS F 72 63.44 -19.26 -7.43
C CYS F 72 63.25 -20.73 -7.87
N ARG F 73 62.96 -20.99 -9.14
CA ARG F 73 63.04 -22.36 -9.67
C ARG F 73 64.51 -22.66 -9.96
N LYS F 74 64.96 -23.86 -9.63
CA LYS F 74 66.38 -24.18 -9.72
C LYS F 74 66.86 -24.22 -11.16
N ALA F 75 66.05 -24.83 -12.03
CA ALA F 75 66.40 -24.96 -13.44
C ALA F 75 66.64 -23.61 -14.10
N SER F 76 65.76 -22.66 -13.83
CA SER F 76 65.86 -21.31 -14.41
C SER F 76 66.97 -20.44 -13.79
N LEU F 77 67.22 -20.59 -12.47
CA LEU F 77 68.35 -19.92 -11.80
C LEU F 77 69.72 -20.30 -12.40
N VAL F 78 69.88 -21.58 -12.76
CA VAL F 78 71.08 -22.07 -13.43
C VAL F 78 71.19 -21.46 -14.82
N LYS F 79 70.06 -21.37 -15.50
CA LYS F 79 69.99 -20.74 -16.83
C LYS F 79 70.26 -19.22 -16.77
N LEU F 80 69.71 -18.55 -15.76
CA LEU F 80 69.96 -17.12 -15.57
C LEU F 80 71.43 -16.83 -15.32
N ILE F 81 72.06 -17.61 -14.46
CA ILE F 81 73.47 -17.41 -14.16
C ILE F 81 74.36 -17.65 -15.39
N LYS F 82 74.27 -18.82 -16.01
CA LYS F 82 75.04 -19.11 -17.23
C LYS F 82 74.90 -18.06 -18.35
N THR F 83 73.70 -17.47 -18.52
CA THR F 83 73.39 -16.59 -19.66
C THR F 83 73.54 -15.08 -19.45
N SER F 84 73.42 -14.61 -18.20
CA SER F 84 73.48 -13.17 -17.91
C SER F 84 74.93 -12.71 -17.77
N PRO F 85 75.38 -11.73 -18.59
CA PRO F 85 76.77 -11.23 -18.49
C PRO F 85 77.26 -10.70 -17.11
N GLU F 86 76.34 -10.14 -16.31
CA GLU F 86 76.66 -9.53 -14.99
C GLU F 86 76.85 -10.56 -13.87
N LEU F 87 76.48 -11.80 -14.13
CA LEU F 87 76.90 -12.96 -13.34
C LEU F 87 77.20 -14.06 -14.33
N SER F 88 78.41 -14.10 -14.85
CA SER F 88 78.71 -14.95 -16.01
C SER F 88 78.85 -16.44 -15.70
N GLU F 89 79.08 -17.24 -16.74
CA GLU F 89 79.53 -18.65 -16.59
C GLU F 89 80.75 -18.84 -15.64
N SER F 90 81.62 -17.82 -15.56
CA SER F 90 82.72 -17.76 -14.58
C SER F 90 82.26 -16.95 -13.36
N CYS F 91 81.25 -17.47 -12.67
CA CYS F 91 80.70 -16.87 -11.47
C CYS F 91 81.27 -17.66 -10.30
N THR F 92 81.99 -16.96 -9.43
CA THR F 92 82.84 -17.58 -8.41
C THR F 92 82.10 -18.16 -7.21
N TRP F 93 80.84 -17.74 -7.02
CA TRP F 93 80.05 -18.07 -5.82
C TRP F 93 78.91 -19.03 -6.09
N PHE F 94 78.74 -19.49 -7.33
CA PHE F 94 77.67 -20.44 -7.64
C PHE F 94 78.28 -21.78 -7.98
N PRO F 95 77.78 -22.86 -7.35
CA PRO F 95 78.30 -24.16 -7.68
C PRO F 95 78.10 -24.46 -9.14
N GLU F 96 79.18 -24.88 -9.79
CA GLU F 96 79.13 -25.42 -11.14
C GLU F 96 77.88 -26.31 -11.27
N SER F 97 76.97 -25.92 -12.16
CA SER F 97 75.68 -26.58 -12.28
C SER F 97 75.33 -26.80 -13.75
N TYR F 98 74.62 -27.90 -14.03
CA TYR F 98 74.21 -28.28 -15.39
C TYR F 98 72.73 -28.71 -15.39
N VAL F 99 72.05 -28.53 -16.53
CA VAL F 99 70.64 -28.93 -16.71
C VAL F 99 70.52 -29.98 -17.82
N ILE F 100 70.00 -31.16 -17.48
CA ILE F 100 69.46 -32.12 -18.47
C ILE F 100 68.09 -32.60 -17.92
N TYR F 101 67.16 -32.91 -18.82
CA TYR F 101 65.75 -33.13 -18.49
C TYR F 101 65.37 -34.62 -18.24
N PRO F 102 64.26 -34.88 -17.49
CA PRO F 102 63.76 -36.27 -17.35
C PRO F 102 63.16 -36.84 -18.64
N GLY F 144 88.50 -35.39 -6.89
CA GLY F 144 87.32 -34.89 -6.19
C GLY F 144 86.20 -34.60 -7.18
N ASN F 145 85.34 -35.59 -7.41
CA ASN F 145 84.31 -35.51 -8.45
C ASN F 145 82.93 -36.01 -7.97
N VAL F 146 82.48 -35.46 -6.83
CA VAL F 146 81.16 -35.77 -6.25
C VAL F 146 80.10 -34.69 -6.59
N TRP F 147 78.90 -35.13 -6.94
CA TRP F 147 77.81 -34.24 -7.39
C TRP F 147 76.51 -34.50 -6.63
N ILE F 148 75.54 -33.61 -6.85
CA ILE F 148 74.18 -33.71 -6.30
C ILE F 148 73.17 -33.40 -7.39
N ALA F 149 71.99 -34.03 -7.29
CA ALA F 149 70.90 -33.88 -8.26
C ALA F 149 69.57 -33.56 -7.55
N LYS F 150 68.81 -32.61 -8.10
CA LYS F 150 67.60 -32.08 -7.43
C LYS F 150 66.65 -31.27 -8.33
N SER F 151 65.48 -30.95 -7.77
CA SER F 151 64.57 -29.91 -8.31
C SER F 151 63.62 -29.42 -7.21
N GLY F 159 63.27 -36.74 -2.74
CA GLY F 159 64.24 -37.59 -3.41
C GLY F 159 65.42 -36.81 -3.95
N ILE F 160 66.61 -37.08 -3.40
CA ILE F 160 67.89 -36.41 -3.75
C ILE F 160 69.00 -37.47 -3.90
N LEU F 161 69.88 -37.29 -4.88
CA LEU F 161 70.91 -38.28 -5.24
C LEU F 161 72.31 -37.65 -5.16
N ILE F 162 73.13 -38.12 -4.23
CA ILE F 162 74.54 -37.68 -4.09
C ILE F 162 75.43 -38.90 -4.37
N SER F 163 76.25 -38.82 -5.43
CA SER F 163 77.00 -39.98 -5.96
C SER F 163 78.04 -39.55 -7.01
N SER F 164 78.46 -40.48 -7.88
CA SER F 164 79.29 -40.17 -9.06
C SER F 164 78.84 -40.92 -10.36
N GLU F 165 77.58 -41.41 -10.38
CA GLU F 165 77.09 -42.36 -11.39
C GLU F 165 75.73 -41.95 -12.02
N ALA F 166 74.68 -41.88 -11.19
CA ALA F 166 73.31 -41.52 -11.59
C ALA F 166 72.68 -42.44 -12.64
N HIS F 180 65.52 -31.57 -14.34
CA HIS F 180 66.36 -31.53 -13.13
C HIS F 180 67.72 -30.83 -13.34
N VAL F 181 68.42 -30.58 -12.23
CA VAL F 181 69.76 -29.97 -12.24
C VAL F 181 70.77 -30.87 -11.54
N ILE F 182 71.94 -31.03 -12.14
CA ILE F 182 73.08 -31.62 -11.48
C ILE F 182 73.98 -30.46 -11.04
N GLN F 183 74.58 -30.60 -9.86
CA GLN F 183 75.37 -29.54 -9.25
C GLN F 183 76.58 -30.16 -8.56
N LYS F 184 77.72 -29.47 -8.61
CA LYS F 184 78.94 -29.91 -7.91
C LYS F 184 78.60 -29.96 -6.42
N TYR F 185 79.09 -30.98 -5.74
CA TYR F 185 78.85 -31.11 -4.31
C TYR F 185 80.06 -30.54 -3.58
N LEU F 186 79.80 -29.74 -2.55
CA LEU F 186 80.88 -29.11 -1.76
C LEU F 186 81.45 -30.12 -0.75
N GLU F 187 82.45 -30.86 -1.24
CA GLU F 187 83.08 -31.97 -0.54
C GLU F 187 83.70 -31.57 0.80
N LYS F 188 84.34 -30.40 0.86
CA LYS F 188 84.97 -29.93 2.09
C LYS F 188 84.29 -28.66 2.65
N PRO F 189 83.13 -28.83 3.29
CA PRO F 189 82.42 -27.69 3.86
C PRO F 189 82.97 -27.30 5.23
N LEU F 190 82.49 -26.17 5.76
CA LEU F 190 82.85 -25.72 7.09
C LEU F 190 82.07 -26.53 8.10
N LEU F 191 82.75 -26.92 9.18
CA LEU F 191 82.18 -27.80 10.21
C LEU F 191 82.28 -27.16 11.58
N LEU F 192 81.16 -27.17 12.30
CA LEU F 192 81.07 -26.59 13.63
C LEU F 192 81.54 -27.58 14.70
N GLU F 193 82.48 -27.15 15.53
CA GLU F 193 82.92 -27.93 16.70
C GLU F 193 82.35 -27.30 18.01
N PRO F 194 82.28 -28.09 19.10
CA PRO F 194 82.31 -29.55 19.13
C PRO F 194 81.06 -30.12 18.45
N GLY F 195 81.26 -31.11 17.56
CA GLY F 195 80.19 -31.67 16.73
C GLY F 195 80.65 -32.31 15.42
N HIS F 196 81.61 -31.69 14.74
CA HIS F 196 82.08 -32.08 13.39
C HIS F 196 81.00 -32.17 12.29
N ARG F 197 80.15 -31.13 12.23
CA ARG F 197 78.85 -31.19 11.52
C ARG F 197 78.52 -30.03 10.52
N LYS F 198 77.79 -30.39 9.45
CA LYS F 198 77.39 -29.47 8.40
C LYS F 198 76.25 -28.52 8.82
N PHE F 199 76.16 -27.38 8.11
CA PHE F 199 75.05 -26.42 8.24
C PHE F 199 74.82 -25.70 6.90
N ASP F 200 73.68 -25.00 6.82
CA ASP F 200 73.44 -24.00 5.78
C ASP F 200 72.88 -22.70 6.40
N ILE F 201 73.24 -21.56 5.81
CA ILE F 201 72.75 -20.25 6.26
C ILE F 201 71.55 -19.83 5.41
N ARG F 202 70.58 -19.18 6.07
CA ARG F 202 69.38 -18.66 5.45
C ARG F 202 69.32 -17.20 5.80
N SER F 203 69.38 -16.36 4.76
CA SER F 203 69.22 -14.91 4.86
C SER F 203 67.86 -14.53 4.30
N TRP F 204 67.13 -13.67 5.02
CA TRP F 204 65.87 -13.08 4.54
C TRP F 204 66.06 -11.67 3.98
N VAL F 205 65.52 -11.45 2.79
CA VAL F 205 65.71 -10.21 2.05
C VAL F 205 64.34 -9.71 1.60
N LEU F 206 64.13 -8.40 1.71
CA LEU F 206 62.86 -7.79 1.35
C LEU F 206 63.08 -6.69 0.30
N VAL F 207 62.63 -6.89 -0.93
CA VAL F 207 62.69 -5.85 -1.97
C VAL F 207 61.37 -5.08 -1.97
N ASP F 208 61.43 -3.76 -1.85
CA ASP F 208 60.20 -2.97 -1.78
C ASP F 208 59.77 -2.49 -3.17
N HIS F 209 58.79 -1.60 -3.20
CA HIS F 209 58.25 -1.06 -4.45
C HIS F 209 59.22 -0.18 -5.26
N LEU F 210 60.21 0.40 -4.59
CA LEU F 210 61.26 1.21 -5.23
C LEU F 210 62.48 0.42 -5.72
N TYR F 211 62.48 -0.89 -5.42
CA TYR F 211 63.59 -1.82 -5.59
C TYR F 211 64.77 -1.57 -4.65
N ASN F 212 64.50 -0.98 -3.49
CA ASN F 212 65.44 -1.04 -2.36
C ASN F 212 65.54 -2.50 -1.90
N ILE F 213 66.76 -2.98 -1.67
CA ILE F 213 67.01 -4.38 -1.29
C ILE F 213 67.39 -4.35 0.18
N TYR F 214 66.49 -4.85 1.04
CA TYR F 214 66.62 -4.81 2.51
C TYR F 214 66.98 -6.18 3.10
N LEU F 215 68.26 -6.35 3.46
CA LEU F 215 68.71 -7.56 4.14
C LEU F 215 68.28 -7.49 5.60
N TYR F 216 67.73 -8.58 6.12
CA TYR F 216 67.32 -8.63 7.53
C TYR F 216 68.49 -9.09 8.40
N ARG F 217 68.74 -8.36 9.48
CA ARG F 217 69.99 -8.51 10.24
C ARG F 217 70.16 -9.87 10.90
N GLU F 218 69.05 -10.51 11.27
CA GLU F 218 69.07 -11.87 11.82
C GLU F 218 68.95 -12.86 10.67
N GLY F 219 70.02 -13.60 10.41
CA GLY F 219 69.91 -14.82 9.62
C GLY F 219 69.82 -16.00 10.57
N VAL F 220 69.86 -17.21 10.01
CA VAL F 220 69.87 -18.42 10.81
C VAL F 220 70.69 -19.54 10.16
N LEU F 221 71.55 -20.20 10.95
CA LEU F 221 72.19 -21.45 10.53
C LEU F 221 71.23 -22.58 10.86
N ARG F 222 70.87 -23.37 9.85
CA ARG F 222 70.05 -24.56 10.02
C ARG F 222 71.00 -25.75 10.05
N THR F 223 71.34 -26.21 11.25
CA THR F 223 72.45 -27.15 11.43
C THR F 223 72.06 -28.60 11.19
N SER F 224 73.07 -29.39 10.86
CA SER F 224 73.02 -30.84 10.98
C SER F 224 73.44 -31.17 12.42
N SER F 225 73.00 -32.33 12.89
CA SER F 225 73.37 -32.84 14.23
C SER F 225 73.95 -34.29 14.20
N GLU F 226 74.59 -34.64 13.08
CA GLU F 226 75.34 -35.91 12.92
C GLU F 226 76.67 -35.62 12.22
N PRO F 227 77.81 -36.11 12.77
CA PRO F 227 79.12 -35.86 12.15
C PRO F 227 79.15 -36.13 10.63
N TYR F 228 79.80 -35.26 9.88
CA TYR F 228 79.82 -35.34 8.42
C TYR F 228 80.75 -36.47 7.95
N ASN F 229 80.36 -37.18 6.89
CA ASN F 229 81.05 -38.39 6.43
C ASN F 229 81.47 -38.36 4.94
N SER F 230 82.77 -38.53 4.66
CA SER F 230 83.29 -38.54 3.28
C SER F 230 82.88 -39.81 2.52
N ALA F 231 83.17 -40.97 3.12
CA ALA F 231 82.98 -42.28 2.49
C ALA F 231 81.51 -42.75 2.35
N ASN F 232 80.61 -42.23 3.19
CA ASN F 232 79.20 -42.68 3.25
C ASN F 232 78.18 -41.59 2.82
N PHE F 233 77.76 -41.64 1.55
CA PHE F 233 76.89 -40.60 0.94
C PHE F 233 75.38 -40.78 1.14
N GLN F 234 74.90 -42.01 1.32
CA GLN F 234 73.45 -42.27 1.44
C GLN F 234 72.80 -41.76 2.73
N ASP F 235 73.57 -41.57 3.79
CA ASP F 235 73.01 -41.16 5.09
C ASP F 235 72.70 -39.66 5.05
N LYS F 236 71.41 -39.35 5.03
CA LYS F 236 70.92 -38.01 4.69
C LYS F 236 70.89 -37.03 5.85
N THR F 237 70.84 -37.51 7.09
CA THR F 237 70.84 -36.61 8.26
C THR F 237 72.14 -35.81 8.43
N CYS F 238 73.28 -36.36 7.97
CA CYS F 238 74.59 -35.70 8.08
C CYS F 238 74.98 -34.85 6.85
N HIS F 239 74.38 -35.15 5.68
CA HIS F 239 74.63 -34.41 4.40
C HIS F 239 73.59 -33.33 4.06
N LEU F 240 72.32 -33.53 4.40
CA LEU F 240 71.22 -32.58 4.10
C LEU F 240 70.70 -31.88 5.36
N THR F 241 70.90 -30.57 5.44
CA THR F 241 70.75 -29.82 6.70
C THR F 241 69.40 -29.08 6.82
N ASN F 242 68.36 -29.64 6.20
CA ASN F 242 67.03 -29.00 6.18
C ASN F 242 66.29 -29.21 7.49
N HIS F 243 65.55 -28.18 7.88
CA HIS F 243 64.84 -28.17 9.17
C HIS F 243 63.79 -29.29 9.30
N CYS F 244 63.22 -29.72 8.17
CA CYS F 244 62.27 -30.83 8.16
C CYS F 244 62.99 -32.18 8.29
N ILE F 245 63.99 -32.41 7.42
CA ILE F 245 64.64 -33.73 7.26
C ILE F 245 65.27 -34.28 8.56
N GLN F 246 65.61 -33.39 9.49
CA GLN F 246 66.20 -33.80 10.77
C GLN F 246 65.12 -34.39 11.70
N LYS F 247 64.01 -33.67 11.88
CA LYS F 247 62.86 -34.17 12.67
C LYS F 247 62.04 -35.20 11.87
N ASN F 252 69.42 -36.65 16.49
CA ASN F 252 69.87 -35.74 17.54
C ASN F 252 69.22 -34.34 17.42
N TYR F 253 67.96 -34.32 17.02
CA TYR F 253 67.23 -33.08 16.68
C TYR F 253 67.15 -32.10 17.85
N GLY F 254 68.22 -31.32 18.01
CA GLY F 254 68.33 -30.29 19.02
C GLY F 254 69.30 -30.57 20.15
N ARG F 255 70.35 -31.35 19.86
CA ARG F 255 71.38 -31.68 20.85
C ARG F 255 72.22 -30.45 21.22
N TYR F 256 72.81 -29.81 20.21
CA TYR F 256 73.75 -28.72 20.42
C TYR F 256 73.07 -27.36 20.53
N GLU F 257 71.98 -27.21 19.79
CA GLU F 257 71.16 -25.99 19.80
C GLU F 257 69.69 -26.32 19.53
N GLU F 258 68.82 -25.48 20.08
CA GLU F 258 67.36 -25.71 20.08
C GLU F 258 66.77 -25.78 18.66
N GLY F 259 66.28 -26.96 18.28
CA GLY F 259 65.65 -27.17 16.97
C GLY F 259 66.57 -27.15 15.77
N ASN F 260 67.88 -27.30 16.01
CA ASN F 260 68.93 -27.11 14.99
C ASN F 260 68.93 -25.68 14.39
N GLU F 261 69.07 -24.70 15.27
CA GLU F 261 69.13 -23.31 14.90
C GLU F 261 70.15 -22.55 15.75
N MET F 262 71.16 -22.01 15.07
CA MET F 262 72.11 -21.12 15.68
C MET F 262 71.92 -19.78 14.99
N PHE F 263 71.61 -18.77 15.78
CA PHE F 263 71.46 -17.40 15.29
C PHE F 263 72.83 -16.72 15.20
N PHE F 264 72.85 -15.45 14.84
CA PHE F 264 74.07 -14.79 14.42
C PHE F 264 74.97 -14.39 15.59
N GLU F 265 74.40 -13.92 16.70
CA GLU F 265 75.24 -13.52 17.86
C GLU F 265 76.10 -14.71 18.31
N GLU F 266 75.52 -15.90 18.29
CA GLU F 266 76.21 -17.11 18.70
C GLU F 266 77.26 -17.56 17.68
N PHE F 267 76.84 -17.70 16.43
CA PHE F 267 77.75 -18.09 15.35
C PHE F 267 78.96 -17.12 15.15
N ASN F 268 78.74 -15.84 15.46
CA ASN F 268 79.82 -14.84 15.46
C ASN F 268 80.87 -15.18 16.52
N GLN F 269 80.40 -15.41 17.75
CA GLN F 269 81.29 -15.77 18.85
C GLN F 269 82.06 -17.06 18.56
N TYR F 270 81.39 -18.04 17.97
CA TYR F 270 82.06 -19.27 17.59
C TYR F 270 83.22 -19.02 16.64
N LEU F 271 82.98 -18.20 15.60
CA LEU F 271 84.02 -17.80 14.66
C LEU F 271 85.15 -17.01 15.30
N MET F 272 84.77 -16.05 16.15
CA MET F 272 85.73 -15.29 16.94
C MET F 272 86.66 -16.21 17.71
N ASP F 273 86.06 -17.12 18.48
CA ASP F 273 86.79 -18.02 19.38
C ASP F 273 87.57 -19.08 18.63
N ALA F 274 86.90 -19.78 17.71
CA ALA F 274 87.49 -20.90 17.00
C ALA F 274 88.37 -20.49 15.83
N LEU F 275 87.97 -19.47 15.08
CA LEU F 275 88.69 -19.08 13.86
C LEU F 275 89.41 -17.70 13.89
N ASN F 276 89.19 -16.91 14.94
CA ASN F 276 89.78 -15.56 15.06
C ASN F 276 89.29 -14.56 13.98
N THR F 277 88.01 -14.66 13.61
CA THR F 277 87.38 -13.73 12.66
C THR F 277 85.98 -13.37 13.14
N THR F 278 85.22 -12.66 12.31
CA THR F 278 83.83 -12.35 12.61
C THR F 278 82.96 -12.77 11.45
N LEU F 279 81.67 -12.80 11.71
CA LEU F 279 80.68 -13.20 10.72
C LEU F 279 80.55 -12.17 9.62
N GLU F 280 80.52 -10.89 10.02
CA GLU F 280 80.60 -9.75 9.10
C GLU F 280 81.69 -9.90 8.03
N ASN F 281 82.94 -10.12 8.44
CA ASN F 281 84.07 -10.11 7.49
C ASN F 281 84.23 -11.41 6.69
N SER F 282 84.19 -12.54 7.41
CA SER F 282 84.42 -13.85 6.78
C SER F 282 83.27 -14.35 5.89
N ILE F 283 82.02 -13.97 6.20
CA ILE F 283 80.80 -14.53 5.53
C ILE F 283 79.80 -13.49 4.96
N LEU F 284 79.43 -12.50 5.78
CA LEU F 284 78.35 -11.56 5.44
C LEU F 284 78.65 -10.61 4.26
N LEU F 285 79.91 -10.16 4.08
CA LEU F 285 80.24 -9.34 2.90
C LEU F 285 79.92 -10.10 1.62
N GLN F 286 80.26 -11.38 1.57
CA GLN F 286 80.01 -12.20 0.38
C GLN F 286 78.52 -12.49 0.19
N ILE F 287 77.79 -12.62 1.30
CA ILE F 287 76.33 -12.78 1.21
C ILE F 287 75.70 -11.53 0.61
N LYS F 288 76.06 -10.37 1.15
CA LYS F 288 75.54 -9.09 0.64
C LYS F 288 75.87 -8.86 -0.83
N HIS F 289 77.07 -9.25 -1.26
CA HIS F 289 77.45 -9.19 -2.68
C HIS F 289 76.61 -10.12 -3.58
N ILE F 290 76.33 -11.34 -3.12
CA ILE F 290 75.56 -12.29 -3.93
C ILE F 290 74.09 -11.87 -4.05
N ILE F 291 73.51 -11.38 -2.95
CA ILE F 291 72.10 -10.93 -2.96
C ILE F 291 71.97 -9.75 -3.90
N ARG F 292 72.81 -8.74 -3.71
CA ARG F 292 72.80 -7.53 -4.55
C ARG F 292 73.07 -7.84 -6.02
N SER F 293 73.96 -8.81 -6.30
CA SER F 293 74.25 -9.23 -7.69
C SER F 293 73.08 -9.96 -8.36
N CYS F 294 72.40 -10.85 -7.61
CA CYS F 294 71.24 -11.60 -8.16
C CYS F 294 70.02 -10.74 -8.46
N LEU F 295 69.72 -9.81 -7.57
CA LEU F 295 68.55 -8.96 -7.72
C LEU F 295 68.76 -7.81 -8.69
N MET F 296 69.95 -7.20 -8.72
CA MET F 296 70.22 -6.15 -9.71
CA MET F 296 70.28 -6.16 -9.71
C MET F 296 70.26 -6.75 -11.13
N CYS F 297 70.63 -8.01 -11.25
CA CYS F 297 70.56 -8.70 -12.53
C CYS F 297 69.15 -8.72 -13.14
N ILE F 298 68.16 -9.19 -12.38
CA ILE F 298 66.78 -9.24 -12.85
C ILE F 298 65.98 -7.94 -12.72
N GLU F 299 66.54 -6.89 -12.10
CA GLU F 299 65.78 -5.67 -11.88
C GLU F 299 65.04 -5.18 -13.15
N PRO F 300 65.76 -5.01 -14.28
CA PRO F 300 65.03 -4.57 -15.47
C PRO F 300 63.84 -5.46 -15.84
N ALA F 301 63.95 -6.78 -15.61
CA ALA F 301 62.87 -7.71 -15.97
C ALA F 301 61.64 -7.73 -15.02
N ILE F 302 61.83 -7.28 -13.78
CA ILE F 302 60.76 -7.31 -12.80
C ILE F 302 60.41 -5.99 -12.14
N SER F 303 61.25 -4.95 -12.21
CA SER F 303 60.92 -3.67 -11.54
C SER F 303 59.51 -3.20 -11.89
N THR F 304 58.82 -2.66 -10.89
CA THR F 304 57.47 -2.11 -11.08
C THR F 304 57.45 -0.58 -10.99
N LYS F 305 58.62 0.05 -11.01
CA LYS F 305 58.74 1.51 -11.19
C LYS F 305 58.09 1.90 -12.54
N HIS F 306 57.25 2.95 -12.53
CA HIS F 306 56.48 3.38 -13.74
C HIS F 306 55.40 2.37 -14.22
N LEU F 307 54.95 1.45 -13.36
CA LEU F 307 53.97 0.45 -13.74
C LEU F 307 52.66 0.74 -13.00
N HIS F 308 51.55 0.26 -13.55
CA HIS F 308 50.20 0.58 -13.04
C HIS F 308 49.78 -0.09 -11.71
N TYR F 309 50.47 -1.16 -11.29
CA TYR F 309 50.44 -1.68 -9.90
C TYR F 309 51.89 -1.82 -9.42
N GLN F 310 52.07 -1.87 -8.10
N GLN F 310 52.07 -1.87 -8.10
CA GLN F 310 53.40 -1.99 -7.51
CA GLN F 310 53.39 -2.02 -7.49
C GLN F 310 53.56 -3.35 -6.79
C GLN F 310 53.56 -3.41 -6.84
N SER F 311 54.80 -3.84 -6.73
CA SER F 311 55.16 -5.12 -6.08
C SER F 311 56.21 -4.91 -4.99
N PHE F 312 56.05 -5.61 -3.87
CA PHE F 312 57.18 -5.95 -2.99
C PHE F 312 57.21 -7.47 -2.91
N GLN F 313 58.30 -8.01 -2.37
CA GLN F 313 58.42 -9.47 -2.12
C GLN F 313 59.51 -9.79 -1.10
N LEU F 314 59.24 -10.84 -0.31
CA LEU F 314 60.18 -11.40 0.64
C LEU F 314 60.80 -12.64 0.00
N PHE F 315 62.14 -12.71 -0.01
CA PHE F 315 62.90 -13.86 -0.52
C PHE F 315 63.72 -14.48 0.59
N GLY F 316 64.03 -15.75 0.42
CA GLY F 316 64.93 -16.46 1.32
C GLY F 316 66.11 -16.99 0.53
N PHE F 317 67.31 -16.45 0.81
CA PHE F 317 68.53 -16.95 0.17
C PHE F 317 69.17 -18.00 1.08
N ASP F 318 69.56 -19.13 0.50
CA ASP F 318 70.24 -20.21 1.25
C ASP F 318 71.69 -20.35 0.82
N PHE F 319 72.59 -20.33 1.80
CA PHE F 319 74.03 -20.32 1.53
C PHE F 319 74.75 -21.50 2.21
N MET F 320 75.92 -21.84 1.66
CA MET F 320 76.83 -22.83 2.24
C MET F 320 78.21 -22.17 2.36
N VAL F 321 78.82 -22.27 3.54
CA VAL F 321 80.19 -21.80 3.73
C VAL F 321 81.12 -23.01 3.66
N ASP F 322 82.14 -22.96 2.80
CA ASP F 322 83.16 -24.03 2.73
C ASP F 322 84.26 -23.83 3.80
N GLU F 323 85.18 -24.80 3.89
CA GLU F 323 86.24 -24.80 4.92
C GLU F 323 87.21 -23.60 4.88
N GLU F 324 87.50 -23.04 3.70
N GLU F 324 87.43 -23.06 3.67
CA GLU F 324 88.33 -21.81 3.63
CA GLU F 324 88.24 -21.85 3.46
C GLU F 324 87.48 -20.52 3.70
C GLU F 324 87.46 -20.54 3.66
N LEU F 325 86.31 -20.61 4.33
CA LEU F 325 85.37 -19.48 4.52
C LEU F 325 84.85 -18.81 3.23
N LYS F 326 84.54 -19.60 2.21
CA LYS F 326 83.97 -19.08 0.95
C LYS F 326 82.48 -19.39 0.87
N VAL F 327 81.66 -18.36 0.64
CA VAL F 327 80.20 -18.51 0.61
C VAL F 327 79.73 -18.93 -0.78
N TRP F 328 78.81 -19.89 -0.84
CA TRP F 328 78.25 -20.33 -2.10
C TRP F 328 76.73 -20.25 -2.01
N LEU F 329 76.11 -19.75 -3.07
CA LEU F 329 74.67 -19.69 -3.18
C LEU F 329 74.15 -21.07 -3.59
N ILE F 330 73.27 -21.62 -2.76
CA ILE F 330 72.63 -22.90 -3.05
C ILE F 330 71.36 -22.67 -3.82
N GLU F 331 70.44 -21.89 -3.24
CA GLU F 331 69.12 -21.68 -3.79
C GLU F 331 68.48 -20.39 -3.26
N VAL F 332 67.63 -19.79 -4.09
CA VAL F 332 66.77 -18.66 -3.71
C VAL F 332 65.33 -19.14 -3.59
N ASN F 333 64.62 -18.69 -2.56
CA ASN F 333 63.25 -19.15 -2.27
C ASN F 333 62.21 -18.03 -2.29
N GLY F 334 61.19 -18.23 -3.14
CA GLY F 334 60.13 -17.23 -3.39
C GLY F 334 59.02 -17.09 -2.37
N ALA F 335 58.81 -18.13 -1.54
CA ALA F 335 57.83 -18.11 -0.43
C ALA F 335 58.43 -18.69 0.85
N PRO F 336 59.45 -18.03 1.39
CA PRO F 336 60.11 -18.59 2.56
C PRO F 336 59.25 -18.47 3.81
N ALA F 337 59.51 -19.33 4.78
CA ALA F 337 58.96 -19.21 6.11
C ALA F 337 60.07 -18.67 6.99
N CYS F 338 59.72 -17.86 7.97
CA CYS F 338 60.69 -17.30 8.91
C CYS F 338 60.88 -18.27 10.08
N ALA F 339 61.96 -18.07 10.83
CA ALA F 339 62.25 -18.85 12.04
C ALA F 339 61.36 -18.37 13.18
N GLN F 340 61.00 -19.31 14.06
CA GLN F 340 60.01 -19.10 15.10
C GLN F 340 60.18 -17.80 15.89
N LYS F 341 61.40 -17.57 16.41
CA LYS F 341 61.72 -16.35 17.18
C LYS F 341 61.54 -15.07 16.36
N LEU F 342 61.90 -15.13 15.09
CA LEU F 342 62.08 -13.94 14.24
C LEU F 342 60.83 -13.42 13.52
N TYR F 343 59.68 -14.07 13.70
CA TYR F 343 58.40 -13.63 13.09
C TYR F 343 58.03 -12.19 13.42
N ALA F 344 57.72 -11.92 14.68
CA ALA F 344 57.31 -10.58 15.13
C ALA F 344 58.21 -9.46 14.57
N GLU F 345 59.53 -9.62 14.70
CA GLU F 345 60.47 -8.57 14.27
C GLU F 345 60.45 -8.43 12.74
N LEU F 346 60.43 -9.57 12.03
CA LEU F 346 60.38 -9.53 10.56
C LEU F 346 59.04 -9.03 9.99
N CYS F 347 57.94 -9.59 10.48
CA CYS F 347 56.62 -9.23 9.96
C CYS F 347 56.24 -7.78 10.26
N GLN F 348 56.66 -7.26 11.41
CA GLN F 348 56.53 -5.82 11.69
C GLN F 348 57.32 -4.97 10.67
N GLY F 349 58.57 -5.37 10.38
CA GLY F 349 59.43 -4.66 9.45
C GLY F 349 58.93 -4.68 8.02
N ILE F 350 58.24 -5.77 7.64
CA ILE F 350 57.55 -5.84 6.35
C ILE F 350 56.48 -4.74 6.25
N VAL F 351 55.70 -4.59 7.30
CA VAL F 351 54.66 -3.57 7.35
C VAL F 351 55.30 -2.19 7.28
N ASP F 352 56.36 -1.98 8.06
CA ASP F 352 57.04 -0.68 8.11
C ASP F 352 57.51 -0.29 6.71
N VAL F 353 58.35 -1.16 6.16
CA VAL F 353 59.19 -0.84 5.03
C VAL F 353 58.48 -1.12 3.70
N ALA F 354 57.74 -2.24 3.62
CA ALA F 354 57.12 -2.67 2.37
C ALA F 354 55.73 -2.09 2.14
N ILE F 355 54.95 -1.97 3.22
CA ILE F 355 53.52 -1.66 3.13
C ILE F 355 53.21 -0.22 3.53
N SER F 356 53.58 0.16 4.74
CA SER F 356 53.32 1.51 5.25
C SER F 356 54.11 2.61 4.52
N SER F 357 55.18 2.24 3.81
CA SER F 357 55.85 3.17 2.91
C SER F 357 54.93 3.57 1.75
N VAL F 358 54.09 2.63 1.31
CA VAL F 358 53.11 2.88 0.22
C VAL F 358 51.80 3.48 0.75
N PHE F 359 51.43 3.16 1.99
CA PHE F 359 50.15 3.58 2.61
C PHE F 359 50.37 4.14 4.02
N PRO F 360 50.81 5.41 4.14
CA PRO F 360 51.25 5.91 5.47
C PRO F 360 50.10 6.04 6.50
N LEU F 361 50.45 5.87 7.77
CA LEU F 361 49.51 5.91 8.90
C LEU F 361 49.48 7.29 9.62
N ALA F 362 48.69 7.39 10.69
CA ALA F 362 48.58 8.62 11.50
C ALA F 362 49.86 8.93 12.26
N SER F 373 66.63 1.05 12.60
CA SER F 373 65.90 0.06 11.81
C SER F 373 66.44 -1.34 12.04
N ILE F 374 65.72 -2.33 11.47
CA ILE F 374 66.06 -3.76 11.57
C ILE F 374 66.66 -4.39 10.29
N PHE F 375 66.90 -3.59 9.25
CA PHE F 375 67.46 -4.08 8.00
C PHE F 375 68.77 -3.39 7.68
N ILE F 376 69.57 -4.01 6.82
CA ILE F 376 70.69 -3.34 6.15
C ILE F 376 70.24 -3.15 4.69
N LYS F 377 70.43 -1.94 4.17
CA LYS F 377 70.11 -1.59 2.78
C LYS F 377 71.31 -1.94 1.88
N LEU F 378 71.06 -2.67 0.81
CA LEU F 378 72.12 -3.09 -0.09
C LEU F 378 72.26 -2.14 -1.29
N HIS F 379 73.29 -1.29 -1.27
CA HIS F 379 73.61 -0.38 -2.38
C HIS F 379 75.11 -0.14 -2.48
N HIS F 380 75.63 -0.07 -3.70
CA HIS F 380 77.08 0.11 -3.91
C HIS F 380 77.40 0.69 -5.30
N HIS F 381 77.53 2.03 -5.38
CA HIS F 381 77.91 2.69 -6.63
C HIS F 381 79.44 2.98 -6.67
N HIS F 382 80.22 1.92 -6.96
CA HIS F 382 81.67 2.02 -7.26
C HIS F 382 81.87 2.60 -8.67
N HIS F 383 82.68 3.65 -8.79
CA HIS F 383 82.91 4.34 -10.07
C HIS F 383 84.06 3.70 -10.86
N HIS F 384 83.73 3.17 -12.04
CA HIS F 384 84.67 2.53 -12.95
C HIS F 384 84.19 2.62 -14.40
#